data_4J5I
#
_entry.id   4J5I
#
_cell.length_a   77.010
_cell.length_b   166.680
_cell.length_c   99.720
_cell.angle_alpha   90.000
_cell.angle_beta   90.570
_cell.angle_gamma   90.000
#
_symmetry.space_group_name_H-M   'P 1 21 1'
#
loop_
_entity.id
_entity.type
_entity.pdbx_description
1 polymer 'Alpha-ketoglutarate-dependent taurine dioxygenase'
2 non-polymer 'FE (III) ION'
3 non-polymer 1,2-ETHANEDIOL
4 non-polymer 'MAGNESIUM ION'
5 water water
#
_entity_poly.entity_id   1
_entity_poly.type   'polypeptide(L)'
_entity_poly.pdbx_seq_one_letter_code
;GPGSMVQVTVTKLGAHIGARIDGVRVGGDLSPATVSAINAALLEHKVIFFSGQDHLDDAGQLEFAELLGTPTVAHPTLAE
GAEQLLPIDSRYDKANSWHTDVTFVDRIPKASLLRAVTLPSYGGTTAWASTEAAYQQLPAPLRTLADNLWAVHTNRFDYA
DSAISAEQRGYRQRFESDYYEVEHPVVRVHPETGERVLLLGHFVKSFVGLKDTESAALFRLFQDRITRLENTVRWSWKPG
DLAIWDNRATQHYAVADYDDQYRRLNRVTLAGDIPVDVYGERSRVIAGDASSYSPVDSPVALAS
;
_entity_poly.pdbx_strand_id   A,B,C,D,E,F,G,H
#
loop_
_chem_comp.id
_chem_comp.type
_chem_comp.name
_chem_comp.formula
EDO non-polymer 1,2-ETHANEDIOL 'C2 H6 O2'
FE non-polymer 'FE (III) ION' 'Fe 3'
MG non-polymer 'MAGNESIUM ION' 'Mg 2'
#
# COMPACT_ATOMS: atom_id res chain seq x y z
N GLN A 7 39.79 -16.14 -43.26
CA GLN A 7 38.83 -17.29 -43.29
C GLN A 7 37.74 -17.12 -42.22
N VAL A 8 36.51 -16.91 -42.67
CA VAL A 8 35.39 -16.61 -41.80
C VAL A 8 34.46 -17.81 -41.76
N THR A 9 34.50 -18.58 -40.68
CA THR A 9 33.61 -19.72 -40.60
C THR A 9 32.37 -19.40 -39.75
N VAL A 10 31.24 -19.84 -40.27
CA VAL A 10 29.95 -19.56 -39.70
C VAL A 10 29.36 -20.87 -39.20
N THR A 11 29.01 -20.91 -37.92
CA THR A 11 28.40 -22.09 -37.31
C THR A 11 27.01 -21.72 -36.74
N LYS A 12 25.98 -22.26 -37.39
CA LYS A 12 24.59 -22.10 -36.96
C LYS A 12 24.37 -22.50 -35.53
N LEU A 13 23.58 -21.71 -34.80
CA LEU A 13 23.20 -22.02 -33.43
C LEU A 13 21.78 -22.57 -33.33
N GLY A 14 20.92 -22.20 -34.28
CA GLY A 14 19.55 -22.69 -34.29
C GLY A 14 18.95 -22.57 -35.67
N ALA A 15 17.82 -23.23 -35.88
CA ALA A 15 17.21 -23.30 -37.21
C ALA A 15 16.90 -21.95 -37.83
N HIS A 16 16.39 -21.00 -37.05
CA HIS A 16 15.84 -19.76 -37.57
C HIS A 16 16.66 -18.51 -37.25
N ILE A 17 17.62 -18.63 -36.33
CA ILE A 17 18.37 -17.47 -35.87
C ILE A 17 19.64 -17.89 -35.11
N GLY A 18 20.71 -17.10 -35.26
CA GLY A 18 21.91 -17.26 -34.45
C GLY A 18 23.03 -18.02 -35.14
N ALA A 19 24.22 -17.44 -35.12
CA ALA A 19 25.42 -18.16 -35.56
C ALA A 19 26.64 -17.66 -34.81
N ARG A 20 27.57 -18.57 -34.53
CA ARG A 20 28.90 -18.18 -34.05
C ARG A 20 29.78 -17.88 -35.26
N ILE A 21 30.61 -16.85 -35.13
CA ILE A 21 31.67 -16.60 -36.11
C ILE A 21 33.02 -16.95 -35.48
N ASP A 22 33.86 -17.64 -36.25
CA ASP A 22 35.21 -17.99 -35.83
C ASP A 22 36.23 -17.61 -36.88
N GLY A 23 37.48 -17.46 -36.47
CA GLY A 23 38.59 -17.24 -37.41
C GLY A 23 38.93 -15.80 -37.73
N VAL A 24 38.32 -14.86 -37.03
CA VAL A 24 38.53 -13.43 -37.27
C VAL A 24 39.02 -12.74 -36.00
N ARG A 25 40.16 -12.08 -36.10
CA ARG A 25 40.59 -11.13 -35.08
C ARG A 25 39.89 -9.83 -35.46
N VAL A 26 38.86 -9.48 -34.70
CA VAL A 26 37.99 -8.37 -35.07
C VAL A 26 38.69 -7.02 -34.86
N GLY A 27 38.57 -6.14 -35.85
CA GLY A 27 39.17 -4.82 -35.79
C GLY A 27 38.91 -4.03 -37.06
N GLY A 28 39.59 -2.89 -37.18
CA GLY A 28 39.39 -1.97 -38.30
C GLY A 28 40.17 -2.30 -39.55
N ASP A 29 40.99 -3.34 -39.48
CA ASP A 29 41.93 -3.66 -40.56
C ASP A 29 41.56 -4.98 -41.28
N LEU A 30 40.28 -5.19 -41.55
CA LEU A 30 39.85 -6.42 -42.22
C LEU A 30 39.62 -6.19 -43.70
N SER A 31 39.84 -7.22 -44.50
CA SER A 31 39.66 -7.14 -45.96
C SER A 31 38.19 -7.03 -46.37
N PRO A 32 37.94 -6.44 -47.54
CA PRO A 32 36.54 -6.36 -47.99
C PRO A 32 35.86 -7.73 -48.05
N ALA A 33 36.60 -8.76 -48.45
CA ALA A 33 36.08 -10.12 -48.52
C ALA A 33 35.60 -10.60 -47.16
N THR A 34 36.42 -10.34 -46.14
CA THR A 34 36.10 -10.68 -44.77
C THR A 34 34.89 -9.88 -44.22
N VAL A 35 34.88 -8.57 -44.50
CA VAL A 35 33.78 -7.71 -44.10
C VAL A 35 32.46 -8.16 -44.72
N SER A 36 32.50 -8.49 -46.00
CA SER A 36 31.27 -8.82 -46.70
C SER A 36 30.80 -10.25 -46.34
N ALA A 37 31.72 -11.12 -45.96
CA ALA A 37 31.36 -12.43 -45.44
C ALA A 37 30.70 -12.29 -44.06
N ILE A 38 31.23 -11.40 -43.23
CA ILE A 38 30.61 -11.06 -41.95
C ILE A 38 29.22 -10.47 -42.17
N ASN A 39 29.12 -9.54 -43.11
CA ASN A 39 27.84 -8.91 -43.43
C ASN A 39 26.82 -9.92 -43.94
N ALA A 40 27.27 -10.85 -44.79
CA ALA A 40 26.40 -11.89 -45.32
C ALA A 40 25.86 -12.77 -44.19
N ALA A 41 26.73 -13.12 -43.24
CA ALA A 41 26.33 -13.97 -42.12
C ALA A 41 25.30 -13.25 -41.26
N LEU A 42 25.54 -11.97 -41.02
CA LEU A 42 24.63 -11.17 -40.24
C LEU A 42 23.25 -11.19 -40.86
N LEU A 43 23.15 -11.04 -42.18
CA LEU A 43 21.85 -10.95 -42.84
C LEU A 43 21.12 -12.28 -42.85
N GLU A 44 21.87 -13.36 -42.98
CA GLU A 44 21.31 -14.70 -43.02
C GLU A 44 20.89 -15.14 -41.62
N HIS A 45 21.74 -14.90 -40.62
CA HIS A 45 21.56 -15.46 -39.29
C HIS A 45 20.97 -14.51 -38.25
N LYS A 46 20.93 -13.21 -38.57
CA LYS A 46 20.24 -12.19 -37.79
C LYS A 46 20.98 -11.67 -36.54
N VAL A 47 21.57 -12.57 -35.77
CA VAL A 47 22.53 -12.17 -34.77
C VAL A 47 23.70 -13.14 -34.86
N ILE A 48 24.91 -12.59 -34.81
CA ILE A 48 26.13 -13.38 -34.88
C ILE A 48 27.05 -13.03 -33.72
N PHE A 49 27.86 -13.99 -33.30
CA PHE A 49 28.64 -13.90 -32.06
C PHE A 49 30.09 -14.21 -32.34
N PHE A 50 30.98 -13.29 -31.94
CA PHE A 50 32.40 -13.57 -31.97
C PHE A 50 32.82 -13.84 -30.55
N SER A 51 33.80 -14.72 -30.39
CA SER A 51 34.39 -15.02 -29.10
C SER A 51 35.91 -14.87 -29.13
N GLY A 52 36.48 -14.81 -27.93
CA GLY A 52 37.90 -14.72 -27.76
C GLY A 52 38.51 -13.42 -28.24
N GLN A 53 37.72 -12.34 -28.30
CA GLN A 53 38.20 -11.08 -28.80
C GLN A 53 38.82 -10.25 -27.66
N ASP A 54 39.75 -10.87 -26.94
CA ASP A 54 40.40 -10.27 -25.76
C ASP A 54 41.12 -8.95 -26.06
N HIS A 55 41.66 -8.84 -27.28
CA HIS A 55 42.37 -7.65 -27.74
C HIS A 55 41.47 -6.43 -28.00
N LEU A 56 40.16 -6.64 -28.07
CA LEU A 56 39.28 -5.61 -28.57
C LEU A 56 38.94 -4.57 -27.50
N ASP A 57 39.11 -3.29 -27.85
CA ASP A 57 38.73 -2.17 -26.96
C ASP A 57 37.72 -1.27 -27.68
N ASP A 58 37.35 -0.17 -27.03
CA ASP A 58 36.30 0.69 -27.56
C ASP A 58 36.67 1.22 -28.91
N ALA A 59 37.91 1.67 -29.06
CA ALA A 59 38.38 2.21 -30.33
C ALA A 59 38.34 1.15 -31.43
N GLY A 60 38.78 -0.07 -31.10
CA GLY A 60 38.76 -1.18 -32.03
C GLY A 60 37.35 -1.58 -32.44
N GLN A 61 36.44 -1.64 -31.48
CA GLN A 61 35.05 -1.94 -31.73
C GLN A 61 34.48 -0.91 -32.68
N LEU A 62 34.81 0.35 -32.46
CA LEU A 62 34.32 1.43 -33.30
C LEU A 62 34.94 1.38 -34.71
N GLU A 63 36.24 1.16 -34.78
CA GLU A 63 36.91 1.00 -36.06
C GLU A 63 36.29 -0.15 -36.87
N PHE A 64 35.97 -1.26 -36.18
CA PHE A 64 35.32 -2.41 -36.79
C PHE A 64 33.89 -2.04 -37.25
N ALA A 65 33.14 -1.36 -36.39
CA ALA A 65 31.81 -0.88 -36.74
C ALA A 65 31.83 -0.04 -38.02
N GLU A 66 32.82 0.84 -38.13
CA GLU A 66 32.95 1.71 -39.30
C GLU A 66 32.97 0.96 -40.62
N LEU A 67 33.50 -0.26 -40.61
CA LEU A 67 33.54 -1.07 -41.82
C LEU A 67 32.18 -1.65 -42.21
N LEU A 68 31.25 -1.71 -41.26
CA LEU A 68 29.93 -2.33 -41.53
C LEU A 68 28.82 -1.31 -41.74
N GLY A 69 29.08 -0.04 -41.46
CA GLY A 69 28.09 1.02 -41.64
C GLY A 69 28.55 2.34 -41.05
N THR A 70 27.60 3.24 -40.82
CA THR A 70 27.87 4.56 -40.27
C THR A 70 27.45 4.58 -38.82
N PRO A 71 28.43 4.61 -37.91
CA PRO A 71 28.08 4.70 -36.50
C PRO A 71 27.24 5.92 -36.17
N THR A 72 26.29 5.71 -35.27
CA THR A 72 25.38 6.73 -34.75
C THR A 72 26.12 7.52 -33.68
N VAL A 73 25.86 8.81 -33.47
CA VAL A 73 26.69 9.63 -32.53
C VAL A 73 26.18 11.06 -32.32
N ALA A 95 15.72 -2.79 -19.83
CA ALA A 95 15.09 -3.28 -21.05
C ALA A 95 14.84 -4.80 -20.95
N ASN A 96 14.30 -5.20 -19.80
CA ASN A 96 13.78 -6.56 -19.55
C ASN A 96 12.46 -6.80 -20.32
N SER A 97 12.49 -6.51 -21.64
CA SER A 97 11.28 -6.39 -22.45
C SER A 97 11.62 -6.51 -23.94
N TRP A 98 10.78 -7.22 -24.70
CA TRP A 98 11.05 -7.47 -26.13
C TRP A 98 10.92 -6.21 -26.96
N HIS A 99 11.99 -5.86 -27.66
CA HIS A 99 11.97 -4.66 -28.49
C HIS A 99 12.98 -4.67 -29.63
N THR A 100 12.70 -3.81 -30.58
CA THR A 100 13.62 -3.45 -31.62
C THR A 100 14.12 -2.07 -31.23
N ASP A 101 15.40 -1.79 -31.46
CA ASP A 101 15.97 -0.54 -30.97
C ASP A 101 15.43 0.67 -31.72
N VAL A 102 15.05 1.68 -30.93
CA VAL A 102 14.77 3.02 -31.44
C VAL A 102 13.82 2.99 -32.64
N THR A 103 12.67 2.37 -32.48
CA THR A 103 11.67 2.31 -33.55
C THR A 103 10.73 3.51 -33.52
N PHE A 104 10.92 4.39 -32.55
CA PHE A 104 10.12 5.63 -32.47
C PHE A 104 10.65 6.75 -33.38
N VAL A 105 11.67 6.47 -34.19
CA VAL A 105 12.13 7.40 -35.19
C VAL A 105 11.86 6.80 -36.55
N ASP A 106 11.92 7.63 -37.59
CA ASP A 106 11.81 7.14 -38.95
C ASP A 106 13.00 6.24 -39.32
N ARG A 107 14.20 6.69 -39.02
CA ARG A 107 15.44 6.02 -39.45
C ARG A 107 15.89 4.99 -38.42
N ILE A 108 15.18 3.87 -38.41
CA ILE A 108 15.45 2.83 -37.43
C ILE A 108 16.87 2.32 -37.70
N PRO A 109 17.73 2.32 -36.69
CA PRO A 109 19.10 1.85 -36.89
C PRO A 109 19.15 0.42 -37.43
N LYS A 110 20.09 0.15 -38.33
CA LYS A 110 20.11 -1.13 -39.02
C LYS A 110 20.71 -2.25 -38.21
N ALA A 111 21.59 -1.91 -37.27
CA ALA A 111 22.35 -2.92 -36.56
C ALA A 111 23.02 -2.34 -35.35
N SER A 112 23.38 -3.24 -34.43
CA SER A 112 24.17 -2.86 -33.27
C SER A 112 25.28 -3.88 -33.03
N LEU A 113 26.38 -3.40 -32.45
CA LEU A 113 27.49 -4.23 -32.01
C LEU A 113 27.60 -4.07 -30.50
N LEU A 114 27.65 -5.18 -29.79
CA LEU A 114 27.66 -5.16 -28.34
C LEU A 114 28.80 -6.04 -27.83
N ARG A 115 29.69 -5.43 -27.06
CA ARG A 115 30.89 -6.10 -26.57
C ARG A 115 30.85 -6.21 -25.04
N ALA A 116 31.21 -7.39 -24.53
CA ALA A 116 31.27 -7.61 -23.08
C ALA A 116 32.47 -6.90 -22.47
N VAL A 117 32.23 -6.18 -21.38
CA VAL A 117 33.28 -5.52 -20.63
C VAL A 117 33.37 -6.10 -19.22
N THR A 118 32.27 -6.05 -18.49
CA THR A 118 32.24 -6.53 -17.11
C THR A 118 30.96 -7.35 -16.89
N LEU A 119 31.14 -8.61 -16.50
CA LEU A 119 30.02 -9.52 -16.40
C LEU A 119 29.73 -9.96 -14.96
N PRO A 120 28.45 -10.12 -14.62
CA PRO A 120 28.08 -10.71 -13.33
C PRO A 120 28.48 -12.18 -13.27
N SER A 121 28.64 -12.69 -12.05
CA SER A 121 29.06 -14.08 -11.85
C SER A 121 27.97 -15.06 -12.28
N TYR A 122 26.71 -14.64 -12.27
CA TYR A 122 25.62 -15.43 -12.86
C TYR A 122 24.62 -14.57 -13.63
N GLY A 123 23.87 -15.20 -14.53
CA GLY A 123 22.81 -14.52 -15.28
C GLY A 123 23.34 -13.51 -16.26
N GLY A 124 22.47 -12.61 -16.70
CA GLY A 124 22.82 -11.53 -17.64
C GLY A 124 22.82 -11.97 -19.09
N THR A 125 21.97 -12.94 -19.42
CA THR A 125 21.85 -13.40 -20.80
C THR A 125 21.06 -12.38 -21.60
N THR A 126 21.24 -12.42 -22.91
CA THR A 126 20.47 -11.65 -23.85
C THR A 126 19.82 -12.61 -24.84
N ALA A 127 18.57 -12.33 -25.21
CA ALA A 127 17.87 -13.13 -26.23
C ALA A 127 17.52 -12.29 -27.45
N TRP A 128 17.51 -12.95 -28.60
CA TRP A 128 17.12 -12.33 -29.84
C TRP A 128 16.04 -13.16 -30.51
N ALA A 129 15.12 -12.50 -31.21
CA ALA A 129 14.07 -13.16 -31.96
C ALA A 129 14.11 -12.73 -33.42
N SER A 130 13.80 -13.64 -34.34
CA SER A 130 13.79 -13.32 -35.76
C SER A 130 12.41 -12.87 -36.22
N THR A 131 12.30 -11.61 -36.59
CA THR A 131 11.04 -11.06 -37.12
C THR A 131 10.86 -11.43 -38.60
N GLU A 132 11.89 -12.00 -39.20
CA GLU A 132 11.76 -12.56 -40.52
C GLU A 132 11.08 -13.95 -40.45
N ALA A 133 11.62 -14.83 -39.62
CA ALA A 133 11.10 -16.18 -39.50
C ALA A 133 9.65 -16.12 -39.02
N ALA A 134 9.37 -15.25 -38.07
CA ALA A 134 8.01 -15.10 -37.58
C ALA A 134 7.02 -14.74 -38.70
N TYR A 135 7.42 -13.86 -39.63
CA TYR A 135 6.59 -13.54 -40.78
C TYR A 135 6.37 -14.73 -41.68
N GLN A 136 7.44 -15.44 -42.03
CA GLN A 136 7.31 -16.61 -42.92
C GLN A 136 6.37 -17.64 -42.32
N GLN A 137 6.39 -17.78 -41.01
CA GLN A 137 5.58 -18.77 -40.31
C GLN A 137 4.12 -18.39 -40.23
N LEU A 138 3.79 -17.14 -40.54
CA LEU A 138 2.39 -16.74 -40.45
C LEU A 138 1.54 -17.45 -41.50
N PRO A 139 0.38 -17.97 -41.06
CA PRO A 139 -0.58 -18.42 -42.07
C PRO A 139 -1.10 -17.24 -42.91
N ALA A 140 -1.48 -17.53 -44.16
CA ALA A 140 -1.77 -16.51 -45.17
C ALA A 140 -2.69 -15.36 -44.71
N PRO A 141 -3.76 -15.68 -43.99
CA PRO A 141 -4.64 -14.59 -43.56
C PRO A 141 -3.98 -13.60 -42.60
N LEU A 142 -3.14 -14.12 -41.71
CA LEU A 142 -2.40 -13.27 -40.76
C LEU A 142 -1.24 -12.52 -41.43
N ARG A 143 -0.62 -13.11 -42.44
CA ARG A 143 0.37 -12.39 -43.27
C ARG A 143 -0.24 -11.14 -43.87
N THR A 144 -1.37 -11.33 -44.55
CA THR A 144 -2.04 -10.25 -45.24
C THR A 144 -2.47 -9.19 -44.25
N LEU A 145 -2.93 -9.60 -43.08
CA LEU A 145 -3.26 -8.66 -42.02
C LEU A 145 -2.05 -7.83 -41.67
N ALA A 146 -0.95 -8.49 -41.38
CA ALA A 146 0.28 -7.83 -41.03
C ALA A 146 0.71 -6.90 -42.15
N ASP A 147 0.56 -7.35 -43.40
CA ASP A 147 0.93 -6.55 -44.59
C ASP A 147 0.17 -5.22 -44.61
N ASN A 148 -1.04 -5.20 -44.07
CA ASN A 148 -1.93 -4.04 -44.16
C ASN A 148 -2.07 -3.21 -42.88
N LEU A 149 -1.34 -3.60 -41.85
CA LEU A 149 -1.41 -2.89 -40.58
C LEU A 149 -0.29 -1.90 -40.44
N TRP A 150 -0.60 -0.78 -39.78
CA TRP A 150 0.39 0.23 -39.41
C TRP A 150 0.33 0.41 -37.91
N ALA A 151 1.46 0.75 -37.32
CA ALA A 151 1.54 0.93 -35.87
C ALA A 151 2.13 2.28 -35.51
N VAL A 152 1.59 2.87 -34.46
CA VAL A 152 2.12 4.09 -33.89
C VAL A 152 3.19 3.66 -32.90
N HIS A 153 4.42 4.13 -33.12
CA HIS A 153 5.51 3.92 -32.19
C HIS A 153 5.81 5.26 -31.53
N THR A 154 6.05 5.25 -30.22
CA THR A 154 6.52 6.44 -29.50
C THR A 154 7.56 6.07 -28.43
N ASN A 155 8.24 7.10 -27.92
CA ASN A 155 9.18 6.93 -26.81
C ASN A 155 8.55 7.17 -25.44
N ARG A 156 7.28 7.55 -25.42
CA ARG A 156 6.53 7.75 -24.17
C ARG A 156 5.60 6.58 -23.94
N ASP A 178 11.76 15.71 -25.15
CA ASP A 178 12.02 15.13 -26.46
C ASP A 178 10.98 14.03 -26.75
N TYR A 179 9.83 14.41 -27.32
CA TYR A 179 8.78 13.46 -27.71
C TYR A 179 8.92 13.02 -29.16
N TYR A 180 8.83 11.70 -29.39
CA TYR A 180 8.90 11.13 -30.73
C TYR A 180 7.68 10.28 -30.98
N GLU A 181 7.11 10.42 -32.18
CA GLU A 181 5.98 9.61 -32.60
C GLU A 181 6.05 9.39 -34.09
N VAL A 182 5.97 8.13 -34.50
CA VAL A 182 6.08 7.76 -35.91
C VAL A 182 5.15 6.59 -36.21
N GLU A 183 4.54 6.63 -37.38
CA GLU A 183 3.72 5.52 -37.86
C GLU A 183 4.54 4.67 -38.83
N HIS A 184 4.78 3.41 -38.44
CA HIS A 184 5.56 2.47 -39.21
C HIS A 184 4.65 1.38 -39.70
N PRO A 185 4.94 0.82 -40.87
CA PRO A 185 4.22 -0.39 -41.22
C PRO A 185 4.58 -1.54 -40.28
N VAL A 186 3.63 -2.42 -40.01
CA VAL A 186 3.88 -3.63 -39.24
C VAL A 186 4.76 -4.63 -40.00
N VAL A 187 4.69 -4.58 -41.34
CA VAL A 187 5.59 -5.36 -42.18
C VAL A 187 6.41 -4.43 -43.06
N ARG A 188 7.73 -4.56 -42.99
CA ARG A 188 8.63 -3.77 -43.83
C ARG A 188 9.41 -4.72 -44.71
N VAL A 189 9.83 -4.21 -45.86
CA VAL A 189 10.60 -5.00 -46.79
C VAL A 189 12.05 -4.64 -46.52
N HIS A 190 12.82 -5.66 -46.15
CA HIS A 190 14.21 -5.47 -45.79
C HIS A 190 15.00 -4.98 -47.02
N PRO A 191 15.67 -3.82 -46.89
CA PRO A 191 16.33 -3.16 -48.04
C PRO A 191 17.54 -3.89 -48.63
N GLU A 192 18.25 -4.70 -47.82
CA GLU A 192 19.33 -5.56 -48.31
C GLU A 192 18.92 -6.98 -48.72
N THR A 193 17.99 -7.62 -48.00
CA THR A 193 17.63 -9.01 -48.32
C THR A 193 16.38 -9.14 -49.18
N GLY A 194 15.56 -8.09 -49.20
CA GLY A 194 14.25 -8.14 -49.84
C GLY A 194 13.19 -8.93 -49.06
N GLU A 195 13.58 -9.53 -47.93
CA GLU A 195 12.68 -10.39 -47.15
C GLU A 195 11.71 -9.50 -46.37
N ARG A 196 10.47 -9.96 -46.23
CA ARG A 196 9.48 -9.25 -45.41
C ARG A 196 9.72 -9.60 -43.95
N VAL A 197 9.68 -8.58 -43.10
CA VAL A 197 9.93 -8.75 -41.68
C VAL A 197 8.95 -7.96 -40.87
N LEU A 198 8.62 -8.48 -39.69
CA LEU A 198 7.72 -7.77 -38.80
C LEU A 198 8.45 -6.64 -38.09
N LEU A 199 7.71 -5.57 -37.82
CA LEU A 199 8.23 -4.43 -37.10
C LEU A 199 7.24 -4.09 -36.00
N LEU A 200 7.53 -4.57 -34.79
CA LEU A 200 6.69 -4.35 -33.64
C LEU A 200 7.54 -4.00 -32.41
N GLY A 201 7.41 -4.73 -31.30
CA GLY A 201 8.21 -4.45 -30.11
C GLY A 201 7.58 -3.41 -29.21
N HIS A 202 8.23 -3.11 -28.08
CA HIS A 202 7.55 -2.40 -27.01
C HIS A 202 7.36 -0.91 -27.18
N PHE A 203 7.84 -0.33 -28.29
CA PHE A 203 7.56 1.08 -28.53
C PHE A 203 6.21 1.30 -29.22
N VAL A 204 5.54 0.22 -29.59
CA VAL A 204 4.22 0.28 -30.20
C VAL A 204 3.19 0.72 -29.17
N LYS A 205 2.48 1.82 -29.44
CA LYS A 205 1.39 2.28 -28.61
C LYS A 205 0.04 1.73 -29.09
N SER A 206 -0.10 1.56 -30.40
CA SER A 206 -1.38 1.16 -30.99
C SER A 206 -1.25 0.83 -32.47
N PHE A 207 -2.31 0.24 -33.01
CA PHE A 207 -2.39 0.02 -34.46
C PHE A 207 -3.38 1.02 -35.06
N VAL A 208 -2.96 1.65 -36.16
CA VAL A 208 -3.71 2.74 -36.78
C VAL A 208 -5.11 2.26 -37.17
N GLY A 209 -6.14 2.99 -36.74
CA GLY A 209 -7.51 2.73 -37.13
C GLY A 209 -8.27 1.71 -36.29
N LEU A 210 -7.62 1.15 -35.28
CA LEU A 210 -8.19 0.08 -34.46
C LEU A 210 -8.51 0.54 -33.05
N LYS A 211 -9.50 -0.10 -32.41
CA LYS A 211 -9.78 0.10 -30.98
C LYS A 211 -8.61 -0.40 -30.15
N ASP A 212 -8.38 0.19 -28.98
CA ASP A 212 -7.21 -0.19 -28.16
C ASP A 212 -7.20 -1.64 -27.76
N THR A 213 -8.38 -2.16 -27.48
CA THR A 213 -8.55 -3.56 -27.13
C THR A 213 -8.11 -4.48 -28.28
N GLU A 214 -8.38 -4.06 -29.51
CA GLU A 214 -7.96 -4.79 -30.70
C GLU A 214 -6.45 -4.67 -30.93
N SER A 215 -5.90 -3.47 -30.69
CA SER A 215 -4.46 -3.28 -30.79
C SER A 215 -3.72 -4.21 -29.81
N ALA A 216 -4.22 -4.31 -28.59
CA ALA A 216 -3.62 -5.16 -27.55
C ALA A 216 -3.65 -6.63 -27.95
N ALA A 217 -4.76 -7.08 -28.49
CA ALA A 217 -4.92 -8.48 -28.85
C ALA A 217 -4.06 -8.86 -30.05
N LEU A 218 -4.01 -7.99 -31.06
CA LEU A 218 -3.21 -8.26 -32.25
C LEU A 218 -1.72 -8.14 -31.98
N PHE A 219 -1.34 -7.14 -31.18
CA PHE A 219 0.04 -6.98 -30.75
C PHE A 219 0.54 -8.27 -30.05
N ARG A 220 -0.26 -8.76 -29.10
CA ARG A 220 0.07 -9.97 -28.38
C ARG A 220 0.14 -11.21 -29.31
N LEU A 221 -0.80 -11.30 -30.23
CA LEU A 221 -0.79 -12.37 -31.23
C LEU A 221 0.51 -12.40 -32.06
N PHE A 222 0.89 -11.26 -32.62
CA PHE A 222 2.11 -11.17 -33.39
C PHE A 222 3.35 -11.36 -32.51
N GLN A 223 3.38 -10.71 -31.35
CA GLN A 223 4.52 -10.84 -30.44
C GLN A 223 4.68 -12.28 -29.97
N ASP A 224 3.58 -12.98 -29.71
CA ASP A 224 3.63 -14.41 -29.36
C ASP A 224 4.36 -15.22 -30.41
N ARG A 225 4.08 -14.94 -31.68
CA ARG A 225 4.76 -15.61 -32.78
C ARG A 225 6.21 -15.22 -32.94
N ILE A 226 6.53 -13.96 -32.67
CA ILE A 226 7.90 -13.52 -32.73
C ILE A 226 8.79 -14.16 -31.64
N THR A 227 8.26 -14.23 -30.41
CA THR A 227 9.06 -14.60 -29.26
C THR A 227 8.93 -16.05 -28.87
N ARG A 228 8.15 -16.80 -29.62
CA ARG A 228 8.16 -18.25 -29.55
C ARG A 228 9.62 -18.72 -29.43
N LEU A 229 9.90 -19.62 -28.50
CA LEU A 229 11.29 -19.99 -28.22
C LEU A 229 12.05 -20.46 -29.45
N GLU A 230 11.36 -21.19 -30.32
CA GLU A 230 11.92 -21.66 -31.59
C GLU A 230 12.47 -20.57 -32.48
N ASN A 231 11.93 -19.36 -32.42
CA ASN A 231 12.47 -18.21 -33.17
C ASN A 231 13.49 -17.39 -32.40
N THR A 232 14.01 -17.93 -31.29
CA THR A 232 14.95 -17.17 -30.49
C THR A 232 16.25 -17.91 -30.22
N VAL A 233 17.28 -17.13 -29.97
CA VAL A 233 18.54 -17.63 -29.46
C VAL A 233 18.86 -16.84 -28.20
N ARG A 234 19.43 -17.51 -27.20
CA ARG A 234 19.75 -16.86 -25.93
C ARG A 234 21.20 -17.07 -25.64
N TRP A 235 21.93 -15.96 -25.49
CA TRP A 235 23.38 -16.00 -25.39
C TRP A 235 23.88 -15.77 -23.97
N SER A 236 24.80 -16.63 -23.53
CA SER A 236 25.50 -16.51 -22.25
C SER A 236 26.81 -15.80 -22.50
N TRP A 237 26.95 -14.60 -21.96
CA TRP A 237 28.09 -13.79 -22.24
C TRP A 237 29.33 -14.30 -21.50
N LYS A 238 30.46 -14.25 -22.18
CA LYS A 238 31.78 -14.53 -21.60
C LYS A 238 32.70 -13.39 -21.96
N PRO A 239 33.71 -13.15 -21.14
CA PRO A 239 34.66 -12.13 -21.56
C PRO A 239 35.21 -12.42 -22.96
N GLY A 240 35.41 -11.37 -23.75
CA GLY A 240 35.87 -11.50 -25.13
C GLY A 240 34.77 -11.69 -26.15
N ASP A 241 33.51 -11.72 -25.70
CA ASP A 241 32.38 -11.91 -26.62
C ASP A 241 31.97 -10.59 -27.27
N LEU A 242 31.57 -10.67 -28.53
CA LEU A 242 30.99 -9.52 -29.24
C LEU A 242 29.81 -10.01 -30.06
N ALA A 243 28.65 -9.40 -29.88
CA ALA A 243 27.48 -9.72 -30.67
C ALA A 243 27.18 -8.61 -31.65
N ILE A 244 26.74 -9.00 -32.84
CA ILE A 244 26.21 -8.06 -33.83
C ILE A 244 24.86 -8.55 -34.27
N TRP A 245 23.85 -7.68 -34.25
CA TRP A 245 22.52 -8.05 -34.75
C TRP A 245 21.92 -7.12 -35.78
N ASP A 246 21.11 -7.71 -36.65
CA ASP A 246 20.37 -6.95 -37.65
C ASP A 246 19.08 -6.44 -37.00
N ASN A 247 19.07 -5.16 -36.67
CA ASN A 247 17.94 -4.55 -35.97
C ASN A 247 16.71 -4.40 -36.88
N ARG A 248 16.87 -4.66 -38.17
CA ARG A 248 15.74 -4.64 -39.09
C ARG A 248 15.00 -5.97 -39.11
N ALA A 249 15.63 -7.02 -38.60
CA ALA A 249 15.01 -8.35 -38.67
C ALA A 249 14.99 -9.07 -37.32
N THR A 250 15.09 -8.31 -36.23
CA THR A 250 15.09 -8.87 -34.90
C THR A 250 14.42 -7.99 -33.86
N GLN A 251 14.15 -8.62 -32.74
CA GLN A 251 13.95 -7.95 -31.50
C GLN A 251 14.93 -8.59 -30.53
N HIS A 252 15.11 -7.97 -29.37
CA HIS A 252 15.90 -8.58 -28.35
C HIS A 252 15.42 -8.19 -26.96
N TYR A 253 16.00 -8.86 -25.97
CA TYR A 253 15.53 -8.79 -24.60
C TYR A 253 16.73 -8.98 -23.72
N ALA A 254 16.96 -8.02 -22.83
CA ALA A 254 18.05 -8.11 -21.88
C ALA A 254 17.49 -8.71 -20.60
N VAL A 255 17.97 -9.91 -20.25
CA VAL A 255 17.41 -10.62 -19.11
C VAL A 255 18.02 -10.08 -17.83
N ALA A 256 17.16 -9.65 -16.92
CA ALA A 256 17.60 -9.11 -15.62
C ALA A 256 17.58 -10.21 -14.55
N ASP A 257 18.44 -11.20 -14.72
CA ASP A 257 18.51 -12.36 -13.82
C ASP A 257 19.85 -12.41 -13.10
N TYR A 258 20.43 -11.24 -12.83
CA TYR A 258 21.70 -11.19 -12.13
C TYR A 258 21.64 -10.35 -10.86
N ASP A 259 20.43 -10.17 -10.32
CA ASP A 259 20.22 -9.43 -9.06
C ASP A 259 20.92 -8.08 -8.89
N ASP A 260 21.23 -7.33 -9.95
CA ASP A 260 21.93 -6.00 -9.75
C ASP A 260 23.39 -6.09 -9.26
N GLN A 261 23.99 -7.25 -9.51
CA GLN A 261 25.42 -7.27 -9.79
C GLN A 261 25.69 -6.26 -10.90
N TYR A 262 26.90 -5.72 -10.87
CA TYR A 262 27.35 -4.77 -11.86
C TYR A 262 27.59 -5.49 -13.21
N ARG A 263 27.18 -4.85 -14.29
CA ARG A 263 27.29 -5.42 -15.63
C ARG A 263 27.49 -4.27 -16.62
N ARG A 264 28.53 -4.36 -17.43
CA ARG A 264 28.77 -3.35 -18.49
C ARG A 264 29.06 -4.01 -19.80
N LEU A 265 28.28 -3.62 -20.81
CA LEU A 265 28.61 -3.91 -22.20
C LEU A 265 28.61 -2.61 -22.96
N ASN A 266 29.39 -2.57 -24.03
CA ASN A 266 29.50 -1.37 -24.83
C ASN A 266 28.90 -1.56 -26.17
N ARG A 267 28.04 -0.61 -26.54
CA ARG A 267 27.26 -0.70 -27.75
C ARG A 267 27.70 0.33 -28.76
N VAL A 268 27.81 -0.09 -30.00
CA VAL A 268 27.90 0.81 -31.11
C VAL A 268 26.72 0.51 -32.03
N THR A 269 26.03 1.54 -32.47
CA THR A 269 24.85 1.41 -33.29
C THR A 269 25.10 1.98 -34.67
N LEU A 270 24.57 1.33 -35.70
CA LEU A 270 24.81 1.70 -37.09
C LEU A 270 23.54 2.26 -37.70
N ALA A 271 23.69 3.35 -38.45
CA ALA A 271 22.55 4.06 -39.01
C ALA A 271 21.78 3.18 -39.97
N GLY A 272 20.46 3.31 -39.95
CA GLY A 272 19.61 2.54 -40.85
C GLY A 272 18.85 3.45 -41.78
N ASP A 273 17.86 2.90 -42.48
CA ASP A 273 17.05 3.67 -43.41
C ASP A 273 15.61 3.75 -42.91
N ILE A 274 14.75 4.35 -43.72
CA ILE A 274 13.34 4.48 -43.39
C ILE A 274 12.58 3.27 -43.92
N PRO A 275 11.82 2.59 -43.06
CA PRO A 275 11.08 1.44 -43.49
C PRO A 275 10.16 1.74 -44.66
N VAL A 276 10.05 0.78 -45.56
CA VAL A 276 9.04 0.83 -46.59
C VAL A 276 8.12 -0.37 -46.43
N ASP A 277 6.83 -0.16 -46.63
CA ASP A 277 5.86 -1.24 -46.51
C ASP A 277 5.83 -2.04 -47.81
N VAL A 278 4.92 -3.00 -47.84
CA VAL A 278 4.85 -3.98 -48.92
C VAL A 278 4.37 -3.36 -50.25
N TYR A 279 3.77 -2.16 -50.17
CA TYR A 279 3.25 -1.44 -51.34
C TYR A 279 4.09 -0.23 -51.70
N GLY A 280 5.27 -0.09 -51.10
CA GLY A 280 6.16 1.04 -51.39
C GLY A 280 5.96 2.27 -50.52
N GLU A 281 4.98 2.26 -49.62
CA GLU A 281 4.76 3.41 -48.75
C GLU A 281 5.79 3.47 -47.61
N ARG A 282 6.27 4.67 -47.31
CA ARG A 282 7.26 4.89 -46.27
C ARG A 282 6.62 5.28 -44.97
N SER A 283 7.39 5.13 -43.88
CA SER A 283 6.97 5.55 -42.56
C SER A 283 6.61 7.05 -42.53
N ARG A 284 5.65 7.43 -41.69
CA ARG A 284 5.16 8.79 -41.59
C ARG A 284 5.52 9.34 -40.21
N VAL A 285 6.38 10.35 -40.17
CA VAL A 285 6.77 10.94 -38.89
C VAL A 285 5.64 11.83 -38.41
N ILE A 286 5.17 11.62 -37.18
CA ILE A 286 4.16 12.47 -36.59
C ILE A 286 4.79 13.55 -35.71
N ALA A 287 5.84 13.18 -34.97
CA ALA A 287 6.54 14.13 -34.09
C ALA A 287 7.98 13.72 -33.86
N GLY A 288 8.84 14.72 -33.69
CA GLY A 288 10.26 14.52 -33.45
C GLY A 288 11.08 14.71 -34.71
N ASP A 289 12.38 14.89 -34.53
CA ASP A 289 13.31 15.05 -35.64
C ASP A 289 14.61 14.28 -35.32
N ALA A 290 14.92 13.26 -36.14
CA ALA A 290 16.05 12.35 -35.90
C ALA A 290 17.33 12.71 -36.68
N SER A 291 17.33 13.85 -37.37
CA SER A 291 18.51 14.30 -38.16
C SER A 291 19.78 14.34 -37.31
N SER A 292 19.60 14.74 -36.04
CA SER A 292 20.71 14.89 -35.08
C SER A 292 21.19 13.52 -34.57
N TYR A 293 20.27 12.57 -34.41
CA TYR A 293 20.59 11.19 -34.04
C TYR A 293 21.44 10.45 -35.09
N SER A 294 21.01 10.51 -36.34
CA SER A 294 21.75 9.85 -37.41
C SER A 294 21.30 10.32 -38.79
N PRO A 295 22.13 10.06 -39.82
CA PRO A 295 21.65 10.20 -41.19
C PRO A 295 20.77 9.01 -41.63
N VAL A 296 20.19 9.12 -42.82
CA VAL A 296 19.49 8.01 -43.45
C VAL A 296 20.58 7.27 -44.26
N VAL B 6 -54.70 -5.13 -48.10
CA VAL B 6 -53.78 -5.42 -46.95
C VAL B 6 -52.49 -4.59 -47.07
N GLN B 7 -52.39 -3.55 -46.25
CA GLN B 7 -51.21 -2.68 -46.22
C GLN B 7 -50.23 -3.26 -45.21
N VAL B 8 -48.96 -3.39 -45.60
CA VAL B 8 -47.91 -3.92 -44.74
C VAL B 8 -47.07 -2.76 -44.28
N THR B 9 -47.26 -2.29 -43.04
CA THR B 9 -46.49 -1.15 -42.58
C THR B 9 -45.33 -1.59 -41.70
N VAL B 10 -44.18 -0.99 -41.99
CA VAL B 10 -42.92 -1.35 -41.39
C VAL B 10 -42.50 -0.18 -40.54
N THR B 11 -42.23 -0.43 -39.27
CA THR B 11 -41.73 0.57 -38.34
C THR B 11 -40.39 0.14 -37.76
N LYS B 12 -39.34 0.86 -38.15
CA LYS B 12 -37.98 0.64 -37.63
C LYS B 12 -37.92 0.71 -36.12
N LEU B 13 -37.14 -0.20 -35.54
CA LEU B 13 -36.90 -0.21 -34.11
C LEU B 13 -35.54 0.35 -33.72
N GLY B 14 -34.58 0.26 -34.62
CA GLY B 14 -33.23 0.77 -34.36
C GLY B 14 -32.47 0.98 -35.66
N ALA B 15 -31.35 1.69 -35.58
CA ALA B 15 -30.64 2.11 -36.76
C ALA B 15 -30.19 0.95 -37.68
N HIS B 16 -29.67 -0.13 -37.08
CA HIS B 16 -28.99 -1.19 -37.81
C HIS B 16 -29.75 -2.49 -37.88
N ILE B 17 -30.82 -2.64 -37.08
CA ILE B 17 -31.57 -3.88 -36.99
C ILE B 17 -32.93 -3.71 -36.30
N GLY B 18 -33.94 -4.45 -36.76
CA GLY B 18 -35.24 -4.54 -36.08
C GLY B 18 -36.35 -3.69 -36.69
N ALA B 19 -37.50 -4.30 -36.94
CA ALA B 19 -38.69 -3.55 -37.32
C ALA B 19 -39.95 -4.26 -36.87
N ARG B 20 -40.96 -3.50 -36.48
CA ARG B 20 -42.29 -4.06 -36.25
C ARG B 20 -43.05 -4.07 -37.57
N ILE B 21 -43.83 -5.13 -37.78
CA ILE B 21 -44.76 -5.20 -38.89
C ILE B 21 -46.19 -5.09 -38.33
N ASP B 22 -47.01 -4.27 -38.99
CA ASP B 22 -48.42 -4.10 -38.63
C ASP B 22 -49.28 -4.28 -39.87
N GLY B 23 -50.55 -4.60 -39.64
CA GLY B 23 -51.56 -4.61 -40.70
C GLY B 23 -51.77 -5.93 -41.42
N VAL B 24 -51.15 -7.00 -40.92
CA VAL B 24 -51.22 -8.31 -41.54
C VAL B 24 -51.75 -9.35 -40.56
N ARG B 25 -52.85 -10.01 -40.95
CA ARG B 25 -53.32 -11.19 -40.24
C ARG B 25 -52.53 -12.31 -40.85
N VAL B 26 -51.55 -12.80 -40.11
CA VAL B 26 -50.56 -13.73 -40.63
C VAL B 26 -51.18 -15.12 -40.82
N GLY B 27 -50.87 -15.72 -41.97
CA GLY B 27 -51.42 -17.03 -42.30
C GLY B 27 -50.98 -17.48 -43.68
N GLY B 28 -51.58 -18.57 -44.16
CA GLY B 28 -51.24 -19.15 -45.46
C GLY B 28 -51.95 -18.55 -46.67
N ASP B 29 -52.83 -17.58 -46.45
CA ASP B 29 -53.66 -17.03 -47.51
C ASP B 29 -53.31 -15.59 -47.86
N LEU B 30 -52.03 -15.25 -47.91
CA LEU B 30 -51.61 -13.87 -48.19
C LEU B 30 -51.24 -13.70 -49.65
N SER B 31 -51.47 -12.50 -50.17
CA SER B 31 -51.15 -12.20 -51.58
C SER B 31 -49.64 -12.14 -51.85
N PRO B 32 -49.23 -12.37 -53.10
CA PRO B 32 -47.79 -12.29 -53.42
C PRO B 32 -47.18 -10.92 -53.10
N ALA B 33 -47.96 -9.86 -53.31
CA ALA B 33 -47.53 -8.49 -52.95
C ALA B 33 -47.23 -8.37 -51.47
N THR B 34 -48.12 -8.92 -50.65
CA THR B 34 -47.95 -8.92 -49.20
C THR B 34 -46.72 -9.77 -48.77
N VAL B 35 -46.59 -10.94 -49.34
CA VAL B 35 -45.50 -11.84 -49.03
C VAL B 35 -44.17 -11.19 -49.37
N SER B 36 -44.11 -10.54 -50.53
CA SER B 36 -42.83 -10.00 -50.97
C SER B 36 -42.50 -8.69 -50.22
N ALA B 37 -43.52 -7.99 -49.75
CA ALA B 37 -43.29 -6.83 -48.89
C ALA B 37 -42.77 -7.29 -47.51
N ILE B 38 -43.32 -8.37 -46.99
CA ILE B 38 -42.78 -9.01 -45.77
C ILE B 38 -41.34 -9.45 -45.98
N ASN B 39 -41.08 -10.09 -47.11
CA ASN B 39 -39.74 -10.56 -47.43
C ASN B 39 -38.75 -9.41 -47.56
N ALA B 40 -39.19 -8.32 -48.18
CA ALA B 40 -38.33 -7.14 -48.35
C ALA B 40 -37.96 -6.53 -46.99
N ALA B 41 -38.92 -6.49 -46.08
CA ALA B 41 -38.71 -5.95 -44.75
C ALA B 41 -37.71 -6.82 -43.99
N LEU B 42 -37.89 -8.14 -44.12
CA LEU B 42 -37.01 -9.09 -43.47
C LEU B 42 -35.56 -8.85 -43.89
N LEU B 43 -35.33 -8.64 -45.18
CA LEU B 43 -33.95 -8.49 -45.67
C LEU B 43 -33.31 -7.19 -45.26
N GLU B 44 -34.12 -6.15 -45.20
CA GLU B 44 -33.65 -4.83 -44.86
C GLU B 44 -33.39 -4.74 -43.36
N HIS B 45 -34.32 -5.26 -42.57
CA HIS B 45 -34.32 -5.04 -41.12
C HIS B 45 -33.79 -6.21 -40.31
N LYS B 46 -33.64 -7.36 -40.95
CA LYS B 46 -32.95 -8.55 -40.36
C LYS B 46 -33.78 -9.38 -39.39
N VAL B 47 -34.50 -8.72 -38.50
CA VAL B 47 -35.52 -9.40 -37.72
C VAL B 47 -36.74 -8.49 -37.67
N ILE B 48 -37.90 -9.09 -37.88
CA ILE B 48 -39.16 -8.36 -37.91
C ILE B 48 -40.16 -9.04 -36.98
N PHE B 49 -41.06 -8.24 -36.41
CA PHE B 49 -41.95 -8.68 -35.34
C PHE B 49 -43.40 -8.39 -35.66
N PHE B 50 -44.24 -9.43 -35.64
CA PHE B 50 -45.68 -9.25 -35.77
C PHE B 50 -46.30 -9.42 -34.41
N SER B 51 -47.35 -8.65 -34.16
CA SER B 51 -48.04 -8.70 -32.89
C SER B 51 -49.51 -8.93 -33.10
N GLY B 52 -50.20 -9.30 -32.03
CA GLY B 52 -51.64 -9.46 -32.04
C GLY B 52 -52.12 -10.62 -32.89
N GLN B 53 -51.26 -11.61 -33.09
CA GLN B 53 -51.60 -12.74 -33.96
C GLN B 53 -52.30 -13.84 -33.16
N ASP B 54 -53.35 -13.46 -32.43
CA ASP B 54 -54.06 -14.32 -31.48
C ASP B 54 -54.67 -15.56 -32.15
N HIS B 55 -55.04 -15.42 -33.41
CA HIS B 55 -55.59 -16.52 -34.24
C HIS B 55 -54.57 -17.59 -34.66
N LEU B 56 -53.28 -17.32 -34.51
CA LEU B 56 -52.27 -18.12 -35.15
C LEU B 56 -51.94 -19.37 -34.34
N ASP B 57 -51.97 -20.52 -35.00
CA ASP B 57 -51.59 -21.78 -34.37
C ASP B 57 -50.46 -22.44 -35.16
N ASP B 58 -50.07 -23.64 -34.76
CA ASP B 58 -48.94 -24.33 -35.38
C ASP B 58 -49.14 -24.55 -36.87
N ALA B 59 -50.33 -25.01 -37.26
CA ALA B 59 -50.65 -25.21 -38.66
C ALA B 59 -50.59 -23.89 -39.45
N GLY B 60 -51.14 -22.82 -38.88
CA GLY B 60 -51.13 -21.51 -39.50
C GLY B 60 -49.72 -20.98 -39.68
N GLN B 61 -48.91 -21.13 -38.63
CA GLN B 61 -47.52 -20.69 -38.64
C GLN B 61 -46.81 -21.40 -39.77
N LEU B 62 -47.10 -22.69 -39.90
CA LEU B 62 -46.46 -23.50 -40.93
C LEU B 62 -46.95 -23.15 -42.35
N GLU B 63 -48.25 -22.94 -42.49
CA GLU B 63 -48.82 -22.46 -43.76
C GLU B 63 -48.19 -21.13 -44.18
N PHE B 64 -48.00 -20.24 -43.21
CA PHE B 64 -47.38 -18.96 -43.46
C PHE B 64 -45.92 -19.13 -43.85
N ALA B 65 -45.21 -19.97 -43.12
CA ALA B 65 -43.81 -20.25 -43.41
C ALA B 65 -43.66 -20.76 -44.85
N GLU B 66 -44.58 -21.61 -45.29
CA GLU B 66 -44.58 -22.14 -46.65
C GLU B 66 -44.53 -21.08 -47.75
N LEU B 67 -45.12 -19.93 -47.49
CA LEU B 67 -45.09 -18.82 -48.45
C LEU B 67 -43.74 -18.13 -48.53
N LEU B 68 -42.90 -18.26 -47.50
CA LEU B 68 -41.62 -17.53 -47.47
C LEU B 68 -40.43 -18.38 -47.83
N GLY B 69 -40.64 -19.68 -47.92
CA GLY B 69 -39.56 -20.59 -48.28
C GLY B 69 -40.00 -22.02 -48.13
N THR B 70 -39.02 -22.91 -48.03
CA THR B 70 -39.26 -24.31 -47.86
C THR B 70 -38.98 -24.72 -46.41
N PRO B 71 -40.02 -25.02 -45.64
CA PRO B 71 -39.77 -25.46 -44.28
C PRO B 71 -38.85 -26.64 -44.21
N THR B 72 -37.98 -26.62 -43.20
CA THR B 72 -37.07 -27.71 -42.98
C THR B 72 -37.73 -28.74 -42.05
N VAL B 73 -37.06 -29.87 -41.90
CA VAL B 73 -37.31 -30.69 -40.72
C VAL B 73 -36.97 -29.77 -39.54
N ALA B 74 -37.59 -29.97 -38.39
CA ALA B 74 -37.38 -29.09 -37.24
C ALA B 74 -35.89 -28.79 -36.98
N HIS B 75 -35.08 -29.85 -36.97
CA HIS B 75 -33.67 -29.73 -36.63
C HIS B 75 -32.90 -30.98 -37.14
N PRO B 76 -31.62 -30.83 -37.54
CA PRO B 76 -30.80 -31.95 -38.02
C PRO B 76 -30.78 -33.21 -37.12
N THR B 77 -30.67 -33.00 -35.81
CA THR B 77 -30.56 -34.04 -34.76
C THR B 77 -31.70 -34.01 -33.70
N LEU B 78 -32.29 -32.86 -33.43
CA LEU B 78 -33.31 -32.72 -32.36
C LEU B 78 -34.71 -33.19 -32.76
N ALA B 79 -34.96 -33.33 -34.06
CA ALA B 79 -36.29 -33.71 -34.54
C ALA B 79 -36.58 -35.17 -34.18
N GLU B 80 -37.79 -35.44 -33.72
CA GLU B 80 -38.19 -36.83 -33.40
C GLU B 80 -38.28 -37.65 -34.67
N GLY B 81 -38.73 -36.99 -35.74
CA GLY B 81 -38.91 -37.64 -37.04
C GLY B 81 -38.73 -36.64 -38.17
N ALA B 82 -39.81 -36.38 -38.91
CA ALA B 82 -39.80 -35.47 -40.07
C ALA B 82 -40.65 -34.20 -39.84
N GLU B 83 -41.10 -34.01 -38.61
CA GLU B 83 -41.88 -32.84 -38.25
C GLU B 83 -41.12 -31.51 -38.49
N GLN B 84 -41.85 -30.47 -38.88
CA GLN B 84 -41.27 -29.17 -39.25
C GLN B 84 -41.21 -28.13 -38.09
N LEU B 85 -41.94 -28.38 -37.00
CA LEU B 85 -41.93 -27.50 -35.82
C LEU B 85 -40.93 -27.97 -34.76
N LEU B 86 -40.15 -27.02 -34.25
CA LEU B 86 -39.19 -27.25 -33.17
C LEU B 86 -39.64 -26.56 -31.88
N PRO B 87 -39.72 -27.32 -30.77
CA PRO B 87 -40.08 -26.66 -29.51
C PRO B 87 -38.89 -25.93 -28.92
N ILE B 88 -39.09 -24.67 -28.57
CA ILE B 88 -38.13 -23.92 -27.81
C ILE B 88 -38.72 -23.92 -26.39
N ASP B 89 -38.38 -24.97 -25.64
CA ASP B 89 -39.00 -25.29 -24.36
C ASP B 89 -37.93 -25.14 -23.25
N SER B 90 -38.26 -24.34 -22.25
CA SER B 90 -37.34 -23.98 -21.15
C SER B 90 -36.93 -25.17 -20.25
N ARG B 91 -37.72 -26.25 -20.28
CA ARG B 91 -37.41 -27.46 -19.50
C ARG B 91 -36.21 -28.20 -20.07
N TYR B 92 -36.04 -28.10 -21.38
CA TYR B 92 -35.04 -28.87 -22.11
C TYR B 92 -33.75 -28.07 -22.29
N ASP B 93 -33.88 -26.81 -22.66
CA ASP B 93 -32.72 -25.95 -22.93
C ASP B 93 -33.10 -24.49 -22.94
N LYS B 94 -32.11 -23.66 -22.64
CA LYS B 94 -32.16 -22.23 -22.84
C LYS B 94 -30.88 -21.84 -23.59
N ALA B 95 -31.01 -21.42 -24.85
CA ALA B 95 -29.86 -21.01 -25.67
C ALA B 95 -29.27 -19.62 -25.23
N ASN B 96 -28.73 -19.54 -23.98
CA ASN B 96 -28.17 -18.31 -23.37
C ASN B 96 -26.79 -17.89 -23.94
N SER B 97 -26.68 -17.86 -25.25
CA SER B 97 -25.39 -17.78 -25.93
C SER B 97 -25.56 -17.30 -27.38
N TRP B 98 -24.67 -16.42 -27.83
CA TRP B 98 -24.82 -15.81 -29.16
C TRP B 98 -24.56 -16.82 -30.25
N HIS B 99 -25.53 -17.00 -31.13
CA HIS B 99 -25.36 -17.93 -32.24
C HIS B 99 -26.23 -17.66 -33.44
N THR B 100 -25.80 -18.23 -34.56
CA THR B 100 -26.59 -18.34 -35.77
C THR B 100 -27.05 -19.80 -35.81
N ASP B 101 -28.27 -20.02 -36.26
CA ASP B 101 -28.84 -21.37 -36.18
C ASP B 101 -28.17 -22.35 -37.14
N VAL B 102 -27.85 -23.53 -36.60
CA VAL B 102 -27.45 -24.67 -37.37
C VAL B 102 -26.38 -24.33 -38.40
N THR B 103 -25.28 -23.72 -37.94
CA THR B 103 -24.19 -23.37 -38.82
C THR B 103 -23.23 -24.54 -38.97
N PHE B 104 -23.49 -25.65 -38.28
CA PHE B 104 -22.66 -26.86 -38.41
C PHE B 104 -23.05 -27.76 -39.61
N VAL B 105 -23.98 -27.29 -40.44
CA VAL B 105 -24.25 -27.92 -41.72
C VAL B 105 -23.86 -26.99 -42.84
N ASP B 106 -23.76 -27.52 -44.05
CA ASP B 106 -23.48 -26.69 -45.23
C ASP B 106 -24.65 -25.74 -45.51
N ARG B 107 -25.86 -26.29 -45.51
CA ARG B 107 -27.06 -25.55 -45.93
C ARG B 107 -27.66 -24.82 -44.73
N ILE B 108 -27.02 -23.73 -44.33
CA ILE B 108 -27.43 -22.98 -43.17
C ILE B 108 -28.81 -22.45 -43.49
N PRO B 109 -29.79 -22.71 -42.61
CA PRO B 109 -31.15 -22.27 -42.86
C PRO B 109 -31.22 -20.76 -43.03
N LYS B 110 -32.06 -20.28 -43.93
CA LYS B 110 -32.04 -18.87 -44.30
C LYS B 110 -32.78 -18.00 -43.32
N ALA B 111 -33.73 -18.61 -42.60
CA ALA B 111 -34.60 -17.86 -41.73
C ALA B 111 -35.35 -18.76 -40.78
N SER B 112 -35.82 -18.17 -39.70
CA SER B 112 -36.68 -18.85 -38.75
C SER B 112 -37.86 -17.99 -38.36
N LEU B 113 -38.98 -18.65 -38.07
CA LEU B 113 -40.19 -18.02 -37.55
C LEU B 113 -40.41 -18.56 -36.14
N LEU B 114 -40.57 -17.66 -35.17
CA LEU B 114 -40.71 -18.05 -33.77
C LEU B 114 -41.95 -17.39 -33.19
N ARG B 115 -42.85 -18.22 -32.68
CA ARG B 115 -44.14 -17.77 -32.20
C ARG B 115 -44.26 -18.03 -30.70
N ALA B 116 -44.72 -17.03 -29.96
CA ALA B 116 -44.91 -17.17 -28.51
C ALA B 116 -46.10 -18.09 -28.23
N VAL B 117 -45.93 -19.02 -27.33
CA VAL B 117 -47.00 -19.90 -26.87
C VAL B 117 -47.27 -19.68 -25.37
N THR B 118 -46.24 -19.78 -24.53
CA THR B 118 -46.38 -19.62 -23.09
C THR B 118 -45.21 -18.82 -22.51
N LEU B 119 -45.51 -17.71 -21.86
CA LEU B 119 -44.49 -16.74 -21.46
C LEU B 119 -44.41 -16.55 -19.96
N PRO B 120 -43.18 -16.34 -19.46
CA PRO B 120 -43.00 -16.00 -18.04
C PRO B 120 -43.49 -14.59 -17.75
N SER B 121 -43.85 -14.32 -16.51
CA SER B 121 -44.35 -13.00 -16.11
C SER B 121 -43.28 -11.92 -16.19
N TYR B 122 -42.01 -12.30 -16.04
CA TYR B 122 -40.91 -11.39 -16.26
C TYR B 122 -39.77 -12.04 -17.03
N GLY B 123 -38.94 -11.19 -17.66
CA GLY B 123 -37.79 -11.66 -18.42
C GLY B 123 -38.16 -12.43 -19.67
N GLY B 124 -37.21 -13.20 -20.17
CA GLY B 124 -37.39 -14.09 -21.34
C GLY B 124 -37.27 -13.36 -22.63
N THR B 125 -36.50 -12.27 -22.63
CA THR B 125 -36.28 -11.49 -23.84
C THR B 125 -35.34 -12.24 -24.76
N THR B 126 -35.41 -11.93 -26.04
CA THR B 126 -34.51 -12.45 -27.04
C THR B 126 -33.83 -11.26 -27.70
N ALA B 127 -32.56 -11.41 -28.00
CA ALA B 127 -31.79 -10.37 -28.70
C ALA B 127 -31.26 -10.88 -30.02
N TRP B 128 -31.19 -9.97 -30.98
CA TRP B 128 -30.65 -10.26 -32.30
C TRP B 128 -29.55 -9.26 -32.62
N ALA B 129 -28.55 -9.71 -33.36
CA ALA B 129 -27.46 -8.85 -33.78
C ALA B 129 -27.31 -8.92 -35.29
N SER B 130 -26.96 -7.81 -35.92
CA SER B 130 -26.76 -7.77 -37.35
C SER B 130 -25.33 -8.04 -37.73
N THR B 131 -25.10 -9.18 -38.38
CA THR B 131 -23.77 -9.53 -38.85
C THR B 131 -23.44 -8.81 -40.16
N GLU B 132 -24.42 -8.12 -40.73
CA GLU B 132 -24.18 -7.24 -41.86
C GLU B 132 -23.59 -5.93 -41.40
N ALA B 133 -24.28 -5.29 -40.47
CA ALA B 133 -23.80 -4.00 -39.94
C ALA B 133 -22.41 -4.16 -39.31
N ALA B 134 -22.18 -5.25 -38.57
CA ALA B 134 -20.88 -5.48 -37.95
C ALA B 134 -19.74 -5.55 -38.98
N TYR B 135 -19.99 -6.16 -40.12
CA TYR B 135 -19.01 -6.17 -41.21
C TYR B 135 -18.75 -4.78 -41.76
N GLN B 136 -19.81 -4.03 -42.07
CA GLN B 136 -19.65 -2.68 -42.62
C GLN B 136 -18.82 -1.82 -41.67
N GLN B 137 -19.00 -2.01 -40.38
CA GLN B 137 -18.32 -1.23 -39.37
C GLN B 137 -16.86 -1.61 -39.16
N LEU B 138 -16.43 -2.71 -39.75
CA LEU B 138 -15.01 -3.12 -39.60
C LEU B 138 -14.06 -2.17 -40.34
N PRO B 139 -12.97 -1.76 -39.67
CA PRO B 139 -11.95 -1.06 -40.40
C PRO B 139 -11.29 -1.98 -41.41
N ALA B 140 -10.79 -1.39 -42.50
CA ALA B 140 -10.32 -2.13 -43.67
C ALA B 140 -9.42 -3.35 -43.39
N PRO B 141 -8.40 -3.19 -42.53
CA PRO B 141 -7.53 -4.35 -42.25
C PRO B 141 -8.28 -5.54 -41.64
N LEU B 142 -9.26 -5.27 -40.77
CA LEU B 142 -10.07 -6.32 -40.17
C LEU B 142 -11.09 -6.90 -41.12
N ARG B 143 -11.62 -6.08 -42.04
CA ARG B 143 -12.48 -6.59 -43.12
C ARG B 143 -11.71 -7.64 -43.93
N THR B 144 -10.51 -7.28 -44.40
CA THR B 144 -9.70 -8.14 -45.30
C THR B 144 -9.36 -9.41 -44.52
N LEU B 145 -9.10 -9.29 -43.22
CA LEU B 145 -8.85 -10.46 -42.39
C LEU B 145 -10.06 -11.38 -42.39
N ALA B 146 -11.21 -10.81 -42.06
CA ALA B 146 -12.46 -11.57 -42.07
C ALA B 146 -12.72 -12.19 -43.44
N ASP B 147 -12.43 -11.44 -44.51
CA ASP B 147 -12.63 -11.91 -45.88
C ASP B 147 -11.83 -13.18 -46.14
N ASN B 148 -10.69 -13.33 -45.47
CA ASN B 148 -9.74 -14.41 -45.75
C ASN B 148 -9.72 -15.53 -44.71
N LEU B 149 -10.57 -15.43 -43.70
CA LEU B 149 -10.64 -16.44 -42.64
C LEU B 149 -11.74 -17.44 -42.88
N TRP B 150 -11.45 -18.68 -42.50
CA TRP B 150 -12.42 -19.75 -42.52
C TRP B 150 -12.52 -20.34 -41.13
N ALA B 151 -13.70 -20.83 -40.78
CA ALA B 151 -13.94 -21.36 -39.43
C ALA B 151 -14.52 -22.77 -39.49
N VAL B 152 -14.09 -23.58 -38.54
CA VAL B 152 -14.63 -24.92 -38.38
C VAL B 152 -15.83 -24.76 -37.46
N HIS B 153 -17.00 -25.17 -37.94
CA HIS B 153 -18.21 -25.22 -37.12
C HIS B 153 -18.58 -26.68 -36.87
N THR B 154 -18.97 -27.01 -35.64
CA THR B 154 -19.43 -28.35 -35.31
C THR B 154 -20.60 -28.27 -34.35
N ASN B 155 -21.28 -29.39 -34.18
CA ASN B 155 -22.35 -29.51 -33.17
C ASN B 155 -21.88 -30.06 -31.81
N ARG B 156 -20.59 -30.32 -31.62
CA ARG B 156 -20.09 -30.97 -30.38
C ARG B 156 -19.64 -29.90 -29.39
N ILE B 164 -28.23 -31.42 -15.59
CA ILE B 164 -28.91 -31.71 -14.32
C ILE B 164 -30.08 -32.70 -14.54
N SER B 165 -31.24 -32.26 -15.03
CA SER B 165 -32.43 -33.17 -15.16
C SER B 165 -32.41 -34.10 -16.40
N ALA B 166 -33.35 -35.05 -16.48
CA ALA B 166 -33.42 -36.02 -17.60
C ALA B 166 -33.85 -35.41 -18.92
N GLU B 167 -34.84 -34.54 -18.87
CA GLU B 167 -35.17 -33.69 -20.00
C GLU B 167 -33.91 -33.01 -20.63
N GLN B 168 -32.98 -32.56 -19.76
CA GLN B 168 -31.82 -31.81 -20.21
C GLN B 168 -30.76 -32.69 -20.87
N ARG B 169 -30.63 -33.94 -20.40
CA ARG B 169 -29.67 -34.92 -20.95
C ARG B 169 -30.17 -35.47 -22.30
N GLY B 170 -31.44 -35.88 -22.35
CA GLY B 170 -32.14 -36.15 -23.60
C GLY B 170 -31.80 -35.11 -24.66
N TYR B 171 -32.13 -33.85 -24.38
CA TYR B 171 -31.81 -32.73 -25.28
C TYR B 171 -30.37 -32.78 -25.84
N ARG B 172 -29.40 -33.01 -24.95
CA ARG B 172 -27.99 -33.03 -25.29
C ARG B 172 -27.51 -34.30 -25.97
N GLN B 173 -28.01 -35.46 -25.55
CA GLN B 173 -27.75 -36.71 -26.29
C GLN B 173 -28.28 -36.51 -27.72
N ARG B 174 -29.53 -36.03 -27.81
CA ARG B 174 -30.25 -36.00 -29.10
C ARG B 174 -29.49 -35.04 -30.04
N PHE B 175 -29.19 -33.85 -29.53
CA PHE B 175 -28.44 -32.81 -30.25
C PHE B 175 -27.17 -33.31 -30.96
N GLU B 176 -26.49 -34.25 -30.30
CA GLU B 176 -25.19 -34.75 -30.75
C GLU B 176 -25.31 -36.19 -31.26
N SER B 177 -26.53 -36.72 -31.40
CA SER B 177 -26.69 -38.11 -31.86
C SER B 177 -25.83 -38.43 -33.12
N ASP B 178 -25.91 -37.60 -34.15
CA ASP B 178 -24.89 -37.57 -35.22
C ASP B 178 -23.88 -36.42 -35.12
N TYR B 179 -22.67 -36.64 -35.63
CA TYR B 179 -21.61 -35.62 -35.62
C TYR B 179 -21.61 -34.81 -36.92
N TYR B 180 -21.54 -33.49 -36.78
CA TYR B 180 -21.44 -32.60 -37.93
C TYR B 180 -20.22 -31.71 -37.83
N GLU B 181 -19.49 -31.55 -38.94
CA GLU B 181 -18.36 -30.65 -38.99
C GLU B 181 -18.29 -30.04 -40.38
N VAL B 182 -18.22 -28.72 -40.45
CA VAL B 182 -18.16 -28.01 -41.72
C VAL B 182 -17.25 -26.80 -41.60
N GLU B 183 -16.52 -26.52 -42.69
CA GLU B 183 -15.69 -25.32 -42.77
C GLU B 183 -16.44 -24.28 -43.57
N HIS B 184 -16.78 -23.16 -42.92
CA HIS B 184 -17.48 -22.03 -43.53
C HIS B 184 -16.57 -20.82 -43.60
N PRO B 185 -16.76 -19.96 -44.61
CA PRO B 185 -16.02 -18.72 -44.58
C PRO B 185 -16.55 -17.85 -43.45
N VAL B 186 -15.67 -17.05 -42.86
CA VAL B 186 -16.06 -16.10 -41.85
C VAL B 186 -16.89 -14.96 -42.43
N VAL B 187 -16.69 -14.70 -43.71
CA VAL B 187 -17.50 -13.72 -44.44
C VAL B 187 -18.15 -14.40 -45.63
N ARG B 188 -19.48 -14.30 -45.71
CA ARG B 188 -20.22 -14.86 -46.82
C ARG B 188 -20.93 -13.74 -47.53
N VAL B 189 -21.20 -13.95 -48.82
CA VAL B 189 -21.92 -12.97 -49.62
C VAL B 189 -23.36 -13.41 -49.62
N HIS B 190 -24.22 -12.52 -49.12
CA HIS B 190 -25.64 -12.80 -48.97
C HIS B 190 -26.27 -12.98 -50.36
N PRO B 191 -26.90 -14.14 -50.61
CA PRO B 191 -27.38 -14.49 -51.95
C PRO B 191 -28.54 -13.64 -52.49
N GLU B 192 -29.37 -13.09 -51.60
CA GLU B 192 -30.47 -12.18 -51.99
C GLU B 192 -30.09 -10.69 -51.95
N THR B 193 -29.30 -10.23 -50.98
CA THR B 193 -28.96 -8.80 -50.89
C THR B 193 -27.62 -8.44 -51.53
N GLY B 194 -26.74 -9.43 -51.71
CA GLY B 194 -25.37 -9.17 -52.16
C GLY B 194 -24.44 -8.61 -51.09
N GLU B 195 -24.97 -8.34 -49.91
CA GLU B 195 -24.19 -7.72 -48.83
C GLU B 195 -23.27 -8.74 -48.18
N ARG B 196 -22.08 -8.31 -47.79
CA ARG B 196 -21.17 -9.18 -47.06
C ARG B 196 -21.57 -9.19 -45.60
N VAL B 197 -21.55 -10.37 -45.03
CA VAL B 197 -22.00 -10.58 -43.68
C VAL B 197 -21.07 -11.55 -42.97
N LEU B 198 -20.94 -11.37 -41.66
CA LEU B 198 -20.11 -12.26 -40.87
C LEU B 198 -20.87 -13.55 -40.58
N LEU B 199 -20.11 -14.64 -40.48
CA LEU B 199 -20.67 -15.93 -40.14
C LEU B 199 -19.79 -16.52 -39.04
N LEU B 200 -20.23 -16.36 -37.79
CA LEU B 200 -19.51 -16.87 -36.62
C LEU B 200 -20.50 -17.53 -35.63
N GLY B 201 -20.53 -17.08 -34.38
CA GLY B 201 -21.45 -17.65 -33.38
C GLY B 201 -20.87 -18.87 -32.70
N HIS B 202 -21.64 -19.46 -31.80
CA HIS B 202 -21.05 -20.42 -30.85
C HIS B 202 -20.79 -21.82 -31.36
N PHE B 203 -21.13 -22.11 -32.61
CA PHE B 203 -20.75 -23.41 -33.16
C PHE B 203 -19.33 -23.44 -33.70
N VAL B 204 -18.66 -22.29 -33.71
CA VAL B 204 -17.29 -22.19 -34.17
C VAL B 204 -16.34 -22.84 -33.15
N LYS B 205 -15.58 -23.84 -33.61
CA LYS B 205 -14.55 -24.50 -32.76
C LYS B 205 -13.19 -23.82 -32.93
N SER B 206 -12.91 -23.32 -34.14
CA SER B 206 -11.61 -22.78 -34.45
C SER B 206 -11.58 -22.08 -35.81
N PHE B 207 -10.49 -21.35 -36.06
CA PHE B 207 -10.24 -20.79 -37.37
C PHE B 207 -9.16 -21.59 -38.08
N VAL B 208 -9.42 -21.94 -39.34
CA VAL B 208 -8.56 -22.82 -40.10
C VAL B 208 -7.16 -22.24 -40.20
N GLY B 209 -6.17 -23.07 -39.84
CA GLY B 209 -4.76 -22.70 -40.00
C GLY B 209 -4.16 -21.90 -38.84
N LEU B 210 -4.95 -21.60 -37.82
CA LEU B 210 -4.52 -20.77 -36.71
C LEU B 210 -4.36 -21.55 -35.42
N LYS B 211 -3.47 -21.10 -34.54
CA LYS B 211 -3.33 -21.69 -33.22
C LYS B 211 -4.60 -21.42 -32.40
N ASP B 212 -4.93 -22.30 -31.45
CA ASP B 212 -6.19 -22.16 -30.71
C ASP B 212 -6.30 -20.82 -29.95
N THR B 213 -5.18 -20.34 -29.45
CA THR B 213 -5.11 -19.08 -28.74
C THR B 213 -5.49 -17.90 -29.68
N GLU B 214 -5.07 -18.00 -30.93
CA GLU B 214 -5.36 -17.01 -31.95
C GLU B 214 -6.82 -17.08 -32.41
N SER B 215 -7.34 -18.29 -32.54
CA SER B 215 -8.77 -18.49 -32.80
C SER B 215 -9.65 -17.87 -31.71
N ALA B 216 -9.29 -18.08 -30.46
CA ALA B 216 -10.03 -17.48 -29.32
C ALA B 216 -10.03 -15.96 -29.34
N ALA B 217 -8.88 -15.37 -29.63
CA ALA B 217 -8.73 -13.92 -29.60
C ALA B 217 -9.45 -13.27 -30.76
N LEU B 218 -9.34 -13.85 -31.95
CA LEU B 218 -10.01 -13.30 -33.11
C LEU B 218 -11.54 -13.50 -33.03
N PHE B 219 -11.97 -14.65 -32.52
CA PHE B 219 -13.38 -14.92 -32.33
C PHE B 219 -14.01 -13.88 -31.40
N ARG B 220 -13.37 -13.64 -30.26
CA ARG B 220 -13.84 -12.61 -29.32
C ARG B 220 -13.86 -11.21 -29.95
N LEU B 221 -12.81 -10.89 -30.71
CA LEU B 221 -12.73 -9.61 -31.41
C LEU B 221 -13.92 -9.38 -32.35
N PHE B 222 -14.19 -10.37 -33.20
CA PHE B 222 -15.32 -10.24 -34.11
C PHE B 222 -16.64 -10.28 -33.38
N GLN B 223 -16.79 -11.21 -32.44
CA GLN B 223 -18.04 -11.32 -31.69
C GLN B 223 -18.33 -10.03 -30.92
N ASP B 224 -17.30 -9.42 -30.35
CA ASP B 224 -17.44 -8.14 -29.68
C ASP B 224 -18.08 -7.08 -30.57
N ARG B 225 -17.63 -7.04 -31.81
CA ARG B 225 -18.21 -6.12 -32.78
C ARG B 225 -19.63 -6.49 -33.20
N ILE B 226 -19.92 -7.77 -33.27
CA ILE B 226 -21.25 -8.20 -33.66
C ILE B 226 -22.29 -7.88 -32.57
N THR B 227 -21.93 -8.11 -31.33
CA THR B 227 -22.87 -8.02 -30.23
C THR B 227 -22.85 -6.67 -29.49
N ARG B 228 -22.02 -5.72 -29.92
CA ARG B 228 -22.11 -4.32 -29.50
C ARG B 228 -23.61 -3.98 -29.45
N LEU B 229 -24.07 -3.36 -28.37
CA LEU B 229 -25.49 -3.11 -28.20
C LEU B 229 -26.12 -2.38 -29.37
N GLU B 230 -25.38 -1.44 -29.92
CA GLU B 230 -25.77 -0.66 -31.12
C GLU B 230 -26.21 -1.52 -32.31
N ASN B 231 -25.61 -2.71 -32.47
CA ASN B 231 -26.01 -3.65 -33.53
C ASN B 231 -27.06 -4.65 -33.11
N THR B 232 -27.73 -4.41 -31.99
CA THR B 232 -28.71 -5.35 -31.50
C THR B 232 -30.07 -4.73 -31.24
N VAL B 233 -31.09 -5.59 -31.30
CA VAL B 233 -32.41 -5.27 -30.83
C VAL B 233 -32.82 -6.35 -29.86
N ARG B 234 -33.53 -5.95 -28.81
CA ARG B 234 -33.93 -6.86 -27.77
C ARG B 234 -35.42 -6.78 -27.59
N TRP B 235 -36.09 -7.92 -27.78
CA TRP B 235 -37.54 -7.98 -27.84
C TRP B 235 -38.13 -8.54 -26.55
N SER B 236 -39.15 -7.87 -26.05
CA SER B 236 -39.99 -8.36 -24.96
C SER B 236 -41.20 -9.05 -25.53
N TRP B 237 -41.28 -10.37 -25.32
CA TRP B 237 -42.34 -11.17 -25.90
C TRP B 237 -43.69 -10.94 -25.20
N LYS B 238 -44.75 -10.91 -26.01
CA LYS B 238 -46.13 -10.83 -25.52
C LYS B 238 -46.90 -11.93 -26.24
N PRO B 239 -47.95 -12.44 -25.60
CA PRO B 239 -48.79 -13.39 -26.35
C PRO B 239 -49.22 -12.79 -27.69
N GLY B 240 -49.27 -13.60 -28.73
CA GLY B 240 -49.62 -13.15 -30.07
C GLY B 240 -48.44 -12.62 -30.88
N ASP B 241 -47.24 -12.64 -30.31
CA ASP B 241 -46.05 -12.19 -31.02
C ASP B 241 -45.47 -13.30 -31.91
N LEU B 242 -44.94 -12.88 -33.07
CA LEU B 242 -44.24 -13.77 -33.97
C LEU B 242 -43.04 -13.02 -34.50
N ALA B 243 -41.86 -13.60 -34.34
CA ALA B 243 -40.63 -13.03 -34.90
C ALA B 243 -40.15 -13.83 -36.08
N ILE B 244 -39.66 -13.14 -37.11
CA ILE B 244 -38.99 -13.78 -38.25
C ILE B 244 -37.64 -13.12 -38.44
N TRP B 245 -36.58 -13.94 -38.53
CA TRP B 245 -35.24 -13.38 -38.73
C TRP B 245 -34.47 -14.01 -39.87
N ASP B 246 -33.61 -13.20 -40.47
CA ASP B 246 -32.74 -13.63 -41.53
C ASP B 246 -31.51 -14.24 -40.89
N ASN B 247 -31.46 -15.55 -40.90
CA ASN B 247 -30.38 -16.30 -40.24
C ASN B 247 -29.07 -16.20 -41.01
N ARG B 248 -29.11 -15.64 -42.20
CA ARG B 248 -27.89 -15.35 -42.95
C ARG B 248 -27.21 -14.04 -42.54
N ALA B 249 -27.93 -13.17 -41.84
CA ALA B 249 -27.39 -11.86 -41.49
C ALA B 249 -27.57 -11.52 -40.03
N THR B 250 -27.76 -12.54 -39.19
CA THR B 250 -27.91 -12.33 -37.76
C THR B 250 -27.31 -13.40 -36.91
N GLN B 251 -27.19 -13.07 -35.64
CA GLN B 251 -27.11 -14.02 -34.56
C GLN B 251 -28.20 -13.67 -33.57
N HIS B 252 -28.48 -14.55 -32.63
CA HIS B 252 -29.42 -14.23 -31.57
C HIS B 252 -29.07 -14.93 -30.29
N TYR B 253 -29.78 -14.55 -29.25
CA TYR B 253 -29.44 -14.92 -27.90
C TYR B 253 -30.73 -14.96 -27.11
N ALA B 254 -31.02 -16.09 -26.49
CA ALA B 254 -32.20 -16.24 -25.64
C ALA B 254 -31.76 -15.94 -24.21
N VAL B 255 -32.29 -14.87 -23.64
CA VAL B 255 -31.86 -14.42 -22.32
C VAL B 255 -32.57 -15.23 -21.24
N ALA B 256 -31.78 -15.82 -20.35
CA ALA B 256 -32.30 -16.66 -19.26
C ALA B 256 -32.46 -15.84 -17.98
N ASP B 257 -33.35 -14.86 -18.02
CA ASP B 257 -33.58 -13.95 -16.89
C ASP B 257 -34.99 -14.12 -16.31
N TYR B 258 -35.52 -15.33 -16.37
CA TYR B 258 -36.88 -15.57 -15.90
C TYR B 258 -36.94 -16.66 -14.85
N ASP B 259 -35.78 -16.91 -14.22
CA ASP B 259 -35.67 -17.88 -13.15
C ASP B 259 -36.23 -19.18 -13.67
N ASP B 260 -36.94 -19.94 -12.84
CA ASP B 260 -37.41 -21.26 -13.26
C ASP B 260 -38.82 -21.22 -13.86
N GLN B 261 -39.31 -20.05 -14.32
CA GLN B 261 -40.62 -19.99 -14.97
C GLN B 261 -40.68 -20.73 -16.32
N TYR B 262 -41.83 -21.30 -16.60
CA TYR B 262 -42.02 -22.10 -17.80
C TYR B 262 -42.15 -21.15 -18.98
N ARG B 263 -41.53 -21.52 -20.11
CA ARG B 263 -41.52 -20.70 -21.31
C ARG B 263 -41.46 -21.55 -22.56
N ARG B 264 -42.40 -21.34 -23.48
CA ARG B 264 -42.47 -22.12 -24.69
C ARG B 264 -42.73 -21.22 -25.88
N LEU B 265 -41.86 -21.34 -26.88
CA LEU B 265 -42.10 -20.80 -28.21
C LEU B 265 -41.95 -21.91 -29.26
N ASN B 266 -42.62 -21.75 -30.40
CA ASN B 266 -42.58 -22.74 -31.47
C ASN B 266 -41.85 -22.15 -32.68
N ARG B 267 -40.90 -22.92 -33.19
CA ARG B 267 -40.03 -22.48 -34.26
C ARG B 267 -40.28 -23.25 -35.56
N VAL B 268 -40.31 -22.53 -36.67
CA VAL B 268 -40.30 -23.15 -37.98
C VAL B 268 -39.10 -22.56 -38.68
N THR B 269 -38.34 -23.42 -39.35
CA THR B 269 -37.12 -23.00 -39.97
C THR B 269 -37.21 -23.20 -41.48
N LEU B 270 -36.65 -22.26 -42.24
CA LEU B 270 -36.71 -22.28 -43.70
C LEU B 270 -35.36 -22.59 -44.31
N ALA B 271 -35.38 -23.46 -45.32
CA ALA B 271 -34.15 -23.96 -45.95
C ALA B 271 -33.33 -22.83 -46.56
N GLY B 272 -32.02 -22.91 -46.40
CA GLY B 272 -31.13 -21.91 -46.93
C GLY B 272 -30.22 -22.55 -47.96
N ASP B 273 -29.19 -21.82 -48.37
CA ASP B 273 -28.26 -22.31 -49.34
C ASP B 273 -26.87 -22.44 -48.71
N ILE B 274 -25.88 -22.81 -49.51
CA ILE B 274 -24.54 -23.03 -49.03
C ILE B 274 -23.77 -21.70 -49.16
N PRO B 275 -23.13 -21.27 -48.07
CA PRO B 275 -22.42 -20.02 -48.07
C PRO B 275 -21.32 -19.99 -49.11
N VAL B 276 -21.17 -18.82 -49.74
CA VAL B 276 -20.07 -18.61 -50.65
C VAL B 276 -19.24 -17.49 -50.07
N ASP B 277 -17.92 -17.63 -50.16
CA ASP B 277 -17.04 -16.61 -49.67
C ASP B 277 -16.90 -15.49 -50.71
N VAL B 278 -16.07 -14.54 -50.40
CA VAL B 278 -15.94 -13.32 -51.18
C VAL B 278 -15.26 -13.58 -52.55
N TYR B 279 -14.58 -14.73 -52.70
CA TYR B 279 -13.90 -15.12 -53.94
C TYR B 279 -14.63 -16.20 -54.72
N GLY B 280 -15.87 -16.52 -54.31
CA GLY B 280 -16.64 -17.58 -54.97
C GLY B 280 -16.47 -18.99 -54.41
N GLU B 281 -15.63 -19.19 -53.40
CA GLU B 281 -15.45 -20.52 -52.82
C GLU B 281 -16.60 -20.88 -51.86
N ARG B 282 -17.07 -22.12 -51.93
CA ARG B 282 -18.18 -22.60 -51.13
C ARG B 282 -17.68 -23.32 -49.89
N SER B 283 -18.59 -23.46 -48.92
CA SER B 283 -18.32 -24.21 -47.68
C SER B 283 -17.94 -25.65 -47.97
N ARG B 284 -17.08 -26.21 -47.12
CA ARG B 284 -16.54 -27.57 -47.31
C ARG B 284 -17.05 -28.43 -46.18
N VAL B 285 -17.89 -29.41 -46.49
CA VAL B 285 -18.38 -30.32 -45.46
C VAL B 285 -17.29 -31.31 -45.10
N ILE B 286 -16.98 -31.42 -43.80
CA ILE B 286 -16.00 -32.38 -43.32
C ILE B 286 -16.68 -33.64 -42.85
N ALA B 287 -17.80 -33.50 -42.17
CA ALA B 287 -18.56 -34.64 -41.65
C ALA B 287 -20.04 -34.31 -41.51
N GLY B 288 -20.87 -35.31 -41.71
CA GLY B 288 -22.32 -35.19 -41.58
C GLY B 288 -22.97 -35.02 -42.92
N ASP B 289 -24.27 -35.29 -42.97
CA ASP B 289 -25.03 -35.21 -44.22
C ASP B 289 -26.38 -34.58 -43.92
N ALA B 290 -26.61 -33.42 -44.51
CA ALA B 290 -27.79 -32.61 -44.21
C ALA B 290 -28.91 -32.75 -45.24
N SER B 291 -28.78 -33.68 -46.20
CA SER B 291 -29.82 -33.93 -47.23
C SER B 291 -31.18 -34.19 -46.60
N SER B 292 -31.14 -34.90 -45.48
CA SER B 292 -32.36 -35.31 -44.79
C SER B 292 -32.98 -34.15 -44.01
N TYR B 293 -32.13 -33.29 -43.46
CA TYR B 293 -32.57 -32.09 -42.78
C TYR B 293 -33.32 -31.13 -43.73
N SER B 294 -32.72 -30.86 -44.88
CA SER B 294 -33.30 -29.94 -45.83
C SER B 294 -32.64 -29.99 -47.19
N PRO B 295 -33.35 -29.48 -48.21
CA PRO B 295 -32.70 -29.26 -49.50
C PRO B 295 -31.84 -27.99 -49.50
N VAL B 296 -31.12 -27.76 -50.59
CA VAL B 296 -30.40 -26.52 -50.82
C VAL B 296 -31.33 -25.53 -51.54
N ASP B 297 -31.54 -24.35 -50.95
CA ASP B 297 -32.36 -23.29 -51.55
C ASP B 297 -31.44 -22.36 -52.33
N VAL C 6 35.32 -36.21 -2.18
CA VAL C 6 34.44 -35.79 -3.32
C VAL C 6 33.72 -34.46 -3.00
N GLN C 7 34.20 -33.38 -3.61
CA GLN C 7 33.65 -32.05 -3.39
C GLN C 7 32.60 -31.82 -4.45
N VAL C 8 31.42 -31.38 -4.01
CA VAL C 8 30.31 -31.07 -4.92
C VAL C 8 30.21 -29.56 -5.03
N THR C 9 30.71 -28.99 -6.12
CA THR C 9 30.66 -27.53 -6.22
C THR C 9 29.52 -27.08 -7.12
N VAL C 10 28.81 -26.06 -6.62
CA VAL C 10 27.59 -25.59 -7.19
C VAL C 10 27.86 -24.20 -7.70
N THR C 11 27.61 -23.98 -8.99
CA THR C 11 27.77 -22.67 -9.61
C THR C 11 26.44 -22.20 -10.19
N LYS C 12 25.88 -21.15 -9.58
CA LYS C 12 24.63 -20.51 -10.03
C LYS C 12 24.72 -20.08 -11.48
N LEU C 13 23.64 -20.31 -12.23
CA LEU C 13 23.54 -19.83 -13.60
C LEU C 13 22.66 -18.58 -13.73
N GLY C 14 21.71 -18.38 -12.83
CA GLY C 14 20.83 -17.22 -12.86
C GLY C 14 20.21 -16.97 -11.51
N ALA C 15 19.61 -15.80 -11.34
CA ALA C 15 19.13 -15.37 -10.04
C ALA C 15 18.08 -16.31 -9.41
N HIS C 16 17.15 -16.79 -10.21
CA HIS C 16 15.99 -17.49 -9.72
C HIS C 16 15.98 -18.98 -10.02
N ILE C 17 16.88 -19.44 -10.89
CA ILE C 17 16.88 -20.84 -11.33
C ILE C 17 18.19 -21.22 -12.06
N GLY C 18 18.63 -22.46 -11.86
CA GLY C 18 19.74 -23.03 -12.61
C GLY C 18 21.06 -23.04 -11.86
N ALA C 19 21.73 -24.19 -11.84
CA ALA C 19 23.12 -24.26 -11.38
C ALA C 19 23.87 -25.37 -12.10
N ARG C 20 25.16 -25.17 -12.35
CA ARG C 20 26.03 -26.25 -12.79
C ARG C 20 26.57 -26.98 -11.56
N ILE C 21 26.70 -28.30 -11.67
CA ILE C 21 27.39 -29.10 -10.67
C ILE C 21 28.70 -29.59 -11.27
N ASP C 22 29.77 -29.49 -10.49
CA ASP C 22 31.11 -29.98 -10.90
C ASP C 22 31.69 -30.85 -9.80
N GLY C 23 32.64 -31.71 -10.19
CA GLY C 23 33.41 -32.49 -9.22
C GLY C 23 32.86 -33.86 -8.87
N VAL C 24 31.82 -34.30 -9.57
CA VAL C 24 31.18 -35.57 -9.30
C VAL C 24 31.17 -36.46 -10.53
N ARG C 25 31.75 -37.67 -10.40
CA ARG C 25 31.60 -38.70 -11.40
C ARG C 25 30.31 -39.37 -11.04
N VAL C 26 29.27 -39.10 -11.81
CA VAL C 26 27.92 -39.51 -11.46
C VAL C 26 27.74 -41.02 -11.63
N GLY C 27 27.10 -41.63 -10.64
CA GLY C 27 26.86 -43.08 -10.68
C GLY C 27 26.17 -43.56 -9.43
N GLY C 28 26.08 -44.88 -9.29
CA GLY C 28 25.39 -45.50 -8.15
C GLY C 28 26.22 -45.66 -6.88
N ASP C 29 27.48 -45.27 -6.92
CA ASP C 29 28.40 -45.49 -5.79
C ASP C 29 28.83 -44.19 -5.11
N LEU C 30 27.90 -43.27 -4.90
CA LEU C 30 28.21 -42.00 -4.25
C LEU C 30 27.87 -42.03 -2.77
N SER C 31 28.63 -41.29 -1.97
CA SER C 31 28.40 -41.23 -0.51
C SER C 31 27.10 -40.48 -0.16
N PRO C 32 26.50 -40.80 1.00
CA PRO C 32 25.33 -40.04 1.44
C PRO C 32 25.55 -38.50 1.49
N ALA C 33 26.75 -38.08 1.89
CA ALA C 33 27.11 -36.65 1.92
C ALA C 33 27.02 -36.01 0.55
N THR C 34 27.55 -36.73 -0.45
CA THR C 34 27.50 -36.30 -1.84
C THR C 34 26.07 -36.29 -2.38
N VAL C 35 25.31 -37.33 -2.09
CA VAL C 35 23.92 -37.43 -2.52
C VAL C 35 23.08 -36.30 -1.95
N SER C 36 23.26 -36.02 -0.67
CA SER C 36 22.42 -35.01 -0.02
C SER C 36 22.86 -33.59 -0.39
N ALA C 37 24.15 -33.41 -0.74
CA ALA C 37 24.59 -32.13 -1.29
C ALA C 37 24.01 -31.90 -2.71
N ILE C 38 23.95 -32.97 -3.51
CA ILE C 38 23.27 -32.92 -4.81
C ILE C 38 21.78 -32.60 -4.64
N ASN C 39 21.15 -33.28 -3.69
CA ASN C 39 19.74 -33.06 -3.40
C ASN C 39 19.48 -31.63 -2.93
N ALA C 40 20.35 -31.10 -2.09
CA ALA C 40 20.20 -29.75 -1.57
C ALA C 40 20.29 -28.72 -2.72
N ALA C 41 21.21 -28.95 -3.65
CA ALA C 41 21.39 -28.08 -4.79
C ALA C 41 20.15 -28.11 -5.69
N LEU C 42 19.63 -29.31 -5.90
CA LEU C 42 18.44 -29.48 -6.69
C LEU C 42 17.30 -28.62 -6.12
N LEU C 43 17.11 -28.64 -4.81
CA LEU C 43 15.96 -27.97 -4.21
C LEU C 43 16.10 -26.48 -4.26
N GLU C 44 17.33 -26.01 -4.10
CA GLU C 44 17.63 -24.59 -4.07
C GLU C 44 17.58 -24.02 -5.49
N HIS C 45 18.19 -24.73 -6.44
CA HIS C 45 18.37 -24.21 -7.80
C HIS C 45 17.37 -24.72 -8.84
N LYS C 46 16.59 -25.75 -8.51
CA LYS C 46 15.44 -26.22 -9.29
C LYS C 46 15.80 -27.08 -10.48
N VAL C 47 16.82 -26.68 -11.23
CA VAL C 47 17.41 -27.58 -12.23
C VAL C 47 18.91 -27.45 -12.12
N ILE C 48 19.59 -28.59 -12.12
CA ILE C 48 21.03 -28.62 -12.03
C ILE C 48 21.61 -29.45 -13.17
N PHE C 49 22.81 -29.11 -13.59
CA PHE C 49 23.44 -29.67 -14.78
C PHE C 49 24.81 -30.27 -14.45
N PHE C 50 25.01 -31.54 -14.79
CA PHE C 50 26.34 -32.14 -14.73
C PHE C 50 26.88 -32.25 -16.15
N SER C 51 28.18 -32.10 -16.28
CA SER C 51 28.84 -32.17 -17.56
C SER C 51 29.99 -33.14 -17.49
N GLY C 52 30.46 -33.54 -18.68
CA GLY C 52 31.62 -34.43 -18.80
C GLY C 52 31.37 -35.83 -18.27
N GLN C 53 30.12 -36.26 -18.24
CA GLN C 53 29.78 -37.58 -17.70
C GLN C 53 29.89 -38.65 -18.79
N ASP C 54 31.04 -38.68 -19.46
CA ASP C 54 31.29 -39.57 -20.63
C ASP C 54 31.12 -41.05 -20.33
N HIS C 55 31.43 -41.42 -19.10
CA HIS C 55 31.29 -42.80 -18.61
C HIS C 55 29.84 -43.26 -18.39
N LEU C 56 28.90 -42.34 -18.37
CA LEU C 56 27.56 -42.67 -17.90
C LEU C 56 26.72 -43.35 -18.98
N ASP C 57 26.10 -44.48 -18.63
CA ASP C 57 25.15 -45.17 -19.52
C ASP C 57 23.78 -45.33 -18.86
N ASP C 58 22.87 -46.02 -19.51
CA ASP C 58 21.51 -46.16 -18.99
C ASP C 58 21.46 -46.80 -17.63
N ALA C 59 22.22 -47.88 -17.44
CA ALA C 59 22.28 -48.56 -16.16
C ALA C 59 22.85 -47.64 -15.07
N GLY C 60 23.92 -46.91 -15.40
CA GLY C 60 24.51 -45.95 -14.47
C GLY C 60 23.57 -44.82 -14.09
N GLN C 61 22.88 -44.27 -15.09
CA GLN C 61 21.91 -43.22 -14.86
C GLN C 61 20.84 -43.72 -13.90
N LEU C 62 20.42 -44.96 -14.11
CA LEU C 62 19.39 -45.55 -13.28
C LEU C 62 19.88 -45.84 -11.86
N GLU C 63 21.08 -46.38 -11.75
CA GLU C 63 21.71 -46.60 -10.45
C GLU C 63 21.82 -45.27 -9.68
N PHE C 64 22.20 -44.21 -10.38
CA PHE C 64 22.30 -42.89 -9.77
C PHE C 64 20.92 -42.39 -9.34
N ALA C 65 19.94 -42.54 -10.23
CA ALA C 65 18.58 -42.14 -9.92
C ALA C 65 18.08 -42.82 -8.64
N GLU C 66 18.40 -44.10 -8.48
CA GLU C 66 18.02 -44.86 -7.30
C GLU C 66 18.45 -44.22 -5.98
N LEU C 67 19.58 -43.52 -5.98
CA LEU C 67 20.04 -42.83 -4.79
C LEU C 67 19.23 -41.59 -4.44
N LEU C 68 18.51 -41.02 -5.41
CA LEU C 68 17.79 -39.76 -5.18
C LEU C 68 16.32 -39.94 -4.97
N GLY C 69 15.83 -41.14 -5.22
CA GLY C 69 14.40 -41.44 -5.03
C GLY C 69 14.05 -42.81 -5.56
N THR C 70 12.77 -43.02 -5.81
CA THR C 70 12.27 -44.27 -6.35
C THR C 70 11.92 -44.12 -7.81
N PRO C 71 12.70 -44.74 -8.70
CA PRO C 71 12.38 -44.61 -10.11
C PRO C 71 11.01 -45.10 -10.43
N THR C 72 10.39 -44.40 -11.33
CA THR C 72 9.08 -44.62 -11.76
C THR C 72 9.10 -45.57 -12.97
N VAL C 73 7.97 -46.17 -13.31
CA VAL C 73 7.84 -46.75 -14.65
C VAL C 73 8.10 -45.55 -15.56
N ALA C 74 8.62 -45.76 -16.77
CA ALA C 74 8.97 -44.62 -17.65
C ALA C 74 7.85 -43.55 -17.72
N HIS C 75 6.61 -44.00 -17.94
CA HIS C 75 5.48 -43.09 -18.15
C HIS C 75 4.15 -43.86 -17.92
N PRO C 76 3.10 -43.17 -17.41
CA PRO C 76 1.79 -43.83 -17.15
C PRO C 76 1.22 -44.65 -18.32
N THR C 77 1.32 -44.08 -19.53
CA THR C 77 0.77 -44.63 -20.79
C THR C 77 1.82 -44.91 -21.89
N LEU C 78 2.94 -44.19 -21.91
CA LEU C 78 3.94 -44.29 -22.99
C LEU C 78 4.92 -45.46 -22.81
N ALA C 79 4.99 -46.04 -21.61
CA ALA C 79 5.92 -47.13 -21.36
C ALA C 79 5.47 -48.38 -22.14
N GLU C 80 6.43 -49.08 -22.76
CA GLU C 80 6.13 -50.31 -23.52
C GLU C 80 5.76 -51.42 -22.51
N GLY C 81 6.38 -51.38 -21.33
CA GLY C 81 6.12 -52.34 -20.26
C GLY C 81 6.34 -51.70 -18.88
N ALA C 82 7.31 -52.23 -18.14
CA ALA C 82 7.62 -51.78 -16.76
C ALA C 82 8.98 -51.07 -16.70
N GLU C 83 9.59 -50.83 -17.86
CA GLU C 83 10.92 -50.21 -17.94
C GLU C 83 10.91 -48.79 -17.31
N GLN C 84 12.04 -48.43 -16.71
CA GLN C 84 12.18 -47.16 -15.96
C GLN C 84 12.75 -45.98 -16.80
N LEU C 85 13.34 -46.28 -17.97
CA LEU C 85 13.83 -45.26 -18.89
C LEU C 85 12.80 -44.89 -19.96
N LEU C 86 12.63 -43.59 -20.17
CA LEU C 86 11.77 -43.04 -21.22
C LEU C 86 12.62 -42.42 -22.34
N PRO C 87 12.41 -42.86 -23.60
CA PRO C 87 13.12 -42.19 -24.68
C PRO C 87 12.51 -40.82 -24.99
N ILE C 88 13.34 -39.79 -25.01
CA ILE C 88 12.94 -38.47 -25.49
C ILE C 88 13.54 -38.44 -26.91
N ASP C 89 12.78 -38.99 -27.85
CA ASP C 89 13.24 -39.25 -29.20
C ASP C 89 12.48 -38.30 -30.13
N SER C 90 13.25 -37.57 -30.94
CA SER C 90 12.71 -36.57 -31.89
C SER C 90 11.80 -37.13 -33.02
N ARG C 91 11.91 -38.43 -33.29
CA ARG C 91 11.07 -39.10 -34.29
C ARG C 91 9.62 -39.23 -33.80
N TYR C 92 9.45 -39.38 -32.48
CA TYR C 92 8.15 -39.65 -31.86
C TYR C 92 7.45 -38.37 -31.41
N ASP C 93 8.18 -37.45 -30.77
CA ASP C 93 7.61 -36.15 -30.34
C ASP C 93 8.69 -35.10 -30.06
N LYS C 94 8.28 -33.83 -30.15
CA LYS C 94 9.00 -32.70 -29.55
C LYS C 94 7.97 -31.94 -28.64
N ALA C 95 8.15 -32.04 -27.32
CA ALA C 95 7.32 -31.34 -26.33
C ALA C 95 7.58 -29.80 -26.38
N ASN C 96 7.25 -29.15 -27.52
CA ASN C 96 7.49 -27.70 -27.76
C ASN C 96 6.49 -26.78 -27.03
N SER C 97 6.31 -27.02 -25.73
CA SER C 97 5.20 -26.45 -24.98
C SER C 97 5.50 -26.49 -23.46
N TRP C 98 5.16 -25.42 -22.75
CA TRP C 98 5.50 -25.32 -21.32
C TRP C 98 4.68 -26.27 -20.48
N HIS C 99 5.37 -27.14 -19.73
CA HIS C 99 4.66 -28.07 -18.89
C HIS C 99 5.47 -28.59 -17.71
N THR C 100 4.73 -29.13 -16.76
CA THR C 100 5.27 -29.92 -15.67
C THR C 100 4.91 -31.38 -16.01
N ASP C 101 5.81 -32.31 -15.72
CA ASP C 101 5.62 -33.68 -16.16
C ASP C 101 4.50 -34.38 -15.43
N VAL C 102 3.67 -35.05 -16.22
CA VAL C 102 2.67 -35.99 -15.71
C VAL C 102 1.84 -35.39 -14.55
N THR C 103 1.23 -34.22 -14.77
CA THR C 103 0.41 -33.59 -13.75
C THR C 103 -1.01 -34.09 -13.83
N PHE C 104 -1.30 -34.97 -14.78
CA PHE C 104 -2.64 -35.56 -14.88
C PHE C 104 -2.87 -36.76 -13.94
N VAL C 105 -1.90 -37.05 -13.09
CA VAL C 105 -2.06 -38.06 -12.04
C VAL C 105 -1.97 -37.37 -10.70
N ASP C 106 -2.41 -38.05 -9.65
CA ASP C 106 -2.30 -37.52 -8.31
C ASP C 106 -0.83 -37.42 -7.90
N ARG C 107 -0.08 -38.49 -8.13
CA ARG C 107 1.29 -38.58 -7.62
C ARG C 107 2.27 -38.00 -8.65
N ILE C 108 2.29 -36.67 -8.71
CA ILE C 108 3.11 -35.98 -9.68
C ILE C 108 4.57 -36.30 -9.36
N PRO C 109 5.32 -36.77 -10.36
CA PRO C 109 6.68 -37.19 -10.08
C PRO C 109 7.50 -36.03 -9.56
N LYS C 110 8.39 -36.30 -8.61
CA LYS C 110 9.09 -35.22 -7.93
C LYS C 110 10.25 -34.65 -8.74
N ALA C 111 10.80 -35.45 -9.63
CA ALA C 111 12.01 -35.07 -10.35
C ALA C 111 12.25 -35.95 -11.55
N SER C 112 13.04 -35.45 -12.48
CA SER C 112 13.50 -36.22 -13.62
C SER C 112 14.99 -36.01 -13.86
N LEU C 113 15.62 -37.04 -14.40
CA LEU C 113 17.01 -37.00 -14.80
C LEU C 113 17.02 -37.20 -16.30
N LEU C 114 17.71 -36.32 -17.01
CA LEU C 114 17.74 -36.40 -18.47
C LEU C 114 19.19 -36.35 -18.96
N ARG C 115 19.58 -37.37 -19.72
CA ARG C 115 20.94 -37.53 -20.16
C ARG C 115 21.01 -37.44 -21.68
N ALA C 116 21.97 -36.67 -22.19
CA ALA C 116 22.18 -36.56 -23.64
C ALA C 116 22.78 -37.84 -24.20
N VAL C 117 22.21 -38.32 -25.31
CA VAL C 117 22.72 -39.49 -26.03
C VAL C 117 23.16 -39.09 -27.44
N THR C 118 22.26 -38.48 -28.20
CA THR C 118 22.55 -38.07 -29.58
C THR C 118 22.00 -36.65 -29.86
N LEU C 119 22.89 -35.73 -30.23
CA LEU C 119 22.51 -34.34 -30.32
C LEU C 119 22.62 -33.79 -31.73
N PRO C 120 21.71 -32.85 -32.08
CA PRO C 120 21.80 -32.17 -33.37
C PRO C 120 22.97 -31.18 -33.36
N SER C 121 23.48 -30.86 -34.52
CA SER C 121 24.61 -29.93 -34.62
C SER C 121 24.24 -28.52 -34.18
N TYR C 122 22.96 -28.16 -34.30
CA TYR C 122 22.49 -26.88 -33.80
C TYR C 122 21.13 -27.04 -33.13
N GLY C 123 20.82 -26.08 -32.28
CA GLY C 123 19.53 -26.03 -31.62
C GLY C 123 19.36 -27.17 -30.63
N GLY C 124 18.11 -27.42 -30.26
CA GLY C 124 17.77 -28.50 -29.35
C GLY C 124 17.95 -28.14 -27.90
N THR C 125 17.81 -26.85 -27.59
CA THR C 125 17.91 -26.42 -26.23
C THR C 125 16.67 -26.82 -25.47
N THR C 126 16.81 -26.88 -24.15
CA THR C 126 15.70 -27.05 -23.24
C THR C 126 15.68 -25.87 -22.28
N ALA C 127 14.48 -25.41 -21.94
CA ALA C 127 14.32 -24.35 -20.96
C ALA C 127 13.53 -24.82 -19.75
N TRP C 128 13.84 -24.24 -18.60
CA TRP C 128 13.13 -24.51 -17.36
C TRP C 128 12.68 -23.20 -16.75
N ALA C 129 11.53 -23.25 -16.08
CA ALA C 129 11.01 -22.09 -15.37
C ALA C 129 10.78 -22.43 -13.93
N SER C 130 11.02 -21.48 -13.04
CA SER C 130 10.76 -21.69 -11.61
C SER C 130 9.36 -21.29 -11.21
N THR C 131 8.53 -22.27 -10.84
CA THR C 131 7.18 -22.00 -10.35
C THR C 131 7.17 -21.55 -8.89
N GLU C 132 8.33 -21.62 -8.24
CA GLU C 132 8.50 -21.03 -6.91
C GLU C 132 8.69 -19.54 -7.02
N ALA C 133 9.67 -19.12 -7.82
CA ALA C 133 9.96 -17.72 -7.98
C ALA C 133 8.74 -16.97 -8.52
N ALA C 134 8.05 -17.56 -9.49
CA ALA C 134 6.86 -16.95 -10.04
C ALA C 134 5.80 -16.66 -8.97
N TYR C 135 5.62 -17.60 -8.04
CA TYR C 135 4.70 -17.37 -6.94
C TYR C 135 5.15 -16.19 -6.06
N GLN C 136 6.43 -16.18 -5.67
CA GLN C 136 6.94 -15.14 -4.78
C GLN C 136 6.71 -13.78 -5.42
N GLN C 137 6.85 -13.73 -6.73
CA GLN C 137 6.75 -12.48 -7.46
C GLN C 137 5.32 -11.99 -7.63
N LEU C 138 4.34 -12.82 -7.30
CA LEU C 138 2.95 -12.39 -7.45
C LEU C 138 2.59 -11.29 -6.45
N PRO C 139 1.91 -10.23 -6.91
CA PRO C 139 1.33 -9.30 -5.97
C PRO C 139 0.22 -9.98 -5.16
N ALA C 140 0.03 -9.51 -3.93
CA ALA C 140 -0.82 -10.17 -2.93
C ALA C 140 -2.20 -10.65 -3.44
N PRO C 141 -2.92 -9.80 -4.20
CA PRO C 141 -4.24 -10.23 -4.66
C PRO C 141 -4.18 -11.45 -5.58
N LEU C 142 -3.16 -11.50 -6.44
CA LEU C 142 -2.95 -12.64 -7.33
C LEU C 142 -2.43 -13.88 -6.61
N ARG C 143 -1.62 -13.70 -5.58
CA ARG C 143 -1.21 -14.82 -4.71
C ARG C 143 -2.44 -15.50 -4.13
N THR C 144 -3.30 -14.70 -3.49
CA THR C 144 -4.47 -15.23 -2.82
C THR C 144 -5.39 -15.91 -3.82
N LEU C 145 -5.49 -15.35 -5.03
CA LEU C 145 -6.28 -15.98 -6.09
C LEU C 145 -5.71 -17.35 -6.41
N ALA C 146 -4.41 -17.39 -6.66
CA ALA C 146 -3.75 -18.66 -6.92
C ALA C 146 -3.93 -19.63 -5.77
N ASP C 147 -3.83 -19.13 -4.54
CA ASP C 147 -4.01 -19.96 -3.34
C ASP C 147 -5.37 -20.68 -3.34
N ASN C 148 -6.37 -20.03 -3.94
CA ASN C 148 -7.76 -20.52 -3.85
C ASN C 148 -8.29 -21.17 -5.13
N LEU C 149 -7.45 -21.25 -6.15
CA LEU C 149 -7.83 -21.84 -7.42
C LEU C 149 -7.43 -23.32 -7.51
N TRP C 150 -8.30 -24.09 -8.15
CA TRP C 150 -8.02 -25.48 -8.46
C TRP C 150 -8.15 -25.69 -9.97
N ALA C 151 -7.37 -26.61 -10.50
CA ALA C 151 -7.34 -26.84 -11.92
C ALA C 151 -7.57 -28.30 -12.26
N VAL C 152 -8.32 -28.53 -13.33
CA VAL C 152 -8.53 -29.86 -13.87
C VAL C 152 -7.37 -30.13 -14.83
N HIS C 153 -6.60 -31.18 -14.54
CA HIS C 153 -5.53 -31.64 -15.42
C HIS C 153 -5.97 -32.95 -16.04
N THR C 154 -5.73 -33.12 -17.34
CA THR C 154 -5.98 -34.40 -18.01
C THR C 154 -4.88 -34.70 -19.02
N ASN C 155 -4.85 -35.95 -19.49
CA ASN C 155 -3.94 -36.36 -20.56
C ASN C 155 -4.57 -36.33 -21.96
N ARG C 156 -5.85 -35.99 -22.06
CA ARG C 156 -6.52 -35.93 -23.37
C ARG C 156 -6.72 -34.47 -23.79
N ASP C 178 -6.38 -45.17 -21.99
CA ASP C 178 -6.00 -44.78 -20.64
C ASP C 178 -6.28 -43.29 -20.41
N TYR C 179 -7.47 -42.96 -19.89
CA TYR C 179 -7.86 -41.59 -19.59
C TYR C 179 -7.54 -41.23 -18.14
N TYR C 180 -6.91 -40.08 -17.95
CA TYR C 180 -6.59 -39.57 -16.62
C TYR C 180 -7.18 -38.17 -16.43
N GLU C 181 -7.80 -37.94 -15.27
CA GLU C 181 -8.31 -36.63 -14.92
C GLU C 181 -8.16 -36.44 -13.42
N VAL C 182 -7.55 -35.33 -13.02
CA VAL C 182 -7.31 -35.02 -11.62
C VAL C 182 -7.44 -33.52 -11.37
N GLU C 183 -8.00 -33.16 -10.22
CA GLU C 183 -8.10 -31.79 -9.81
C GLU C 183 -6.98 -31.51 -8.82
N HIS C 184 -6.08 -30.60 -9.21
CA HIS C 184 -4.94 -30.19 -8.39
C HIS C 184 -5.10 -28.76 -7.96
N PRO C 185 -4.55 -28.41 -6.79
CA PRO C 185 -4.52 -26.99 -6.48
C PRO C 185 -3.56 -26.27 -7.40
N VAL C 186 -3.86 -25.01 -7.72
CA VAL C 186 -2.97 -24.16 -8.50
C VAL C 186 -1.72 -23.79 -7.70
N VAL C 187 -1.84 -23.79 -6.38
CA VAL C 187 -0.69 -23.59 -5.50
C VAL C 187 -0.56 -24.77 -4.58
N ARG C 188 0.61 -25.39 -4.56
CA ARG C 188 0.89 -26.50 -3.68
C ARG C 188 2.03 -26.10 -2.76
N VAL C 189 2.07 -26.71 -1.59
CA VAL C 189 3.13 -26.47 -0.63
C VAL C 189 4.16 -27.56 -0.82
N HIS C 190 5.37 -27.16 -1.16
CA HIS C 190 6.44 -28.10 -1.48
C HIS C 190 6.77 -28.91 -0.22
N PRO C 191 6.68 -30.25 -0.30
CA PRO C 191 6.83 -31.11 0.87
C PRO C 191 8.24 -31.13 1.50
N GLU C 192 9.30 -30.89 0.72
CA GLU C 192 10.67 -30.80 1.25
C GLU C 192 11.10 -29.38 1.61
N THR C 193 10.73 -28.36 0.84
CA THR C 193 11.19 -26.99 1.11
C THR C 193 10.19 -26.17 1.93
N GLY C 194 8.93 -26.58 1.94
CA GLY C 194 7.87 -25.76 2.52
C GLY C 194 7.45 -24.56 1.70
N GLU C 195 8.13 -24.32 0.58
CA GLU C 195 7.85 -23.14 -0.25
C GLU C 195 6.55 -23.36 -1.05
N ARG C 196 5.78 -22.30 -1.24
CA ARG C 196 4.62 -22.37 -2.11
C ARG C 196 5.07 -22.27 -3.57
N VAL C 197 4.49 -23.11 -4.40
CA VAL C 197 4.84 -23.15 -5.82
C VAL C 197 3.60 -23.30 -6.68
N LEU C 198 3.65 -22.73 -7.88
CA LEU C 198 2.54 -22.84 -8.81
C LEU C 198 2.54 -24.22 -9.47
N LEU C 199 1.34 -24.72 -9.76
CA LEU C 199 1.16 -25.98 -10.43
C LEU C 199 0.19 -25.73 -11.57
N LEU C 200 0.73 -25.51 -12.76
CA LEU C 200 -0.08 -25.29 -13.98
C LEU C 200 0.51 -26.10 -15.15
N GLY C 201 0.85 -25.44 -16.28
CA GLY C 201 1.39 -26.14 -17.45
C GLY C 201 0.30 -26.70 -18.35
N HIS C 202 0.70 -27.36 -19.43
CA HIS C 202 -0.22 -27.61 -20.54
C HIS C 202 -1.20 -28.74 -20.35
N PHE C 203 -1.14 -29.47 -19.23
CA PHE C 203 -2.17 -30.49 -19.00
C PHE C 203 -3.44 -29.91 -18.37
N VAL C 204 -3.42 -28.62 -18.04
CA VAL C 204 -4.57 -27.93 -17.48
C VAL C 204 -5.63 -27.76 -18.54
N LYS C 205 -6.83 -28.29 -18.31
CA LYS C 205 -7.96 -28.08 -19.22
C LYS C 205 -8.78 -26.87 -18.78
N SER C 206 -8.86 -26.61 -17.48
CA SER C 206 -9.74 -25.57 -16.94
C SER C 206 -9.52 -25.32 -15.45
N PHE C 207 -10.09 -24.24 -14.96
CA PHE C 207 -10.07 -23.96 -13.53
C PHE C 207 -11.45 -24.23 -12.96
N VAL C 208 -11.48 -24.97 -11.85
CA VAL C 208 -12.74 -25.45 -11.27
C VAL C 208 -13.66 -24.27 -10.93
N GLY C 209 -14.90 -24.32 -11.43
CA GLY C 209 -15.92 -23.34 -11.08
C GLY C 209 -15.96 -22.09 -11.93
N LEU C 210 -15.05 -22.00 -12.90
CA LEU C 210 -14.92 -20.82 -13.74
C LEU C 210 -15.40 -21.07 -15.18
N LYS C 211 -15.86 -20.03 -15.85
CA LYS C 211 -16.18 -20.10 -17.27
C LYS C 211 -14.88 -20.33 -18.07
N ASP C 212 -14.99 -20.98 -19.22
CA ASP C 212 -13.81 -21.33 -20.01
C ASP C 212 -12.98 -20.10 -20.44
N THR C 213 -13.65 -18.99 -20.74
CA THR C 213 -12.96 -17.75 -21.09
C THR C 213 -12.13 -17.23 -19.93
N GLU C 214 -12.64 -17.41 -18.72
CA GLU C 214 -11.95 -17.01 -17.50
C GLU C 214 -10.76 -17.93 -17.18
N SER C 215 -10.95 -19.23 -17.39
CA SER C 215 -9.85 -20.18 -17.29
C SER C 215 -8.70 -19.83 -18.24
N ALA C 216 -9.03 -19.50 -19.48
CA ALA C 216 -8.02 -19.14 -20.49
C ALA C 216 -7.25 -17.89 -20.11
N ALA C 217 -7.96 -16.89 -19.60
CA ALA C 217 -7.34 -15.62 -19.28
C ALA C 217 -6.43 -15.75 -18.04
N LEU C 218 -6.90 -16.46 -17.04
CA LEU C 218 -6.12 -16.62 -15.82
C LEU C 218 -4.92 -17.55 -16.07
N PHE C 219 -5.12 -18.61 -16.84
CA PHE C 219 -4.04 -19.52 -17.21
C PHE C 219 -2.90 -18.75 -17.90
N ARG C 220 -3.26 -17.94 -18.89
CA ARG C 220 -2.29 -17.11 -19.61
C ARG C 220 -1.59 -16.13 -18.65
N LEU C 221 -2.36 -15.53 -17.74
CA LEU C 221 -1.80 -14.59 -16.77
C LEU C 221 -0.72 -15.25 -15.91
N PHE C 222 -1.05 -16.38 -15.33
CA PHE C 222 -0.11 -17.08 -14.50
C PHE C 222 1.06 -17.62 -15.32
N GLN C 223 0.76 -18.25 -16.46
CA GLN C 223 1.83 -18.79 -17.31
C GLN C 223 2.79 -17.68 -17.78
N ASP C 224 2.26 -16.50 -18.10
CA ASP C 224 3.10 -15.37 -18.46
C ASP C 224 4.12 -15.05 -17.39
N ARG C 225 3.68 -15.08 -16.14
CA ARG C 225 4.58 -14.86 -15.02
C ARG C 225 5.56 -15.99 -14.79
N ILE C 226 5.15 -17.21 -15.05
CA ILE C 226 6.06 -18.34 -14.88
C ILE C 226 7.19 -18.32 -15.92
N THR C 227 6.83 -18.00 -17.16
CA THR C 227 7.75 -18.15 -18.28
C THR C 227 8.47 -16.87 -18.68
N ARG C 228 8.23 -15.78 -17.95
CA ARG C 228 9.05 -14.56 -18.00
C ARG C 228 10.51 -15.03 -18.08
N LEU C 229 11.28 -14.48 -18.99
CA LEU C 229 12.63 -14.96 -19.23
C LEU C 229 13.48 -14.97 -17.98
N GLU C 230 13.29 -13.95 -17.14
CA GLU C 230 13.96 -13.83 -15.84
C GLU C 230 13.79 -15.04 -14.93
N ASN C 231 12.67 -15.74 -15.03
CA ASN C 231 12.45 -16.97 -14.25
C ASN C 231 12.87 -18.23 -14.97
N THR C 232 13.64 -18.10 -16.05
CA THR C 232 14.02 -19.27 -16.82
C THR C 232 15.52 -19.40 -17.01
N VAL C 233 15.95 -20.64 -17.20
CA VAL C 233 17.28 -20.94 -17.68
C VAL C 233 17.14 -21.80 -18.93
N ARG C 234 18.00 -21.57 -19.89
CA ARG C 234 17.96 -22.30 -21.14
C ARG C 234 19.34 -22.95 -21.37
N TRP C 235 19.33 -24.27 -21.50
CA TRP C 235 20.54 -25.07 -21.57
C TRP C 235 20.85 -25.54 -22.99
N SER C 236 22.10 -25.36 -23.38
CA SER C 236 22.62 -25.92 -24.62
C SER C 236 23.27 -27.26 -24.33
N TRP C 237 22.70 -28.34 -24.87
CA TRP C 237 23.17 -29.68 -24.57
C TRP C 237 24.49 -29.99 -25.28
N LYS C 238 25.37 -30.68 -24.57
CA LYS C 238 26.61 -31.22 -25.10
C LYS C 238 26.68 -32.70 -24.70
N PRO C 239 27.39 -33.51 -25.49
CA PRO C 239 27.59 -34.88 -25.05
C PRO C 239 28.17 -34.92 -23.63
N GLY C 240 27.73 -35.87 -22.83
CA GLY C 240 28.17 -35.97 -21.45
C GLY C 240 27.35 -35.16 -20.46
N ASP C 241 26.34 -34.43 -20.94
CA ASP C 241 25.49 -33.61 -20.06
C ASP C 241 24.40 -34.46 -19.43
N LEU C 242 24.06 -34.13 -18.19
CA LEU C 242 22.94 -34.71 -17.50
C LEU C 242 22.23 -33.62 -16.71
N ALA C 243 20.93 -33.47 -16.92
CA ALA C 243 20.14 -32.51 -16.17
C ALA C 243 19.25 -33.22 -15.19
N ILE C 244 19.10 -32.63 -14.00
CA ILE C 244 18.12 -33.08 -13.03
C ILE C 244 17.27 -31.89 -12.60
N TRP C 245 15.94 -32.05 -12.64
CA TRP C 245 15.06 -30.96 -12.21
C TRP C 245 14.01 -31.37 -11.20
N ASP C 246 13.64 -30.43 -10.36
CA ASP C 246 12.60 -30.60 -9.38
C ASP C 246 11.27 -30.32 -10.06
N ASN C 247 10.55 -31.38 -10.37
CA ASN C 247 9.29 -31.28 -11.12
C ASN C 247 8.17 -30.69 -10.28
N ARG C 248 8.41 -30.52 -8.99
CA ARG C 248 7.43 -29.88 -8.10
C ARG C 248 7.55 -28.36 -8.15
N ALA C 249 8.67 -27.84 -8.66
CA ALA C 249 8.92 -26.40 -8.62
C ALA C 249 9.36 -25.84 -9.97
N THR C 250 9.04 -26.57 -11.04
CA THR C 250 9.38 -26.13 -12.37
C THR C 250 8.37 -26.51 -13.42
N GLN C 251 8.51 -25.86 -14.56
CA GLN C 251 8.01 -26.34 -15.83
C GLN C 251 9.19 -26.36 -16.78
N HIS C 252 9.04 -27.01 -17.93
CA HIS C 252 10.07 -26.97 -18.92
C HIS C 252 9.51 -27.06 -20.30
N TYR C 253 10.38 -26.87 -21.27
CA TYR C 253 10.00 -26.70 -22.64
C TYR C 253 11.14 -27.23 -23.48
N ALA C 254 10.84 -28.14 -24.39
CA ALA C 254 11.84 -28.66 -25.32
C ALA C 254 11.73 -27.87 -26.62
N VAL C 255 12.78 -27.15 -26.95
CA VAL C 255 12.74 -26.24 -28.09
C VAL C 255 12.99 -27.03 -29.36
N ALA C 256 12.07 -26.94 -30.31
CA ALA C 256 12.20 -27.61 -31.60
C ALA C 256 12.84 -26.70 -32.67
N ASP C 257 14.11 -26.34 -32.46
CA ASP C 257 14.84 -25.41 -33.34
C ASP C 257 16.00 -26.12 -34.02
N TYR C 258 15.84 -27.41 -34.29
CA TYR C 258 16.92 -28.17 -34.93
C TYR C 258 16.48 -28.84 -36.22
N ASP C 259 15.42 -28.29 -36.82
CA ASP C 259 14.88 -28.80 -38.08
C ASP C 259 14.65 -30.30 -37.91
N ASP C 260 14.96 -31.08 -38.93
CA ASP C 260 14.67 -32.49 -38.89
C ASP C 260 15.80 -33.37 -38.36
N GLN C 261 16.79 -32.77 -37.69
CA GLN C 261 17.91 -33.55 -37.16
C GLN C 261 17.47 -34.51 -36.07
N TYR C 262 18.16 -35.64 -36.00
CA TYR C 262 17.87 -36.65 -35.02
C TYR C 262 18.40 -36.21 -33.65
N ARG C 263 17.63 -36.48 -32.61
CA ARG C 263 17.97 -36.07 -31.26
C ARG C 263 17.41 -37.07 -30.26
N ARG C 264 18.26 -37.57 -29.38
CA ARG C 264 17.82 -38.52 -28.38
C ARG C 264 18.42 -38.17 -27.02
N LEU C 265 17.55 -38.07 -26.02
CA LEU C 265 17.92 -38.04 -24.62
C LEU C 265 17.16 -39.12 -23.86
N ASN C 266 17.75 -39.60 -22.77
CA ASN C 266 17.15 -40.65 -21.97
C ASN C 266 16.72 -40.10 -20.63
N ARG C 267 15.47 -40.38 -20.26
CA ARG C 267 14.87 -39.85 -19.06
C ARG C 267 14.62 -40.93 -18.02
N VAL C 268 14.93 -40.62 -16.76
CA VAL C 268 14.48 -41.42 -15.64
C VAL C 268 13.69 -40.48 -14.76
N THR C 269 12.55 -40.96 -14.29
CA THR C 269 11.64 -40.14 -13.49
C THR C 269 11.50 -40.74 -12.08
N LEU C 270 11.45 -39.86 -11.08
CA LEU C 270 11.41 -40.26 -9.68
C LEU C 270 10.05 -39.99 -9.08
N ALA C 271 9.54 -40.96 -8.33
CA ALA C 271 8.21 -40.89 -7.76
C ALA C 271 8.05 -39.69 -6.84
N GLY C 272 6.89 -39.06 -6.92
CA GLY C 272 6.60 -37.92 -6.07
C GLY C 272 5.42 -38.23 -5.19
N ASP C 273 4.89 -37.20 -4.54
CA ASP C 273 3.78 -37.36 -3.62
C ASP C 273 2.57 -36.63 -4.18
N ILE C 274 1.49 -36.62 -3.41
CA ILE C 274 0.26 -35.99 -3.81
C ILE C 274 0.29 -34.55 -3.32
N PRO C 275 0.07 -33.59 -4.23
CA PRO C 275 0.07 -32.19 -3.87
C PRO C 275 -0.92 -31.87 -2.75
N VAL C 276 -0.51 -30.97 -1.86
CA VAL C 276 -1.41 -30.46 -0.85
C VAL C 276 -1.49 -28.96 -1.06
N ASP C 277 -2.70 -28.42 -0.92
CA ASP C 277 -2.87 -27.00 -1.11
C ASP C 277 -2.49 -26.27 0.17
N VAL C 278 -2.70 -24.98 0.15
CA VAL C 278 -2.27 -24.09 1.23
C VAL C 278 -3.09 -24.28 2.54
N TYR C 279 -4.25 -24.94 2.45
CA TYR C 279 -5.11 -25.21 3.60
C TYR C 279 -5.09 -26.67 4.02
N GLY C 280 -4.18 -27.47 3.48
CA GLY C 280 -4.07 -28.88 3.80
C GLY C 280 -4.89 -29.83 2.95
N GLU C 281 -5.65 -29.32 1.98
CA GLU C 281 -6.46 -30.18 1.12
C GLU C 281 -5.61 -30.84 0.04
N ARG C 282 -5.87 -32.12 -0.22
CA ARG C 282 -5.12 -32.89 -1.20
C ARG C 282 -5.82 -32.94 -2.55
N SER C 283 -5.06 -33.27 -3.59
CA SER C 283 -5.59 -33.44 -4.95
C SER C 283 -6.68 -34.50 -4.99
N ARG C 284 -7.64 -34.30 -5.88
CA ARG C 284 -8.80 -35.17 -5.99
C ARG C 284 -8.74 -35.87 -7.35
N VAL C 285 -8.58 -37.18 -7.33
CA VAL C 285 -8.56 -37.94 -8.57
C VAL C 285 -9.98 -38.07 -9.09
N ILE C 286 -10.20 -37.69 -10.34
CA ILE C 286 -11.51 -37.87 -10.98
C ILE C 286 -11.55 -39.17 -11.79
N ALA C 287 -10.46 -39.47 -12.49
CA ALA C 287 -10.37 -40.67 -13.31
C ALA C 287 -8.92 -41.12 -13.46
N GLY C 288 -8.75 -42.45 -13.57
CA GLY C 288 -7.44 -43.04 -13.78
C GLY C 288 -6.88 -43.58 -12.50
N ASP C 289 -5.92 -44.49 -12.62
CA ASP C 289 -5.29 -45.11 -11.45
C ASP C 289 -3.78 -45.21 -11.68
N ALA C 290 -3.02 -44.49 -10.86
CA ALA C 290 -1.58 -44.35 -11.04
C ALA C 290 -0.74 -45.31 -10.19
N SER C 291 -1.39 -46.24 -9.48
CA SER C 291 -0.68 -47.22 -8.64
C SER C 291 0.40 -47.98 -9.42
N SER C 292 0.08 -48.28 -10.67
CA SER C 292 0.95 -49.06 -11.55
C SER C 292 2.13 -48.21 -12.04
N TYR C 293 1.87 -46.92 -12.30
CA TYR C 293 2.89 -45.96 -12.70
C TYR C 293 3.97 -45.76 -11.62
N SER C 294 3.52 -45.53 -10.39
CA SER C 294 4.44 -45.33 -9.28
C SER C 294 3.75 -45.39 -7.91
N PRO C 295 4.54 -45.59 -6.85
CA PRO C 295 4.01 -45.41 -5.50
C PRO C 295 3.94 -43.93 -5.13
N VAL C 296 3.37 -43.65 -3.95
CA VAL C 296 3.39 -42.31 -3.38
C VAL C 296 4.65 -42.16 -2.51
N ASP C 297 5.47 -41.16 -2.82
CA ASP C 297 6.68 -40.85 -2.04
C ASP C 297 6.31 -39.83 -0.97
N GLN D 7 -50.87 4.27 -3.49
CA GLN D 7 -50.62 2.82 -3.80
C GLN D 7 -49.51 2.68 -4.89
N VAL D 8 -48.36 2.15 -4.47
CA VAL D 8 -47.19 2.04 -5.31
C VAL D 8 -46.99 0.58 -5.71
N THR D 9 -47.34 0.21 -6.94
CA THR D 9 -47.16 -1.18 -7.35
C THR D 9 -45.90 -1.36 -8.16
N VAL D 10 -45.18 -2.42 -7.83
CA VAL D 10 -43.90 -2.72 -8.40
C VAL D 10 -44.03 -3.99 -9.22
N THR D 11 -43.68 -3.92 -10.49
CA THR D 11 -43.74 -5.06 -11.40
C THR D 11 -42.34 -5.34 -11.95
N LYS D 12 -41.78 -6.48 -11.54
CA LYS D 12 -40.47 -6.96 -11.99
C LYS D 12 -40.39 -7.09 -13.50
N LEU D 13 -39.27 -6.67 -14.07
CA LEU D 13 -39.02 -6.81 -15.50
C LEU D 13 -38.08 -7.94 -15.82
N GLY D 14 -37.22 -8.30 -14.87
CA GLY D 14 -36.33 -9.42 -15.06
C GLY D 14 -35.83 -9.95 -13.74
N ALA D 15 -35.21 -11.12 -13.78
CA ALA D 15 -34.82 -11.82 -12.55
C ALA D 15 -33.88 -11.01 -11.63
N HIS D 16 -32.92 -10.32 -12.20
CA HIS D 16 -31.85 -9.68 -11.43
C HIS D 16 -31.87 -8.17 -11.42
N ILE D 17 -32.68 -7.56 -12.28
CA ILE D 17 -32.69 -6.08 -12.41
C ILE D 17 -33.92 -5.60 -13.16
N GLY D 18 -34.45 -4.46 -12.74
CA GLY D 18 -35.52 -3.77 -13.48
C GLY D 18 -36.90 -3.97 -12.89
N ALA D 19 -37.62 -2.86 -12.70
CA ALA D 19 -39.05 -2.93 -12.36
C ALA D 19 -39.78 -1.73 -12.89
N ARG D 20 -41.04 -1.93 -13.31
CA ARG D 20 -41.93 -0.83 -13.61
C ARG D 20 -42.61 -0.41 -12.30
N ILE D 21 -42.79 0.90 -12.13
CA ILE D 21 -43.63 1.43 -11.06
C ILE D 21 -44.89 1.98 -11.67
N ASP D 22 -46.01 1.68 -11.02
CA ASP D 22 -47.33 2.19 -11.44
C ASP D 22 -48.07 2.77 -10.25
N GLY D 23 -49.05 3.63 -10.55
CA GLY D 23 -49.97 4.16 -9.52
C GLY D 23 -49.54 5.47 -8.86
N VAL D 24 -48.48 6.10 -9.37
CA VAL D 24 -47.93 7.31 -8.78
C VAL D 24 -47.89 8.41 -9.81
N ARG D 25 -48.55 9.53 -9.51
CA ARG D 25 -48.35 10.76 -10.26
C ARG D 25 -47.14 11.41 -9.63
N VAL D 26 -46.01 11.36 -10.35
CA VAL D 26 -44.72 11.73 -9.78
C VAL D 26 -44.62 13.24 -9.63
N GLY D 27 -44.12 13.67 -8.47
CA GLY D 27 -43.97 15.09 -8.18
C GLY D 27 -43.41 15.32 -6.79
N GLY D 28 -43.40 16.59 -6.38
CA GLY D 28 -42.84 16.98 -5.08
C GLY D 28 -43.77 16.85 -3.89
N ASP D 29 -45.01 16.42 -4.13
CA ASP D 29 -46.04 16.38 -3.10
C ASP D 29 -46.45 14.95 -2.71
N LEU D 30 -45.48 14.05 -2.58
CA LEU D 30 -45.78 12.65 -2.26
C LEU D 30 -45.57 12.38 -0.78
N SER D 31 -46.35 11.45 -0.24
CA SER D 31 -46.27 11.10 1.18
C SER D 31 -44.97 10.35 1.50
N PRO D 32 -44.51 10.44 2.76
CA PRO D 32 -43.32 9.67 3.14
C PRO D 32 -43.44 8.17 2.85
N ALA D 33 -44.63 7.61 3.05
CA ALA D 33 -44.90 6.20 2.77
C ALA D 33 -44.65 5.87 1.30
N THR D 34 -45.13 6.75 0.43
CA THR D 34 -44.94 6.62 -1.01
C THR D 34 -43.47 6.78 -1.43
N VAL D 35 -42.80 7.79 -0.86
CA VAL D 35 -41.40 8.02 -1.13
C VAL D 35 -40.56 6.81 -0.72
N SER D 36 -40.84 6.26 0.46
CA SER D 36 -39.99 5.20 0.98
C SER D 36 -40.30 3.85 0.29
N ALA D 37 -41.52 3.70 -0.21
CA ALA D 37 -41.83 2.55 -1.06
C ALA D 37 -41.11 2.66 -2.41
N ILE D 38 -41.06 3.84 -2.98
CA ILE D 38 -40.27 4.10 -4.19
C ILE D 38 -38.79 3.81 -3.93
N ASN D 39 -38.28 4.30 -2.80
CA ASN D 39 -36.87 4.11 -2.44
C ASN D 39 -36.59 2.62 -2.25
N ALA D 40 -37.51 1.90 -1.62
CA ALA D 40 -37.34 0.47 -1.38
C ALA D 40 -37.27 -0.30 -2.71
N ALA D 41 -38.13 0.09 -3.66
CA ALA D 41 -38.13 -0.54 -4.98
C ALA D 41 -36.82 -0.28 -5.71
N LEU D 42 -36.36 0.96 -5.63
CA LEU D 42 -35.11 1.33 -6.26
C LEU D 42 -33.99 0.43 -5.77
N LEU D 43 -33.92 0.20 -4.47
CA LEU D 43 -32.80 -0.54 -3.90
C LEU D 43 -32.87 -2.00 -4.26
N GLU D 44 -34.07 -2.53 -4.33
CA GLU D 44 -34.29 -3.94 -4.61
C GLU D 44 -34.06 -4.21 -6.10
N HIS D 45 -34.60 -3.34 -6.95
CA HIS D 45 -34.64 -3.59 -8.39
C HIS D 45 -33.57 -2.86 -9.19
N LYS D 46 -32.89 -1.90 -8.58
CA LYS D 46 -31.72 -1.21 -9.15
C LYS D 46 -32.01 -0.12 -10.16
N VAL D 47 -32.93 -0.38 -11.07
CA VAL D 47 -33.47 0.69 -11.92
C VAL D 47 -34.96 0.48 -12.00
N ILE D 48 -35.69 1.57 -11.86
CA ILE D 48 -37.16 1.52 -11.89
C ILE D 48 -37.67 2.56 -12.89
N PHE D 49 -38.81 2.26 -13.47
CA PHE D 49 -39.35 3.02 -14.58
C PHE D 49 -40.79 3.47 -14.28
N PHE D 50 -41.04 4.78 -14.39
CA PHE D 50 -42.39 5.28 -14.35
C PHE D 50 -42.80 5.60 -15.77
N SER D 51 -44.07 5.41 -16.05
CA SER D 51 -44.63 5.75 -17.34
C SER D 51 -45.86 6.66 -17.19
N GLY D 52 -46.25 7.28 -18.30
CA GLY D 52 -47.43 8.12 -18.35
C GLY D 52 -47.31 9.38 -17.52
N GLN D 53 -46.09 9.86 -17.28
CA GLN D 53 -45.88 11.04 -16.46
C GLN D 53 -45.91 12.29 -17.34
N ASP D 54 -46.97 12.42 -18.12
CA ASP D 54 -47.12 13.51 -19.08
C ASP D 54 -47.08 14.93 -18.45
N HIS D 55 -47.56 15.02 -17.21
CA HIS D 55 -47.61 16.26 -16.44
C HIS D 55 -46.24 16.73 -15.95
N LEU D 56 -45.24 15.87 -16.03
CA LEU D 56 -43.99 16.15 -15.36
C LEU D 56 -43.10 17.08 -16.20
N ASP D 57 -42.60 18.15 -15.56
CA ASP D 57 -41.62 19.04 -16.19
C ASP D 57 -40.31 19.10 -15.38
N ASP D 58 -39.39 19.96 -15.79
CA ASP D 58 -38.10 20.04 -15.12
C ASP D 58 -38.23 20.38 -13.63
N ALA D 59 -39.06 21.36 -13.32
CA ALA D 59 -39.28 21.77 -11.92
C ALA D 59 -39.87 20.61 -11.11
N GLY D 60 -40.85 19.92 -11.68
CA GLY D 60 -41.47 18.76 -11.04
C GLY D 60 -40.51 17.62 -10.80
N GLN D 61 -39.70 17.32 -11.83
CA GLN D 61 -38.68 16.30 -11.72
C GLN D 61 -37.74 16.63 -10.57
N LEU D 62 -37.37 17.91 -10.48
CA LEU D 62 -36.43 18.35 -9.47
C LEU D 62 -37.07 18.31 -8.06
N GLU D 63 -38.30 18.76 -7.98
CA GLU D 63 -39.05 18.68 -6.72
C GLU D 63 -39.14 17.23 -6.24
N PHE D 64 -39.37 16.33 -7.18
CA PHE D 64 -39.46 14.89 -6.89
C PHE D 64 -38.10 14.35 -6.45
N ALA D 65 -37.05 14.72 -7.18
CA ALA D 65 -35.69 14.34 -6.82
C ALA D 65 -35.35 14.75 -5.39
N GLU D 66 -35.75 15.97 -5.02
CA GLU D 66 -35.46 16.47 -3.68
C GLU D 66 -36.01 15.58 -2.56
N LEU D 67 -37.09 14.85 -2.81
CA LEU D 67 -37.62 13.90 -1.83
C LEU D 67 -36.78 12.63 -1.66
N LEU D 68 -35.95 12.30 -2.65
CA LEU D 68 -35.17 11.08 -2.62
C LEU D 68 -33.71 11.27 -2.23
N GLY D 69 -33.26 12.52 -2.19
CA GLY D 69 -31.89 12.82 -1.84
C GLY D 69 -31.57 14.28 -2.10
N THR D 70 -30.27 14.58 -2.18
CA THR D 70 -29.79 15.94 -2.36
C THR D 70 -29.29 16.11 -3.78
N PRO D 71 -30.03 16.87 -4.62
CA PRO D 71 -29.60 17.09 -6.00
C PRO D 71 -28.25 17.80 -6.13
N THR D 72 -27.57 17.69 -7.27
CA THR D 72 -26.13 17.88 -7.37
C THR D 72 -25.62 19.27 -7.80
N ALA D 95 -21.63 8.40 -24.64
CA ALA D 95 -21.55 7.36 -23.63
C ALA D 95 -22.14 6.01 -24.09
N ASN D 96 -21.80 5.66 -25.35
CA ASN D 96 -22.06 4.34 -25.94
C ASN D 96 -21.12 3.27 -25.33
N SER D 97 -21.08 3.21 -23.99
CA SER D 97 -20.03 2.51 -23.25
C SER D 97 -20.47 2.25 -21.80
N TRP D 98 -20.15 1.07 -21.28
CA TRP D 98 -20.62 0.68 -19.96
C TRP D 98 -19.91 1.45 -18.86
N HIS D 99 -20.69 2.14 -18.02
CA HIS D 99 -20.12 2.89 -16.93
C HIS D 99 -21.06 3.14 -15.78
N THR D 100 -20.45 3.49 -14.67
CA THR D 100 -21.14 4.01 -13.50
C THR D 100 -20.82 5.50 -13.51
N ASP D 101 -21.80 6.34 -13.16
CA ASP D 101 -21.62 7.79 -13.31
C ASP D 101 -20.57 8.33 -12.34
N VAL D 102 -19.66 9.14 -12.87
CA VAL D 102 -18.75 9.97 -12.09
C VAL D 102 -18.05 9.19 -10.98
N THR D 103 -17.37 8.12 -11.36
CA THR D 103 -16.64 7.30 -10.39
C THR D 103 -15.22 7.82 -10.18
N PHE D 104 -14.85 8.87 -10.91
CA PHE D 104 -13.52 9.46 -10.76
C PHE D 104 -13.45 10.44 -9.58
N VAL D 105 -14.52 10.54 -8.81
CA VAL D 105 -14.50 11.33 -7.58
C VAL D 105 -14.68 10.37 -6.42
N ASP D 106 -14.38 10.84 -5.22
CA ASP D 106 -14.65 10.06 -4.03
C ASP D 106 -16.14 9.84 -3.80
N ARG D 107 -16.91 10.93 -3.89
CA ARG D 107 -18.34 10.91 -3.55
C ARG D 107 -19.17 10.53 -4.78
N ILE D 108 -19.15 9.24 -5.11
CA ILE D 108 -19.86 8.75 -6.28
C ILE D 108 -21.35 8.99 -6.07
N PRO D 109 -22.02 9.65 -7.03
CA PRO D 109 -23.46 9.96 -6.84
C PRO D 109 -24.29 8.70 -6.65
N LYS D 110 -25.29 8.73 -5.79
CA LYS D 110 -25.98 7.52 -5.39
C LYS D 110 -27.01 7.08 -6.40
N ALA D 111 -27.52 8.04 -7.17
CA ALA D 111 -28.64 7.78 -8.05
C ALA D 111 -28.83 8.89 -9.06
N SER D 112 -29.54 8.56 -10.13
CA SER D 112 -29.94 9.56 -11.13
C SER D 112 -31.40 9.35 -11.55
N LEU D 113 -32.06 10.45 -11.92
CA LEU D 113 -33.41 10.45 -12.46
C LEU D 113 -33.33 10.99 -13.87
N LEU D 114 -33.91 10.25 -14.81
CA LEU D 114 -33.80 10.61 -16.21
C LEU D 114 -35.18 10.60 -16.84
N ARG D 115 -35.57 11.73 -17.41
CA ARG D 115 -36.90 11.92 -17.96
C ARG D 115 -36.84 12.16 -19.46
N ALA D 116 -37.71 11.49 -20.19
CA ALA D 116 -37.77 11.67 -21.65
C ALA D 116 -38.40 13.01 -22.00
N VAL D 117 -37.77 13.75 -22.90
CA VAL D 117 -38.29 14.99 -23.40
C VAL D 117 -38.59 14.87 -24.90
N THR D 118 -37.58 14.49 -25.68
CA THR D 118 -37.71 14.40 -27.14
C THR D 118 -37.02 13.14 -27.63
N LEU D 119 -37.79 12.29 -28.29
CA LEU D 119 -37.29 10.97 -28.68
C LEU D 119 -37.19 10.79 -30.18
N PRO D 120 -36.15 10.08 -30.64
CA PRO D 120 -36.04 9.73 -32.05
C PRO D 120 -37.13 8.76 -32.44
N SER D 121 -37.45 8.70 -33.73
CA SER D 121 -38.49 7.82 -34.21
C SER D 121 -38.10 6.35 -34.09
N TYR D 122 -36.79 6.06 -34.06
CA TYR D 122 -36.33 4.70 -33.75
C TYR D 122 -35.09 4.71 -32.86
N GLY D 123 -34.85 3.60 -32.19
CA GLY D 123 -33.62 3.44 -31.35
C GLY D 123 -33.61 4.33 -30.12
N GLY D 124 -32.42 4.53 -29.55
CA GLY D 124 -32.24 5.36 -28.40
C GLY D 124 -32.58 4.67 -27.09
N THR D 125 -32.38 3.35 -27.05
CA THR D 125 -32.57 2.59 -25.83
C THR D 125 -31.42 2.82 -24.88
N THR D 126 -31.68 2.56 -23.60
CA THR D 126 -30.68 2.59 -22.56
C THR D 126 -30.68 1.24 -21.89
N ALA D 127 -29.49 0.75 -21.51
CA ALA D 127 -29.36 -0.50 -20.76
C ALA D 127 -28.73 -0.29 -19.39
N TRP D 128 -29.15 -1.09 -18.42
CA TRP D 128 -28.57 -1.09 -17.10
C TRP D 128 -28.12 -2.50 -16.73
N ALA D 129 -27.05 -2.58 -15.95
CA ALA D 129 -26.54 -3.86 -15.44
C ALA D 129 -26.44 -3.81 -13.92
N SER D 130 -26.73 -4.94 -13.27
CA SER D 130 -26.64 -5.01 -11.81
C SER D 130 -25.28 -5.46 -11.35
N THR D 131 -24.55 -4.56 -10.69
CA THR D 131 -23.24 -4.89 -10.12
C THR D 131 -23.37 -5.63 -8.79
N GLU D 132 -24.59 -5.72 -8.27
CA GLU D 132 -24.87 -6.57 -7.13
C GLU D 132 -25.01 -8.02 -7.55
N ALA D 133 -25.87 -8.28 -8.52
CA ALA D 133 -26.09 -9.64 -9.01
C ALA D 133 -24.78 -10.24 -9.52
N ALA D 134 -24.02 -9.43 -10.27
CA ALA D 134 -22.74 -9.89 -10.81
C ALA D 134 -21.81 -10.37 -9.71
N TYR D 135 -21.78 -9.67 -8.59
CA TYR D 135 -20.96 -10.09 -7.44
C TYR D 135 -21.46 -11.41 -6.85
N GLN D 136 -22.78 -11.52 -6.60
CA GLN D 136 -23.35 -12.73 -6.04
C GLN D 136 -23.05 -13.95 -6.92
N GLN D 137 -23.05 -13.74 -8.22
CA GLN D 137 -22.79 -14.81 -9.19
C GLN D 137 -21.32 -15.22 -9.28
N LEU D 138 -20.41 -14.44 -8.70
CA LEU D 138 -19.00 -14.81 -8.76
C LEU D 138 -18.71 -16.08 -7.95
N PRO D 139 -17.95 -17.03 -8.56
CA PRO D 139 -17.44 -18.12 -7.74
C PRO D 139 -16.47 -17.60 -6.69
N ALA D 140 -16.40 -18.31 -5.57
CA ALA D 140 -15.67 -17.86 -4.37
C ALA D 140 -14.25 -17.28 -4.60
N PRO D 141 -13.43 -17.97 -5.42
CA PRO D 141 -12.09 -17.41 -5.67
C PRO D 141 -12.10 -16.03 -6.34
N LEU D 142 -13.02 -15.82 -7.28
CA LEU D 142 -13.16 -14.52 -7.93
C LEU D 142 -13.80 -13.45 -7.05
N ARG D 143 -14.71 -13.85 -6.16
CA ARG D 143 -15.24 -12.93 -5.14
C ARG D 143 -14.12 -12.37 -4.30
N THR D 144 -13.29 -13.27 -3.76
CA THR D 144 -12.21 -12.89 -2.87
C THR D 144 -11.21 -11.99 -3.60
N LEU D 145 -10.96 -12.31 -4.87
CA LEU D 145 -10.11 -11.46 -5.70
C LEU D 145 -10.68 -10.05 -5.79
N ALA D 146 -11.95 -9.97 -6.17
CA ALA D 146 -12.63 -8.69 -6.25
C ALA D 146 -12.61 -7.98 -4.91
N ASP D 147 -12.80 -8.72 -3.81
CA ASP D 147 -12.79 -8.15 -2.46
C ASP D 147 -11.47 -7.45 -2.16
N ASN D 148 -10.39 -7.93 -2.77
CA ASN D 148 -9.04 -7.45 -2.45
C ASN D 148 -8.41 -6.52 -3.49
N LEU D 149 -9.16 -6.22 -4.55
CA LEU D 149 -8.64 -5.39 -5.63
C LEU D 149 -9.08 -3.96 -5.48
N TRP D 150 -8.18 -3.06 -5.87
CA TRP D 150 -8.46 -1.64 -5.93
C TRP D 150 -8.18 -1.14 -7.35
N ALA D 151 -8.93 -0.13 -7.76
CA ALA D 151 -8.83 0.37 -9.11
C ALA D 151 -8.60 1.87 -9.10
N VAL D 152 -7.76 2.32 -10.02
CA VAL D 152 -7.57 3.73 -10.26
C VAL D 152 -8.64 4.16 -11.25
N HIS D 153 -9.47 5.14 -10.85
CA HIS D 153 -10.44 5.75 -11.74
C HIS D 153 -9.99 7.17 -12.04
N THR D 154 -10.09 7.60 -13.29
CA THR D 154 -9.83 8.99 -13.67
C THR D 154 -10.83 9.48 -14.70
N ASN D 155 -10.85 10.79 -14.92
CA ASN D 155 -11.65 11.38 -15.99
C ASN D 155 -10.88 11.58 -17.30
N ARG D 156 -9.58 11.26 -17.31
CA ARG D 156 -8.73 11.43 -18.52
C ARG D 156 -8.43 10.11 -19.21
N ASP D 178 -8.68 19.95 -15.94
CA ASP D 178 -9.47 19.67 -14.74
C ASP D 178 -9.39 18.17 -14.42
N TYR D 179 -8.34 17.77 -13.73
CA TYR D 179 -7.99 16.35 -13.60
C TYR D 179 -8.44 15.70 -12.29
N TYR D 180 -9.07 14.53 -12.40
CA TYR D 180 -9.52 13.78 -11.23
C TYR D 180 -8.93 12.39 -11.26
N GLU D 181 -8.45 11.93 -10.10
CA GLU D 181 -7.93 10.58 -9.96
C GLU D 181 -8.21 10.08 -8.56
N VAL D 182 -8.82 8.90 -8.47
CA VAL D 182 -9.19 8.32 -7.19
C VAL D 182 -9.01 6.81 -7.24
N GLU D 183 -8.56 6.25 -6.13
CA GLU D 183 -8.48 4.80 -5.97
C GLU D 183 -9.70 4.31 -5.18
N HIS D 184 -10.51 3.50 -5.85
CA HIS D 184 -11.72 2.92 -5.26
C HIS D 184 -11.54 1.42 -5.10
N PRO D 185 -12.15 0.84 -4.05
CA PRO D 185 -12.20 -0.61 -4.06
C PRO D 185 -13.05 -1.15 -5.21
N VAL D 186 -12.67 -2.30 -5.73
CA VAL D 186 -13.44 -2.99 -6.77
C VAL D 186 -14.75 -3.52 -6.21
N VAL D 187 -14.78 -3.80 -4.91
CA VAL D 187 -16.00 -4.18 -4.23
C VAL D 187 -16.27 -3.20 -3.11
N ARG D 188 -17.46 -2.61 -3.12
CA ARG D 188 -17.87 -1.71 -2.06
C ARG D 188 -19.08 -2.30 -1.37
N VAL D 189 -19.26 -1.95 -0.11
CA VAL D 189 -20.40 -2.40 0.67
C VAL D 189 -21.44 -1.30 0.58
N HIS D 190 -22.59 -1.65 0.04
CA HIS D 190 -23.65 -0.69 -0.21
C HIS D 190 -24.15 -0.16 1.15
N PRO D 191 -24.12 1.17 1.34
CA PRO D 191 -24.43 1.78 2.64
C PRO D 191 -25.88 1.65 3.10
N GLU D 192 -26.84 1.54 2.18
CA GLU D 192 -28.25 1.30 2.55
C GLU D 192 -28.68 -0.16 2.57
N THR D 193 -28.18 -1.00 1.65
CA THR D 193 -28.59 -2.41 1.61
C THR D 193 -27.66 -3.35 2.36
N GLY D 194 -26.42 -2.92 2.58
CA GLY D 194 -25.38 -3.81 3.10
C GLY D 194 -24.83 -4.81 2.09
N GLU D 195 -25.38 -4.84 0.87
CA GLU D 195 -24.98 -5.82 -0.14
C GLU D 195 -23.63 -5.42 -0.74
N ARG D 196 -22.81 -6.41 -1.05
CA ARG D 196 -21.56 -6.15 -1.76
C ARG D 196 -21.83 -5.99 -3.25
N VAL D 197 -21.20 -4.99 -3.84
CA VAL D 197 -21.42 -4.67 -5.23
C VAL D 197 -20.10 -4.34 -5.90
N LEU D 198 -20.00 -4.65 -7.19
CA LEU D 198 -18.81 -4.31 -7.94
C LEU D 198 -18.80 -2.84 -8.30
N LEU D 199 -17.61 -2.27 -8.35
CA LEU D 199 -17.42 -0.88 -8.76
C LEU D 199 -16.31 -0.83 -9.82
N LEU D 200 -16.73 -0.80 -11.08
CA LEU D 200 -15.80 -0.79 -12.21
C LEU D 200 -16.28 0.23 -13.26
N GLY D 201 -16.47 -0.20 -14.51
CA GLY D 201 -16.92 0.73 -15.57
C GLY D 201 -15.77 1.46 -16.22
N HIS D 202 -16.09 2.32 -17.19
CA HIS D 202 -15.07 2.80 -18.12
C HIS D 202 -14.16 3.89 -17.62
N PHE D 203 -14.35 4.36 -16.39
CA PHE D 203 -13.39 5.32 -15.82
C PHE D 203 -12.18 4.64 -15.17
N VAL D 204 -12.19 3.31 -15.12
CA VAL D 204 -11.07 2.54 -14.59
C VAL D 204 -9.89 2.60 -15.55
N LYS D 205 -8.74 3.07 -15.06
CA LYS D 205 -7.51 3.09 -15.85
C LYS D 205 -6.68 1.81 -15.60
N SER D 206 -6.72 1.30 -14.36
CA SER D 206 -5.87 0.18 -13.97
C SER D 206 -6.25 -0.37 -12.61
N PHE D 207 -5.71 -1.53 -12.29
CA PHE D 207 -5.87 -2.09 -10.96
C PHE D 207 -4.56 -1.92 -10.21
N VAL D 208 -4.65 -1.44 -8.97
CA VAL D 208 -3.50 -1.09 -8.17
C VAL D 208 -2.57 -2.30 -7.99
N GLY D 209 -1.29 -2.11 -8.33
CA GLY D 209 -0.27 -3.14 -8.10
C GLY D 209 -0.09 -4.17 -9.19
N LEU D 210 -0.90 -4.07 -10.25
CA LEU D 210 -0.91 -5.08 -11.32
C LEU D 210 -0.32 -4.53 -12.62
N LYS D 211 0.27 -5.41 -13.42
CA LYS D 211 0.74 -5.05 -14.75
C LYS D 211 -0.47 -4.69 -15.66
N ASP D 212 -0.27 -3.82 -16.64
CA ASP D 212 -1.39 -3.31 -17.44
C ASP D 212 -2.14 -4.40 -18.20
N THR D 213 -1.40 -5.40 -18.65
CA THR D 213 -1.95 -6.55 -19.31
C THR D 213 -2.89 -7.38 -18.37
N GLU D 214 -2.53 -7.44 -17.09
CA GLU D 214 -3.34 -8.08 -16.08
C GLU D 214 -4.57 -7.26 -15.72
N SER D 215 -4.42 -5.94 -15.64
CA SER D 215 -5.54 -5.04 -15.43
C SER D 215 -6.58 -5.20 -16.54
N ALA D 216 -6.12 -5.25 -17.78
CA ALA D 216 -7.00 -5.42 -18.94
C ALA D 216 -7.79 -6.74 -18.89
N ALA D 217 -7.09 -7.83 -18.55
CA ALA D 217 -7.70 -9.14 -18.54
C ALA D 217 -8.71 -9.27 -17.41
N LEU D 218 -8.37 -8.78 -16.23
CA LEU D 218 -9.28 -8.84 -15.08
C LEU D 218 -10.49 -7.90 -15.25
N PHE D 219 -10.24 -6.70 -15.76
CA PHE D 219 -11.30 -5.74 -16.05
C PHE D 219 -12.34 -6.35 -17.00
N ARG D 220 -11.85 -6.95 -18.08
CA ARG D 220 -12.71 -7.63 -19.03
C ARG D 220 -13.47 -8.82 -18.41
N LEU D 221 -12.79 -9.62 -17.59
CA LEU D 221 -13.39 -10.73 -16.87
C LEU D 221 -14.57 -10.28 -15.99
N PHE D 222 -14.33 -9.27 -15.15
CA PHE D 222 -15.41 -8.75 -14.31
C PHE D 222 -16.50 -8.04 -15.14
N GLN D 223 -16.11 -7.24 -16.11
CA GLN D 223 -17.09 -6.55 -16.96
C GLN D 223 -17.96 -7.53 -17.71
N ASP D 224 -17.35 -8.62 -18.20
CA ASP D 224 -18.09 -9.68 -18.89
C ASP D 224 -19.21 -10.21 -18.01
N ARG D 225 -18.91 -10.44 -16.74
CA ARG D 225 -19.91 -10.89 -15.79
C ARG D 225 -20.95 -9.83 -15.45
N ILE D 226 -20.56 -8.57 -15.41
CA ILE D 226 -21.53 -7.50 -15.14
C ILE D 226 -22.52 -7.28 -16.28
N THR D 227 -22.02 -7.31 -17.52
CA THR D 227 -22.81 -6.97 -18.71
C THR D 227 -23.41 -8.16 -19.45
N ARG D 228 -23.20 -9.36 -18.93
CA ARG D 228 -23.96 -10.54 -19.33
C ARG D 228 -25.41 -10.14 -19.46
N LEU D 229 -26.05 -10.50 -20.57
CA LEU D 229 -27.40 -10.00 -20.86
C LEU D 229 -28.39 -10.29 -19.70
N GLU D 230 -28.23 -11.46 -19.08
CA GLU D 230 -29.04 -11.87 -17.93
C GLU D 230 -29.02 -10.89 -16.78
N ASN D 231 -27.93 -10.15 -16.59
CA ASN D 231 -27.86 -9.11 -15.56
C ASN D 231 -28.24 -7.74 -16.04
N THR D 232 -28.89 -7.66 -17.21
CA THR D 232 -29.25 -6.35 -17.77
C THR D 232 -30.72 -6.22 -18.11
N VAL D 233 -31.18 -5.00 -18.08
CA VAL D 233 -32.48 -4.64 -18.63
C VAL D 233 -32.25 -3.53 -19.64
N ARG D 234 -33.01 -3.56 -20.73
CA ARG D 234 -32.87 -2.57 -21.78
C ARG D 234 -34.22 -1.93 -22.02
N TRP D 235 -34.27 -0.60 -21.88
CA TRP D 235 -35.53 0.15 -21.89
C TRP D 235 -35.72 0.91 -23.20
N SER D 236 -36.92 0.77 -23.77
CA SER D 236 -37.36 1.56 -24.93
C SER D 236 -38.11 2.76 -24.41
N TRP D 237 -37.57 3.94 -24.66
CA TRP D 237 -38.17 5.13 -24.13
C TRP D 237 -39.45 5.51 -24.88
N LYS D 238 -40.45 5.96 -24.12
CA LYS D 238 -41.67 6.56 -24.67
C LYS D 238 -41.89 7.90 -23.99
N PRO D 239 -42.61 8.80 -24.66
CA PRO D 239 -42.92 10.05 -23.95
C PRO D 239 -43.62 9.77 -22.64
N GLY D 240 -43.32 10.56 -21.61
CA GLY D 240 -43.87 10.33 -20.29
C GLY D 240 -43.10 9.35 -19.42
N ASP D 241 -42.00 8.79 -19.93
CA ASP D 241 -41.18 7.87 -19.15
C ASP D 241 -40.19 8.61 -18.24
N LEU D 242 -39.97 8.04 -17.06
CA LEU D 242 -38.93 8.50 -16.14
C LEU D 242 -38.24 7.32 -15.54
N ALA D 243 -36.92 7.28 -15.62
CA ALA D 243 -36.14 6.20 -15.02
C ALA D 243 -35.36 6.73 -13.82
N ILE D 244 -35.27 5.90 -12.78
CA ILE D 244 -34.41 6.19 -11.65
C ILE D 244 -33.53 4.99 -11.41
N TRP D 245 -32.22 5.19 -11.30
CA TRP D 245 -31.32 4.07 -10.98
C TRP D 245 -30.38 4.29 -9.83
N ASP D 246 -30.04 3.18 -9.16
CA ASP D 246 -29.09 3.18 -8.06
C ASP D 246 -27.69 3.10 -8.66
N ASN D 247 -27.01 4.23 -8.67
CA ASN D 247 -25.68 4.30 -9.28
C ASN D 247 -24.62 3.58 -8.45
N ARG D 248 -24.97 3.15 -7.24
CA ARG D 248 -24.06 2.37 -6.43
C ARG D 248 -24.10 0.89 -6.77
N ALA D 249 -25.15 0.46 -7.48
CA ALA D 249 -25.32 -0.98 -7.75
C ALA D 249 -25.58 -1.26 -9.23
N THR D 250 -25.18 -0.32 -10.09
CA THR D 250 -25.38 -0.48 -11.52
C THR D 250 -24.30 0.15 -12.34
N GLN D 251 -24.31 -0.26 -13.61
CA GLN D 251 -23.71 0.49 -14.69
C GLN D 251 -24.82 0.71 -15.70
N HIS D 252 -24.58 1.59 -16.65
CA HIS D 252 -25.50 1.74 -17.75
C HIS D 252 -24.78 2.11 -19.03
N TYR D 253 -25.55 2.11 -20.11
CA TYR D 253 -25.02 2.22 -21.47
C TYR D 253 -26.08 2.89 -22.30
N ALA D 254 -25.73 4.01 -22.93
CA ALA D 254 -26.65 4.75 -23.79
C ALA D 254 -26.42 4.29 -25.22
N VAL D 255 -27.42 3.63 -25.80
CA VAL D 255 -27.22 2.99 -27.09
C VAL D 255 -27.39 4.05 -28.16
N ALA D 256 -26.37 4.17 -29.01
CA ALA D 256 -26.40 5.12 -30.11
C ALA D 256 -26.87 4.43 -31.39
N ASP D 257 -28.13 4.01 -31.40
CA ASP D 257 -28.73 3.32 -32.54
C ASP D 257 -29.88 4.14 -33.15
N TYR D 258 -29.75 5.46 -33.12
CA TYR D 258 -30.75 6.32 -33.72
C TYR D 258 -30.18 7.28 -34.76
N ASP D 259 -29.03 6.93 -35.34
CA ASP D 259 -28.40 7.72 -36.42
C ASP D 259 -28.28 9.22 -36.20
N ASP D 260 -28.23 9.69 -34.95
CA ASP D 260 -28.07 11.10 -34.67
C ASP D 260 -29.33 11.95 -34.94
N GLN D 261 -30.47 11.30 -35.09
CA GLN D 261 -31.74 11.99 -34.82
C GLN D 261 -31.56 12.73 -33.49
N TYR D 262 -32.33 13.80 -33.33
CA TYR D 262 -32.30 14.61 -32.12
C TYR D 262 -32.95 13.85 -30.98
N ARG D 263 -32.33 13.93 -29.81
CA ARG D 263 -32.78 13.17 -28.64
C ARG D 263 -32.43 13.96 -27.40
N ARG D 264 -33.42 14.23 -26.56
CA ARG D 264 -33.15 14.96 -25.32
C ARG D 264 -33.84 14.25 -24.16
N LEU D 265 -33.05 13.95 -23.13
CA LEU D 265 -33.57 13.56 -21.83
C LEU D 265 -32.93 14.46 -20.79
N ASN D 266 -33.63 14.65 -19.68
CA ASN D 266 -33.15 15.51 -18.62
C ASN D 266 -32.82 14.72 -17.39
N ARG D 267 -31.62 14.97 -16.87
CA ARG D 267 -31.06 14.21 -15.77
C ARG D 267 -30.98 15.05 -14.52
N VAL D 268 -31.38 14.47 -13.42
CA VAL D 268 -31.08 15.02 -12.12
C VAL D 268 -30.30 13.94 -11.38
N THR D 269 -29.20 14.32 -10.75
CA THR D 269 -28.33 13.40 -10.06
C THR D 269 -28.35 13.69 -8.56
N LEU D 270 -28.33 12.63 -7.75
CA LEU D 270 -28.42 12.74 -6.30
C LEU D 270 -27.09 12.40 -5.66
N ALA D 271 -26.70 13.22 -4.68
CA ALA D 271 -25.40 13.07 -4.02
C ALA D 271 -25.27 11.71 -3.36
N GLY D 272 -24.08 11.14 -3.42
CA GLY D 272 -23.81 9.86 -2.78
C GLY D 272 -22.75 10.00 -1.70
N ASP D 273 -22.24 8.87 -1.23
CA ASP D 273 -21.21 8.86 -0.20
C ASP D 273 -19.92 8.26 -0.74
N ILE D 274 -18.91 8.12 0.13
CA ILE D 274 -17.61 7.60 -0.26
C ILE D 274 -17.62 6.10 -0.06
N PRO D 275 -17.25 5.36 -1.10
CA PRO D 275 -17.25 3.90 -1.02
C PRO D 275 -16.39 3.39 0.12
N VAL D 276 -16.86 2.34 0.76
CA VAL D 276 -16.06 1.64 1.72
C VAL D 276 -15.89 0.22 1.23
N ASP D 277 -14.68 -0.33 1.39
CA ASP D 277 -14.42 -1.68 0.95
C ASP D 277 -14.91 -2.66 2.02
N VAL D 278 -14.63 -3.93 1.77
CA VAL D 278 -15.14 -5.02 2.60
C VAL D 278 -14.49 -5.07 4.01
N TYR D 279 -13.35 -4.39 4.17
CA TYR D 279 -12.63 -4.34 5.45
C TYR D 279 -12.77 -2.99 6.16
N GLY D 280 -13.66 -2.13 5.69
CA GLY D 280 -13.84 -0.79 6.28
C GLY D 280 -12.96 0.32 5.73
N GLU D 281 -12.07 0.02 4.79
CA GLU D 281 -11.23 1.05 4.19
C GLU D 281 -12.00 1.89 3.16
N ARG D 282 -11.78 3.20 3.19
CA ARG D 282 -12.43 4.13 2.28
C ARG D 282 -11.59 4.42 1.06
N SER D 283 -12.24 4.96 0.02
CA SER D 283 -11.56 5.40 -1.19
C SER D 283 -10.50 6.46 -0.89
N ARG D 284 -9.44 6.46 -1.69
CA ARG D 284 -8.31 7.36 -1.50
C ARG D 284 -8.25 8.32 -2.67
N VAL D 285 -8.47 9.60 -2.42
CA VAL D 285 -8.39 10.59 -3.49
C VAL D 285 -6.92 10.86 -3.81
N ILE D 286 -6.55 10.74 -5.08
CA ILE D 286 -5.20 11.05 -5.51
C ILE D 286 -5.12 12.48 -6.05
N ALA D 287 -6.14 12.90 -6.79
CA ALA D 287 -6.20 14.25 -7.38
C ALA D 287 -7.63 14.70 -7.59
N GLY D 288 -7.84 16.00 -7.48
CA GLY D 288 -9.14 16.65 -7.69
C GLY D 288 -9.79 16.99 -6.36
N VAL E 6 57.48 22.04 43.03
CA VAL E 6 56.42 21.27 42.31
C VAL E 6 55.38 22.21 41.70
N GLN E 7 55.44 22.36 40.38
CA GLN E 7 54.51 23.23 39.64
C GLN E 7 53.35 22.38 39.16
N VAL E 8 52.13 22.85 39.42
CA VAL E 8 50.91 22.17 39.01
C VAL E 8 50.33 22.94 37.83
N THR E 9 50.56 22.45 36.60
CA THR E 9 50.08 23.17 35.42
C THR E 9 48.73 22.58 34.98
N VAL E 10 47.79 23.47 34.72
CA VAL E 10 46.40 23.12 34.39
C VAL E 10 46.15 23.53 32.96
N THR E 11 45.72 22.57 32.13
CA THR E 11 45.41 22.82 30.73
C THR E 11 43.95 22.47 30.45
N LYS E 12 43.15 23.49 30.18
CA LYS E 12 41.75 23.35 29.80
C LYS E 12 41.53 22.43 28.62
N LEU E 13 40.52 21.58 28.71
CA LEU E 13 40.14 20.69 27.62
C LEU E 13 38.92 21.19 26.84
N GLY E 14 38.06 21.95 27.50
CA GLY E 14 36.87 22.50 26.86
C GLY E 14 36.32 23.67 27.62
N ALA E 15 35.41 24.41 26.98
CA ALA E 15 34.95 25.68 27.54
C ALA E 15 34.31 25.56 28.93
N HIS E 16 33.50 24.53 29.13
CA HIS E 16 32.69 24.42 30.32
C HIS E 16 33.11 23.32 31.31
N ILE E 17 34.02 22.44 30.89
CA ILE E 17 34.40 21.30 31.71
C ILE E 17 35.68 20.60 31.19
N GLY E 18 36.51 20.13 32.11
CA GLY E 18 37.66 19.30 31.77
C GLY E 18 38.99 20.03 31.77
N ALA E 19 40.00 19.48 32.47
CA ALA E 19 41.37 19.97 32.37
C ALA E 19 42.34 18.83 32.57
N ARG E 20 43.47 18.87 31.86
CA ARG E 20 44.61 17.98 32.17
C ARG E 20 45.46 18.64 33.26
N ILE E 21 45.97 17.82 34.18
CA ILE E 21 46.97 18.27 35.15
C ILE E 21 48.30 17.64 34.78
N ASP E 22 49.35 18.44 34.81
CA ASP E 22 50.72 17.99 34.55
C ASP E 22 51.65 18.45 35.66
N GLY E 23 52.78 17.79 35.78
CA GLY E 23 53.85 18.20 36.70
C GLY E 23 53.79 17.65 38.12
N VAL E 24 52.90 16.69 38.37
CA VAL E 24 52.73 16.12 39.68
C VAL E 24 52.91 14.60 39.64
N ARG E 25 53.83 14.09 40.45
CA ARG E 25 53.90 12.66 40.74
C ARG E 25 52.91 12.44 41.87
N VAL E 26 51.77 11.85 41.55
CA VAL E 26 50.66 11.76 42.48
C VAL E 26 50.94 10.75 43.60
N GLY E 27 50.65 11.14 44.82
CA GLY E 27 50.87 10.26 45.96
C GLY E 27 50.47 10.93 47.26
N GLY E 28 50.81 10.29 48.38
CA GLY E 28 50.45 10.79 49.71
C GLY E 28 51.39 11.82 50.32
N ASP E 29 52.47 12.15 49.62
CA ASP E 29 53.50 13.05 50.16
C ASP E 29 53.57 14.39 49.43
N LEU E 30 52.42 14.99 49.14
CA LEU E 30 52.40 16.27 48.41
C LEU E 30 52.22 17.42 49.37
N SER E 31 52.78 18.57 49.01
CA SER E 31 52.69 19.76 49.87
C SER E 31 51.27 20.34 49.91
N PRO E 32 50.92 21.05 50.98
CA PRO E 32 49.61 21.70 51.03
C PRO E 32 49.34 22.64 49.83
N ALA E 33 50.37 23.35 49.39
CA ALA E 33 50.27 24.22 48.21
C ALA E 33 49.86 23.42 46.95
N THR E 34 50.49 22.27 46.77
CA THR E 34 50.20 21.40 45.66
C THR E 34 48.78 20.81 45.78
N VAL E 35 48.42 20.37 46.97
CA VAL E 35 47.10 19.81 47.21
C VAL E 35 46.02 20.83 46.93
N SER E 36 46.23 22.06 47.38
CA SER E 36 45.18 23.06 47.25
C SER E 36 45.11 23.59 45.82
N ALA E 37 46.23 23.55 45.09
CA ALA E 37 46.20 23.88 43.67
C ALA E 37 45.43 22.81 42.88
N ILE E 38 45.62 21.55 43.25
CA ILE E 38 44.84 20.45 42.67
C ILE E 38 43.36 20.62 42.98
N ASN E 39 43.07 20.94 44.24
CA ASN E 39 41.70 21.14 44.68
C ASN E 39 41.05 22.32 43.93
N ALA E 40 41.82 23.38 43.73
CA ALA E 40 41.31 24.57 43.03
C ALA E 40 40.96 24.23 41.58
N ALA E 41 41.81 23.43 40.94
CA ALA E 41 41.58 23.01 39.57
C ALA E 41 40.34 22.14 39.47
N LEU E 42 40.20 21.21 40.42
CA LEU E 42 39.05 20.36 40.46
C LEU E 42 37.76 21.16 40.50
N LEU E 43 37.72 22.21 41.32
CA LEU E 43 36.50 22.97 41.50
C LEU E 43 36.15 23.81 40.29
N GLU E 44 37.18 24.32 39.63
CA GLU E 44 37.01 25.18 38.48
C GLU E 44 36.64 24.34 37.27
N HIS E 45 37.33 23.21 37.08
CA HIS E 45 37.21 22.43 35.83
C HIS E 45 36.31 21.19 35.93
N LYS E 46 35.94 20.80 37.15
CA LYS E 46 34.92 19.76 37.42
C LYS E 46 35.41 18.33 37.29
N VAL E 47 36.17 18.05 36.26
CA VAL E 47 36.91 16.79 36.19
C VAL E 47 38.30 17.11 35.69
N ILE E 48 39.30 16.54 36.34
CA ILE E 48 40.68 16.75 35.98
C ILE E 48 41.38 15.41 35.76
N PHE E 49 42.38 15.39 34.90
CA PHE E 49 43.02 14.17 34.47
C PHE E 49 44.53 14.23 34.66
N PHE E 50 45.08 13.26 35.39
CA PHE E 50 46.54 13.11 35.47
C PHE E 50 46.94 11.98 34.58
N SER E 51 48.10 12.10 33.97
CA SER E 51 48.63 11.07 33.09
C SER E 51 50.03 10.67 33.54
N GLY E 52 50.48 9.53 33.04
CA GLY E 52 51.83 9.06 33.28
C GLY E 52 52.10 8.69 34.72
N GLN E 53 51.05 8.32 35.46
CA GLN E 53 51.19 7.96 36.87
C GLN E 53 51.50 6.48 37.02
N ASP E 54 52.53 6.02 36.30
CA ASP E 54 52.92 4.59 36.24
C ASP E 54 53.25 3.98 37.59
N HIS E 55 53.78 4.81 38.48
CA HIS E 55 54.13 4.40 39.84
C HIS E 55 52.96 4.16 40.78
N LEU E 56 51.77 4.59 40.38
CA LEU E 56 50.66 4.67 41.31
C LEU E 56 49.97 3.31 41.48
N ASP E 57 49.77 2.89 42.72
CA ASP E 57 49.02 1.67 43.03
C ASP E 57 47.82 1.99 43.94
N ASP E 58 47.13 0.96 44.39
CA ASP E 58 45.94 1.16 45.22
C ASP E 58 46.24 1.92 46.50
N ALA E 59 47.31 1.53 47.18
CA ALA E 59 47.70 2.20 48.42
C ALA E 59 48.04 3.68 48.16
N GLY E 60 48.78 3.94 47.09
CA GLY E 60 49.16 5.29 46.72
C GLY E 60 47.95 6.15 46.37
N GLN E 61 47.04 5.57 45.57
CA GLN E 61 45.80 6.25 45.20
C GLN E 61 45.06 6.63 46.49
N LEU E 62 45.02 5.72 47.44
CA LEU E 62 44.30 5.94 48.68
C LEU E 62 44.99 6.99 49.57
N GLU E 63 46.30 6.91 49.65
CA GLU E 63 47.08 7.91 50.36
C GLU E 63 46.82 9.29 49.76
N PHE E 64 46.77 9.36 48.44
CA PHE E 64 46.56 10.62 47.74
C PHE E 64 45.14 11.11 48.01
N ALA E 65 44.18 10.21 47.92
CA ALA E 65 42.80 10.54 48.22
C ALA E 65 42.67 11.14 49.63
N GLU E 66 43.39 10.57 50.59
CA GLU E 66 43.37 11.07 51.98
C GLU E 66 43.70 12.56 52.11
N LEU E 67 44.54 13.07 51.24
CA LEU E 67 44.89 14.49 51.27
C LEU E 67 43.76 15.40 50.76
N LEU E 68 42.83 14.86 49.98
CA LEU E 68 41.78 15.68 49.37
C LEU E 68 40.46 15.59 50.09
N GLY E 69 40.33 14.63 51.00
CA GLY E 69 39.11 14.46 51.76
C GLY E 69 39.14 13.18 52.56
N THR E 70 37.96 12.72 52.99
CA THR E 70 37.84 11.54 53.83
C THR E 70 37.30 10.41 52.98
N PRO E 71 38.14 9.41 52.71
CA PRO E 71 37.67 8.31 51.91
C PRO E 71 36.47 7.64 52.54
N THR E 72 35.53 7.24 51.70
CA THR E 72 34.33 6.54 52.16
C THR E 72 34.60 5.05 52.19
N VAL E 73 33.71 4.30 52.84
CA VAL E 73 33.84 2.83 52.89
C VAL E 73 33.49 2.29 51.49
N ALA E 95 27.54 0.97 33.91
CA ALA E 95 26.86 2.21 34.22
C ALA E 95 26.77 3.05 32.94
N ASN E 96 26.22 2.42 31.88
CA ASN E 96 25.99 3.05 30.56
C ASN E 96 24.83 4.07 30.61
N SER E 97 24.86 4.97 31.60
CA SER E 97 23.72 5.82 31.94
C SER E 97 24.20 7.07 32.71
N TRP E 98 23.63 8.23 32.41
CA TRP E 98 24.05 9.47 33.05
C TRP E 98 23.65 9.53 34.51
N HIS E 99 24.63 9.70 35.38
CA HIS E 99 24.35 9.79 36.80
C HIS E 99 25.38 10.54 37.61
N THR E 100 24.95 10.96 38.79
CA THR E 100 25.81 11.45 39.83
C THR E 100 25.89 10.31 40.84
N ASP E 101 27.06 10.09 41.41
CA ASP E 101 27.26 8.92 42.28
C ASP E 101 26.48 9.02 43.59
N VAL E 102 25.79 7.93 43.92
CA VAL E 102 25.19 7.73 45.23
C VAL E 102 24.36 8.93 45.69
N THR E 103 23.40 9.35 44.87
CA THR E 103 22.53 10.47 45.23
C THR E 103 21.33 10.02 46.02
N PHE E 104 21.23 8.72 46.26
CA PHE E 104 20.11 8.18 47.06
C PHE E 104 20.38 8.24 48.56
N VAL E 105 21.49 8.86 48.97
CA VAL E 105 21.75 9.12 50.38
C VAL E 105 21.75 10.63 50.58
N ASP E 106 21.66 11.05 51.84
CA ASP E 106 21.77 12.46 52.15
C ASP E 106 23.17 13.01 51.86
N ARG E 107 24.18 12.27 52.29
CA ARG E 107 25.56 12.73 52.21
C ARG E 107 26.17 12.31 50.90
N ILE E 108 25.79 13.02 49.84
CA ILE E 108 26.26 12.69 48.49
C ILE E 108 27.76 12.90 48.49
N PRO E 109 28.52 11.87 48.05
CA PRO E 109 29.99 12.00 48.08
C PRO E 109 30.46 13.18 47.24
N LYS E 110 31.48 13.88 47.70
CA LYS E 110 31.89 15.12 47.04
C LYS E 110 32.72 14.90 45.78
N ALA E 111 33.38 13.76 45.70
CA ALA E 111 34.32 13.53 44.63
C ALA E 111 34.72 12.07 44.55
N SER E 112 35.24 11.69 43.39
CA SER E 112 35.79 10.37 43.19
C SER E 112 37.10 10.44 42.44
N LEU E 113 37.97 9.47 42.71
CA LEU E 113 39.24 9.30 42.04
C LEU E 113 39.18 7.97 41.34
N LEU E 114 39.49 7.96 40.06
CA LEU E 114 39.39 6.74 39.28
C LEU E 114 40.69 6.54 38.52
N ARG E 115 41.31 5.39 38.74
CA ARG E 115 42.60 5.06 38.16
C ARG E 115 42.47 3.90 37.20
N ALA E 116 43.09 4.01 36.04
CA ALA E 116 43.11 2.92 35.07
C ALA E 116 44.02 1.78 35.55
N VAL E 117 43.52 0.56 35.45
CA VAL E 117 44.31 -0.63 35.78
C VAL E 117 44.47 -1.50 34.53
N THR E 118 43.35 -1.86 33.90
CA THR E 118 43.37 -2.73 32.72
C THR E 118 42.38 -2.21 31.67
N LEU E 119 42.90 -1.91 30.47
CA LEU E 119 42.09 -1.25 29.45
C LEU E 119 41.89 -2.07 28.19
N PRO E 120 40.71 -1.92 27.56
CA PRO E 120 40.46 -2.57 26.30
C PRO E 120 41.23 -1.89 25.20
N SER E 121 41.49 -2.59 24.11
CA SER E 121 42.24 -2.02 22.98
C SER E 121 41.48 -0.92 22.26
N TYR E 122 40.15 -0.94 22.34
CA TYR E 122 39.34 0.14 21.79
C TYR E 122 38.17 0.47 22.74
N GLY E 123 37.64 1.67 22.59
CA GLY E 123 36.49 2.10 23.35
C GLY E 123 36.81 2.24 24.84
N GLY E 124 35.74 2.24 25.64
CA GLY E 124 35.84 2.35 27.08
C GLY E 124 36.06 3.77 27.57
N THR E 125 35.56 4.73 26.81
CA THR E 125 35.63 6.12 27.21
C THR E 125 34.65 6.37 28.36
N THR E 126 34.93 7.42 29.11
CA THR E 126 34.03 7.95 30.09
C THR E 126 33.73 9.40 29.74
N ALA E 127 32.48 9.81 29.95
CA ALA E 127 32.09 11.20 29.75
C ALA E 127 31.63 11.83 31.06
N TRP E 128 31.90 13.12 31.19
CA TRP E 128 31.43 13.91 32.31
C TRP E 128 30.65 15.11 31.79
N ALA E 129 29.63 15.51 32.54
CA ALA E 129 28.85 16.71 32.20
C ALA E 129 28.90 17.68 33.38
N SER E 130 28.93 18.97 33.09
CA SER E 130 28.90 19.99 34.13
C SER E 130 27.47 20.39 34.47
N THR E 131 27.04 20.06 35.69
CA THR E 131 25.73 20.49 36.19
C THR E 131 25.74 21.95 36.67
N GLU E 132 26.93 22.55 36.71
CA GLU E 132 27.05 23.97 36.97
C GLU E 132 26.74 24.75 35.70
N ALA E 133 27.45 24.42 34.63
CA ALA E 133 27.30 25.13 33.36
C ALA E 133 25.86 25.00 32.86
N ALA E 134 25.28 23.81 33.00
CA ALA E 134 23.89 23.59 32.61
C ALA E 134 22.93 24.52 33.34
N TYR E 135 23.16 24.76 34.62
CA TYR E 135 22.33 25.70 35.37
C TYR E 135 22.50 27.12 34.85
N GLN E 136 23.74 27.57 34.65
CA GLN E 136 23.97 28.93 34.19
C GLN E 136 23.30 29.16 32.86
N GLN E 137 23.28 28.13 32.02
CA GLN E 137 22.70 28.22 30.68
C GLN E 137 21.17 28.25 30.68
N LEU E 138 20.54 27.97 31.81
CA LEU E 138 19.08 27.97 31.84
C LEU E 138 18.51 29.37 31.69
N PRO E 139 17.50 29.53 30.83
CA PRO E 139 16.78 30.78 30.83
C PRO E 139 16.03 30.96 32.15
N ALA E 140 15.85 32.21 32.55
CA ALA E 140 15.35 32.57 33.87
C ALA E 140 14.13 31.77 34.38
N PRO E 141 13.10 31.59 33.54
CA PRO E 141 11.93 30.84 34.02
C PRO E 141 12.28 29.40 34.41
N LEU E 142 13.17 28.77 33.66
CA LEU E 142 13.60 27.40 33.95
C LEU E 142 14.55 27.33 35.14
N ARG E 143 15.38 28.36 35.32
CA ARG E 143 16.21 28.46 36.53
C ARG E 143 15.33 28.44 37.76
N THR E 144 14.34 29.33 37.78
CA THR E 144 13.47 29.47 38.92
C THR E 144 12.70 28.17 39.17
N LEU E 145 12.30 27.49 38.10
CA LEU E 145 11.64 26.21 38.23
C LEU E 145 12.56 25.22 38.93
N ALA E 146 13.77 25.11 38.41
CA ALA E 146 14.76 24.24 39.00
C ALA E 146 15.01 24.61 40.46
N ASP E 147 15.07 25.93 40.75
CA ASP E 147 15.32 26.43 42.11
C ASP E 147 14.25 25.93 43.07
N ASN E 148 13.02 25.72 42.57
CA ASN E 148 11.88 25.36 43.43
C ASN E 148 11.45 23.90 43.36
N LEU E 149 12.18 23.08 42.60
CA LEU E 149 11.84 21.67 42.47
C LEU E 149 12.65 20.79 43.40
N TRP E 150 12.01 19.74 43.89
CA TRP E 150 12.66 18.70 44.68
C TRP E 150 12.44 17.36 44.02
N ALA E 151 13.38 16.46 44.18
CA ALA E 151 13.33 15.15 43.54
C ALA E 151 13.53 14.05 44.52
N VAL E 152 12.78 12.97 44.32
CA VAL E 152 12.94 11.76 45.12
C VAL E 152 14.01 10.94 44.42
N HIS E 153 15.08 10.64 45.14
CA HIS E 153 16.12 9.74 44.67
C HIS E 153 16.04 8.44 45.46
N THR E 154 16.17 7.30 44.77
CA THR E 154 16.24 6.00 45.44
C THR E 154 17.25 5.09 44.75
N ASN E 155 17.59 4.00 45.42
CA ASN E 155 18.48 2.99 44.84
C ASN E 155 17.72 1.83 44.21
N ARG E 156 16.39 1.83 44.31
CA ARG E 156 15.57 0.75 43.72
C ARG E 156 14.89 1.23 42.44
N ASP E 178 18.81 -3.46 51.44
CA ASP E 178 19.10 -2.09 51.86
C ASP E 178 18.39 -1.06 50.95
N TYR E 179 17.22 -0.56 51.37
CA TYR E 179 16.46 0.45 50.61
C TYR E 179 16.80 1.87 51.06
N TYR E 180 17.07 2.75 50.10
CA TYR E 180 17.38 4.14 50.36
C TYR E 180 16.43 5.05 49.59
N GLU E 181 15.93 6.07 50.27
CA GLU E 181 15.08 7.06 49.63
C GLU E 181 15.34 8.40 50.27
N VAL E 182 15.63 9.41 49.45
CA VAL E 182 15.90 10.75 49.94
C VAL E 182 15.32 11.80 48.98
N GLU E 183 14.81 12.89 49.54
CA GLU E 183 14.36 14.03 48.75
C GLU E 183 15.44 15.10 48.74
N HIS E 184 15.98 15.37 47.55
CA HIS E 184 17.03 16.35 47.33
C HIS E 184 16.50 17.50 46.52
N PRO E 185 17.03 18.72 46.75
CA PRO E 185 16.65 19.78 45.84
C PRO E 185 17.23 19.52 44.47
N VAL E 186 16.52 19.96 43.43
CA VAL E 186 17.00 19.89 42.06
C VAL E 186 18.16 20.85 41.83
N VAL E 187 18.20 21.93 42.60
CA VAL E 187 19.33 22.85 42.59
C VAL E 187 19.92 22.94 43.98
N ARG E 188 21.22 22.70 44.08
CA ARG E 188 21.94 22.81 45.35
C ARG E 188 22.99 23.87 45.20
N VAL E 189 23.34 24.50 46.31
CA VAL E 189 24.36 25.52 46.34
C VAL E 189 25.63 24.81 46.76
N HIS E 190 26.62 24.89 45.88
CA HIS E 190 27.87 24.20 46.09
C HIS E 190 28.58 24.81 47.32
N PRO E 191 28.92 23.96 48.30
CA PRO E 191 29.42 24.45 49.60
C PRO E 191 30.81 25.09 49.54
N GLU E 192 31.64 24.68 48.58
CA GLU E 192 32.98 25.30 48.38
C GLU E 192 33.00 26.46 47.39
N THR E 193 32.26 26.36 46.27
CA THR E 193 32.30 27.41 45.25
C THR E 193 31.20 28.44 45.38
N GLY E 194 30.13 28.08 46.09
CA GLY E 194 28.94 28.93 46.13
C GLY E 194 28.08 28.90 44.87
N GLU E 195 28.53 28.18 43.83
CA GLU E 195 27.82 28.15 42.57
CA GLU E 195 27.81 28.15 42.57
C GLU E 195 26.59 27.25 42.67
N ARG E 196 25.51 27.63 41.97
CA ARG E 196 24.34 26.78 41.92
C ARG E 196 24.55 25.70 40.88
N VAL E 197 24.17 24.47 41.23
CA VAL E 197 24.37 23.33 40.35
C VAL E 197 23.14 22.44 40.36
N LEU E 198 22.89 21.78 39.24
CA LEU E 198 21.77 20.85 39.15
C LEU E 198 22.11 19.52 39.83
N LEU E 199 21.11 18.90 40.43
CA LEU E 199 21.27 17.59 41.07
C LEU E 199 20.15 16.70 40.57
N LEU E 200 20.46 15.89 39.57
CA LEU E 200 19.49 14.98 38.95
C LEU E 200 20.14 13.61 38.71
N GLY E 201 20.14 13.09 37.47
CA GLY E 201 20.76 11.80 37.18
C GLY E 201 19.82 10.64 37.44
N HIS E 202 20.30 9.42 37.19
CA HIS E 202 19.39 8.29 37.03
C HIS E 202 18.82 7.70 38.30
N PHE E 203 19.19 8.21 39.46
CA PHE E 203 18.55 7.75 40.69
C PHE E 203 17.25 8.47 41.01
N VAL E 204 16.91 9.47 40.20
CA VAL E 204 15.68 10.23 40.38
C VAL E 204 14.50 9.36 39.98
N LYS E 205 13.56 9.14 40.90
CA LYS E 205 12.30 8.44 40.60
C LYS E 205 11.20 9.43 40.17
N SER E 206 11.20 10.62 40.75
CA SER E 206 10.11 11.58 40.54
C SER E 206 10.43 12.96 41.10
N PHE E 207 9.61 13.94 40.73
CA PHE E 207 9.69 15.26 41.32
C PHE E 207 8.52 15.46 42.27
N VAL E 208 8.84 15.96 43.46
CA VAL E 208 7.87 16.06 44.55
C VAL E 208 6.68 16.92 44.16
N GLY E 209 5.48 16.38 44.35
CA GLY E 209 4.25 17.11 44.10
C GLY E 209 3.73 17.09 42.66
N LEU E 210 4.44 16.42 41.76
CA LEU E 210 4.12 16.42 40.33
C LEU E 210 3.61 15.05 39.87
N LYS E 211 2.74 15.05 38.85
CA LYS E 211 2.32 13.80 38.23
C LYS E 211 3.53 13.13 37.54
N ASP E 212 3.50 11.81 37.40
CA ASP E 212 4.65 11.09 36.86
C ASP E 212 4.99 11.48 35.42
N THR E 213 3.99 11.81 34.62
CA THR E 213 4.22 12.30 33.26
C THR E 213 4.97 13.62 33.25
N GLU E 214 4.67 14.47 34.22
CA GLU E 214 5.34 15.76 34.36
C GLU E 214 6.78 15.61 34.88
N SER E 215 6.98 14.68 35.81
CA SER E 215 8.32 14.34 36.26
C SER E 215 9.19 13.85 35.09
N ALA E 216 8.65 12.98 34.26
CA ALA E 216 9.39 12.46 33.10
C ALA E 216 9.78 13.56 32.12
N ALA E 217 8.86 14.47 31.84
CA ALA E 217 9.08 15.52 30.85
C ALA E 217 10.11 16.53 31.37
N LEU E 218 9.99 16.92 32.63
CA LEU E 218 10.92 17.88 33.20
C LEU E 218 12.32 17.27 33.41
N PHE E 219 12.37 16.01 33.84
CA PHE E 219 13.62 15.29 33.98
C PHE E 219 14.40 15.25 32.66
N ARG E 220 13.70 14.88 31.59
CA ARG E 220 14.27 14.87 30.25
C ARG E 220 14.74 16.27 29.81
N LEU E 221 13.92 17.28 30.06
CA LEU E 221 14.26 18.65 29.75
C LEU E 221 15.58 19.10 30.40
N PHE E 222 15.68 18.89 31.70
CA PHE E 222 16.89 19.26 32.40
C PHE E 222 18.07 18.36 32.03
N GLN E 223 17.85 17.05 31.94
CA GLN E 223 18.93 16.15 31.52
C GLN E 223 19.45 16.49 30.11
N ASP E 224 18.54 16.85 29.19
CA ASP E 224 18.94 17.27 27.86
C ASP E 224 19.92 18.42 27.90
N ARG E 225 19.65 19.39 28.78
CA ARG E 225 20.56 20.51 28.95
C ARG E 225 21.86 20.16 29.64
N ILE E 226 21.82 19.23 30.58
CA ILE E 226 23.05 18.78 31.22
C ILE E 226 23.99 18.03 30.28
N THR E 227 23.43 17.13 29.47
CA THR E 227 24.22 16.20 28.65
C THR E 227 24.46 16.68 27.21
N ARG E 228 23.96 17.86 26.88
CA ARG E 228 24.35 18.56 25.66
C ARG E 228 25.85 18.42 25.48
N LEU E 229 26.31 18.05 24.28
CA LEU E 229 27.71 17.72 24.09
C LEU E 229 28.67 18.84 24.53
N GLU E 230 28.25 20.09 24.28
CA GLU E 230 28.98 21.28 24.72
C GLU E 230 29.31 21.33 26.21
N ASN E 231 28.46 20.75 27.06
CA ASN E 231 28.73 20.67 28.50
C ASN E 231 29.46 19.41 28.92
N THR E 232 30.04 18.68 27.97
CA THR E 232 30.67 17.42 28.31
C THR E 232 32.10 17.32 27.82
N VAL E 233 32.87 16.50 28.51
CA VAL E 233 34.18 16.09 28.06
C VAL E 233 34.18 14.57 28.06
N ARG E 234 34.84 13.99 27.07
CA ARG E 234 34.88 12.55 26.93
C ARG E 234 36.31 12.11 26.85
N TRP E 235 36.71 11.26 27.80
CA TRP E 235 38.12 10.90 28.01
C TRP E 235 38.43 9.52 27.47
N SER E 236 39.52 9.44 26.73
CA SER E 236 40.08 8.17 26.27
C SER E 236 41.16 7.73 27.26
N TRP E 237 40.90 6.62 27.95
CA TRP E 237 41.81 6.16 28.97
C TRP E 237 43.08 5.56 28.38
N LYS E 238 44.20 5.86 29.05
CA LYS E 238 45.49 5.22 28.79
C LYS E 238 46.05 4.72 30.11
N PRO E 239 46.89 3.67 30.07
CA PRO E 239 47.54 3.27 31.30
C PRO E 239 48.24 4.47 31.95
N GLY E 240 48.18 4.54 33.27
CA GLY E 240 48.78 5.64 34.02
C GLY E 240 47.85 6.84 34.21
N ASP E 241 46.63 6.76 33.70
CA ASP E 241 45.67 7.84 33.84
C ASP E 241 44.96 7.77 35.18
N LEU E 242 44.67 8.93 35.74
CA LEU E 242 43.85 9.04 36.93
C LEU E 242 42.92 10.23 36.76
N ALA E 243 41.63 10.00 36.91
CA ALA E 243 40.65 11.08 36.86
C ALA E 243 40.10 11.38 38.24
N ILE E 244 39.88 12.66 38.51
CA ILE E 244 39.21 13.11 39.72
C ILE E 244 38.10 14.05 39.33
N TRP E 245 36.89 13.81 39.85
CA TRP E 245 35.76 14.67 39.52
C TRP E 245 34.99 15.14 40.71
N ASP E 246 34.43 16.33 40.57
CA ASP E 246 33.60 16.93 41.60
C ASP E 246 32.19 16.38 41.40
N ASN E 247 31.80 15.46 42.26
CA ASN E 247 30.51 14.79 42.17
C ASN E 247 29.36 15.72 42.54
N ARG E 248 29.67 16.89 43.05
CA ARG E 248 28.65 17.87 43.36
C ARG E 248 28.28 18.71 42.16
N ALA E 249 29.12 18.71 41.13
CA ALA E 249 28.92 19.58 39.98
C ALA E 249 29.01 18.84 38.66
N THR E 250 28.84 17.51 38.70
CA THR E 250 28.88 16.70 37.51
C THR E 250 27.94 15.53 37.54
N GLN E 251 27.77 14.96 36.36
CA GLN E 251 27.31 13.61 36.17
C GLN E 251 28.34 12.95 35.29
N HIS E 252 28.27 11.64 35.19
CA HIS E 252 29.14 10.96 34.25
C HIS E 252 28.48 9.71 33.71
N TYR E 253 29.15 9.12 32.73
CA TYR E 253 28.58 8.05 31.93
C TYR E 253 29.72 7.17 31.49
N ALA E 254 29.63 5.88 31.78
CA ALA E 254 30.65 4.95 31.34
C ALA E 254 30.18 4.35 30.02
N VAL E 255 30.92 4.60 28.96
CA VAL E 255 30.51 4.15 27.63
C VAL E 255 30.88 2.69 27.42
N ALA E 256 29.88 1.87 27.09
CA ALA E 256 30.08 0.45 26.87
C ALA E 256 30.28 0.18 25.36
N ASP E 257 31.38 0.70 24.82
CA ASP E 257 31.70 0.56 23.39
C ASP E 257 32.97 -0.27 23.18
N TYR E 258 33.21 -1.24 24.07
CA TYR E 258 34.40 -2.07 23.95
C TYR E 258 34.07 -3.55 23.86
N ASP E 259 32.84 -3.83 23.43
CA ASP E 259 32.36 -5.20 23.26
C ASP E 259 32.63 -5.94 24.58
N ASP E 260 33.06 -7.18 24.50
CA ASP E 260 33.22 -7.96 25.70
C ASP E 260 34.63 -7.90 26.32
N GLN E 261 35.46 -6.94 25.90
CA GLN E 261 36.82 -6.84 26.43
C GLN E 261 36.84 -6.54 27.93
N TYR E 262 37.85 -7.07 28.59
CA TYR E 262 38.01 -6.88 30.02
C TYR E 262 38.51 -5.45 30.30
N ARG E 263 37.95 -4.84 31.35
CA ARG E 263 38.25 -3.47 31.70
C ARG E 263 38.14 -3.27 33.19
N ARG E 264 39.19 -2.75 33.83
CA ARG E 264 39.18 -2.54 35.27
C ARG E 264 39.76 -1.18 35.59
N LEU E 265 39.00 -0.40 36.35
CA LEU E 265 39.49 0.82 36.99
C LEU E 265 39.17 0.76 38.47
N ASN E 266 39.98 1.44 39.28
CA ASN E 266 39.82 1.42 40.71
C ASN E 266 39.38 2.79 41.20
N ARG E 267 38.33 2.80 42.02
CA ARG E 267 37.69 4.01 42.45
C ARG E 267 37.89 4.22 43.95
N VAL E 268 38.20 5.45 44.33
CA VAL E 268 38.14 5.87 45.71
C VAL E 268 37.20 7.04 45.75
N THR E 269 36.30 7.03 46.72
CA THR E 269 35.27 8.05 46.83
C THR E 269 35.48 8.84 48.11
N LEU E 270 35.24 10.14 48.05
CA LEU E 270 35.46 11.04 49.16
C LEU E 270 34.14 11.52 49.72
N ALA E 271 34.04 11.54 51.05
CA ALA E 271 32.80 11.92 51.74
C ALA E 271 32.39 13.34 51.38
N GLY E 272 31.09 13.53 51.20
CA GLY E 272 30.55 14.84 50.91
C GLY E 272 29.63 15.29 52.03
N ASP E 273 28.89 16.36 51.78
CA ASP E 273 27.98 16.91 52.77
C ASP E 273 26.56 16.77 52.27
N ILE E 274 25.63 17.29 53.05
CA ILE E 274 24.23 17.22 52.71
C ILE E 274 23.85 18.44 51.89
N PRO E 275 23.25 18.23 50.73
CA PRO E 275 22.88 19.34 49.86
C PRO E 275 22.00 20.35 50.58
N VAL E 276 22.22 21.63 50.29
CA VAL E 276 21.27 22.66 50.69
C VAL E 276 20.73 23.29 49.41
N ASP E 277 19.45 23.61 49.44
CA ASP E 277 18.82 24.28 48.33
C ASP E 277 19.13 25.77 48.36
N VAL E 278 18.52 26.49 47.44
CA VAL E 278 18.78 27.91 47.25
C VAL E 278 18.27 28.81 48.41
N TYR E 279 17.37 28.26 49.23
CA TYR E 279 16.80 28.98 50.37
C TYR E 279 17.37 28.49 51.71
N GLY E 280 18.41 27.66 51.68
CA GLY E 280 18.99 27.08 52.89
C GLY E 280 18.48 25.71 53.32
N GLU E 281 17.42 25.21 52.69
CA GLU E 281 16.77 23.98 53.15
C GLU E 281 17.61 22.80 52.77
N ARG E 282 17.74 21.86 53.69
CA ARG E 282 18.54 20.67 53.49
C ARG E 282 17.70 19.51 52.95
N SER E 283 18.40 18.52 52.41
CA SER E 283 17.79 17.27 51.96
C SER E 283 17.07 16.54 53.10
N ARG E 284 16.00 15.86 52.74
CA ARG E 284 15.16 15.16 53.72
C ARG E 284 15.28 13.65 53.48
N VAL E 285 15.85 12.93 54.44
CA VAL E 285 15.97 11.47 54.30
C VAL E 285 14.62 10.83 54.57
N ILE E 286 14.15 10.01 53.64
CA ILE E 286 12.88 9.29 53.82
C ILE E 286 13.13 7.88 54.35
N ALA E 287 14.18 7.23 53.84
CA ALA E 287 14.52 5.88 54.26
C ALA E 287 16.02 5.61 54.07
N GLY E 288 16.58 4.79 54.94
CA GLY E 288 17.98 4.40 54.89
C GLY E 288 18.81 5.20 55.86
N ASP E 289 20.00 4.68 56.17
CA ASP E 289 20.92 5.32 57.07
C ASP E 289 22.33 5.21 56.54
N ALA E 290 22.94 6.35 56.23
CA ALA E 290 24.24 6.40 55.57
C ALA E 290 25.43 6.62 56.52
N SER E 291 25.19 6.61 57.84
CA SER E 291 26.24 6.79 58.86
C SER E 291 27.40 5.81 58.65
N SER E 292 27.05 4.58 58.25
CA SER E 292 28.01 3.49 58.04
C SER E 292 28.80 3.70 56.76
N TYR E 293 28.13 4.21 55.71
CA TYR E 293 28.76 4.53 54.43
C TYR E 293 29.84 5.61 54.55
N SER E 294 29.49 6.72 55.24
CA SER E 294 30.44 7.80 55.42
C SER E 294 29.96 8.81 56.47
N PRO E 295 30.89 9.65 56.98
CA PRO E 295 30.49 10.81 57.77
C PRO E 295 30.00 11.96 56.87
N VAL E 296 29.50 13.02 57.49
CA VAL E 296 29.15 14.24 56.80
C VAL E 296 30.41 15.15 56.79
N ASP E 297 30.85 15.55 55.59
CA ASP E 297 31.99 16.47 55.42
C ASP E 297 31.47 17.90 55.34
N GLN F 7 -36.36 36.20 38.18
CA GLN F 7 -35.73 35.12 39.03
C GLN F 7 -34.75 34.27 38.18
N VAL F 8 -33.46 34.38 38.50
CA VAL F 8 -32.40 33.74 37.76
C VAL F 8 -31.85 32.60 38.59
N THR F 9 -32.21 31.37 38.28
CA THR F 9 -31.67 30.27 39.05
C THR F 9 -30.50 29.63 38.34
N VAL F 10 -29.47 29.36 39.13
CA VAL F 10 -28.22 28.80 38.65
C VAL F 10 -28.06 27.38 39.20
N THR F 11 -27.88 26.42 38.29
CA THR F 11 -27.67 25.03 38.66
C THR F 11 -26.30 24.56 38.14
N LYS F 12 -25.39 24.31 39.09
CA LYS F 12 -24.07 23.74 38.81
C LYS F 12 -24.13 22.43 38.02
N LEU F 13 -23.25 22.32 37.03
CA LEU F 13 -23.12 21.09 36.25
C LEU F 13 -21.92 20.25 36.66
N GLY F 14 -20.88 20.88 37.20
CA GLY F 14 -19.71 20.16 37.68
C GLY F 14 -18.93 20.98 38.69
N ALA F 15 -17.98 20.34 39.38
CA ALA F 15 -17.30 20.97 40.48
C ALA F 15 -16.55 22.26 40.10
N HIS F 16 -15.88 22.26 38.95
CA HIS F 16 -14.97 23.33 38.59
C HIS F 16 -15.45 24.23 37.45
N ILE F 17 -16.50 23.82 36.75
CA ILE F 17 -16.97 24.56 35.56
C ILE F 17 -18.38 24.11 35.13
N GLY F 18 -19.18 25.06 34.66
CA GLY F 18 -20.46 24.76 34.04
C GLY F 18 -21.65 25.01 34.94
N ALA F 19 -22.64 25.77 34.44
CA ALA F 19 -23.94 25.86 35.11
C ALA F 19 -25.06 26.04 34.10
N ARG F 20 -26.23 25.48 34.39
CA ARG F 20 -27.45 25.81 33.64
C ARG F 20 -28.08 27.05 34.26
N ILE F 21 -28.60 27.93 33.41
CA ILE F 21 -29.44 29.03 33.86
C ILE F 21 -30.88 28.77 33.45
N ASP F 22 -31.80 29.01 34.38
CA ASP F 22 -33.23 28.84 34.16
C ASP F 22 -33.98 30.08 34.61
N GLY F 23 -35.18 30.26 34.07
CA GLY F 23 -36.09 31.31 34.51
C GLY F 23 -36.00 32.63 33.78
N VAL F 24 -35.23 32.67 32.69
CA VAL F 24 -35.02 33.90 31.94
C VAL F 24 -35.41 33.70 30.49
N ARG F 25 -36.32 34.55 30.02
CA ARG F 25 -36.57 34.67 28.58
C ARG F 25 -35.51 35.66 28.09
N VAL F 26 -34.51 35.13 27.41
CA VAL F 26 -33.33 35.90 27.05
C VAL F 26 -33.66 36.92 25.95
N GLY F 27 -33.17 38.14 26.14
CA GLY F 27 -33.40 39.20 25.16
C GLY F 27 -32.79 40.51 25.63
N GLY F 28 -33.13 41.59 24.91
CA GLY F 28 -32.57 42.91 25.19
C GLY F 28 -33.30 43.70 26.26
N ASP F 29 -34.38 43.15 26.81
CA ASP F 29 -35.24 43.89 27.72
C ASP F 29 -35.18 43.35 29.16
N LEU F 30 -33.99 43.01 29.63
CA LEU F 30 -33.83 42.46 30.97
C LEU F 30 -33.38 43.52 31.96
N SER F 31 -33.79 43.36 33.21
CA SER F 31 -33.44 44.34 34.27
C SER F 31 -31.97 44.27 34.65
N PRO F 32 -31.43 45.37 35.16
CA PRO F 32 -30.04 45.35 35.61
C PRO F 32 -29.76 44.24 36.64
N ALA F 33 -30.71 43.99 37.54
CA ALA F 33 -30.58 42.91 38.52
C ALA F 33 -30.39 41.55 37.85
N THR F 34 -31.20 41.30 36.83
CA THR F 34 -31.14 40.06 36.07
C THR F 34 -29.83 39.96 35.28
N VAL F 35 -29.42 41.07 34.66
CA VAL F 35 -28.17 41.11 33.91
C VAL F 35 -26.96 40.83 34.80
N SER F 36 -26.94 41.43 35.97
CA SER F 36 -25.79 41.29 36.84
C SER F 36 -25.77 39.93 37.55
N ALA F 37 -26.95 39.33 37.73
CA ALA F 37 -27.01 37.95 38.22
C ALA F 37 -26.50 36.96 37.15
N ILE F 38 -26.86 37.20 35.89
CA ILE F 38 -26.31 36.44 34.79
C ILE F 38 -24.79 36.61 34.72
N ASN F 39 -24.34 37.86 34.87
CA ASN F 39 -22.91 38.14 34.82
C ASN F 39 -22.15 37.48 35.96
N ALA F 40 -22.74 37.50 37.14
CA ALA F 40 -22.13 36.87 38.31
C ALA F 40 -21.99 35.36 38.09
N ALA F 41 -23.01 34.73 37.51
CA ALA F 41 -22.99 33.30 37.23
C ALA F 41 -21.90 32.96 36.21
N LEU F 42 -21.81 33.79 35.18
CA LEU F 42 -20.80 33.62 34.18
C LEU F 42 -19.40 33.62 34.77
N LEU F 43 -19.13 34.54 35.67
CA LEU F 43 -17.79 34.65 36.28
C LEU F 43 -17.45 33.48 37.19
N GLU F 44 -18.46 33.01 37.91
CA GLU F 44 -18.28 31.96 38.87
C GLU F 44 -18.15 30.63 38.15
N HIS F 45 -19.01 30.40 37.16
CA HIS F 45 -19.14 29.09 36.53
C HIS F 45 -18.44 28.94 35.20
N LYS F 46 -18.02 30.05 34.61
CA LYS F 46 -17.15 30.09 33.42
C LYS F 46 -17.83 29.85 32.09
N VAL F 47 -18.72 28.87 32.04
CA VAL F 47 -19.64 28.76 30.93
C VAL F 47 -21.02 28.46 31.49
N ILE F 48 -22.03 29.14 30.96
CA ILE F 48 -23.41 28.97 31.41
C ILE F 48 -24.30 28.70 30.21
N PHE F 49 -25.37 27.95 30.44
CA PHE F 49 -26.21 27.47 29.39
C PHE F 49 -27.67 27.85 29.63
N PHE F 50 -28.30 28.50 28.65
CA PHE F 50 -29.72 28.72 28.68
C PHE F 50 -30.38 27.74 27.71
N SER F 51 -31.57 27.29 28.05
CA SER F 51 -32.31 26.36 27.22
C SER F 51 -33.71 26.89 26.96
N GLY F 52 -34.35 26.31 25.95
CA GLY F 52 -35.74 26.64 25.62
C GLY F 52 -35.91 28.04 25.09
N GLN F 53 -34.87 28.61 24.52
CA GLN F 53 -34.92 29.99 24.04
C GLN F 53 -35.41 30.02 22.59
N ASP F 54 -36.54 29.35 22.34
CA ASP F 54 -37.10 29.16 21.00
C ASP F 54 -37.39 30.50 20.29
N HIS F 55 -37.72 31.52 21.06
CA HIS F 55 -38.04 32.87 20.56
C HIS F 55 -36.83 33.64 20.06
N LEU F 56 -35.63 33.16 20.37
CA LEU F 56 -34.46 33.98 20.20
C LEU F 56 -33.95 33.92 18.77
N ASP F 57 -33.70 35.09 18.18
CA ASP F 57 -33.12 35.18 16.84
C ASP F 57 -31.82 36.00 16.88
N ASP F 58 -31.23 36.23 15.72
CA ASP F 58 -29.94 36.94 15.66
C ASP F 58 -30.01 38.32 16.30
N ALA F 59 -31.06 39.07 15.97
CA ALA F 59 -31.23 40.40 16.53
C ALA F 59 -31.37 40.34 18.06
N GLY F 60 -32.16 39.38 18.54
CA GLY F 60 -32.38 39.21 19.97
C GLY F 60 -31.10 38.83 20.69
N GLN F 61 -30.36 37.90 20.10
CA GLN F 61 -29.08 37.48 20.64
C GLN F 61 -28.16 38.69 20.76
N LEU F 62 -28.18 39.55 19.76
CA LEU F 62 -27.32 40.72 19.73
C LEU F 62 -27.78 41.77 20.75
N GLU F 63 -29.09 41.99 20.83
CA GLU F 63 -29.65 42.88 21.84
C GLU F 63 -29.27 42.43 23.24
N PHE F 64 -29.32 41.12 23.46
CA PHE F 64 -28.96 40.55 24.73
C PHE F 64 -27.48 40.71 25.00
N ALA F 65 -26.67 40.42 23.99
CA ALA F 65 -25.22 40.62 24.10
C ALA F 65 -24.87 42.05 24.52
N GLU F 66 -25.56 43.01 23.93
CA GLU F 66 -25.31 44.41 24.24
C GLU F 66 -25.45 44.76 25.72
N LEU F 67 -26.27 44.02 26.45
CA LEU F 67 -26.41 44.24 27.88
C LEU F 67 -25.23 43.74 28.68
N LEU F 68 -24.45 42.82 28.10
CA LEU F 68 -23.36 42.19 28.86
C LEU F 68 -22.01 42.77 28.53
N GLY F 69 -21.94 43.58 27.49
CA GLY F 69 -20.68 44.16 27.06
C GLY F 69 -20.82 44.84 25.72
N THR F 70 -19.69 45.05 25.06
CA THR F 70 -19.66 45.71 23.78
C THR F 70 -19.40 44.69 22.71
N PRO F 71 -20.41 44.37 21.90
CA PRO F 71 -20.18 43.46 20.79
C PRO F 71 -19.08 43.90 19.87
N THR F 72 -18.32 42.94 19.43
CA THR F 72 -17.25 43.12 18.52
C THR F 72 -17.78 43.30 17.12
N ALA F 95 -13.00 23.74 14.37
CA ALA F 95 -12.12 24.09 15.46
C ALA F 95 -12.05 22.89 16.43
N ASN F 96 -11.69 21.71 15.88
CA ASN F 96 -11.48 20.47 16.63
C ASN F 96 -10.17 20.49 17.47
N SER F 97 -9.99 21.56 18.25
CA SER F 97 -8.73 21.86 18.89
C SER F 97 -8.93 22.80 20.07
N TRP F 98 -8.22 22.55 21.17
CA TRP F 98 -8.38 23.38 22.39
C TRP F 98 -7.85 24.80 22.22
N HIS F 99 -8.71 25.79 22.40
CA HIS F 99 -8.28 27.17 22.28
C HIS F 99 -9.11 28.16 23.04
N THR F 100 -8.50 29.32 23.24
CA THR F 100 -9.17 30.50 23.72
C THR F 100 -9.33 31.38 22.49
N ASP F 101 -10.47 32.06 22.37
CA ASP F 101 -10.73 32.83 21.16
C ASP F 101 -9.78 34.03 20.99
N VAL F 102 -9.25 34.18 19.78
CA VAL F 102 -8.57 35.37 19.34
C VAL F 102 -7.53 35.87 20.36
N THR F 103 -6.61 34.98 20.75
CA THR F 103 -5.56 35.35 21.67
C THR F 103 -4.37 35.93 20.96
N PHE F 104 -4.42 36.01 19.63
CA PHE F 104 -3.35 36.63 18.86
C PHE F 104 -3.45 38.16 18.78
N VAL F 105 -4.40 38.76 19.49
CA VAL F 105 -4.48 40.21 19.61
C VAL F 105 -4.25 40.56 21.07
N ASP F 106 -3.98 41.83 21.33
CA ASP F 106 -3.82 42.30 22.68
C ASP F 106 -5.13 42.20 23.42
N ARG F 107 -6.20 42.69 22.80
CA ARG F 107 -7.48 42.84 23.47
C ARG F 107 -8.28 41.56 23.30
N ILE F 108 -7.90 40.55 24.07
CA ILE F 108 -8.56 39.27 23.97
C ILE F 108 -10.01 39.48 24.36
N PRO F 109 -10.95 39.07 23.50
CA PRO F 109 -12.37 39.22 23.84
C PRO F 109 -12.75 38.56 25.16
N LYS F 110 -13.62 39.19 25.95
CA LYS F 110 -13.89 38.70 27.29
C LYS F 110 -14.85 37.54 27.33
N ALA F 111 -15.69 37.42 26.30
CA ALA F 111 -16.75 36.44 26.31
C ALA F 111 -17.35 36.25 24.97
N SER F 112 -18.03 35.12 24.80
CA SER F 112 -18.80 34.86 23.59
C SER F 112 -20.17 34.26 23.93
N LEU F 113 -21.15 34.54 23.08
CA LEU F 113 -22.48 33.97 23.15
C LEU F 113 -22.70 33.13 21.92
N LEU F 114 -23.10 31.89 22.10
CA LEU F 114 -23.26 30.97 20.99
C LEU F 114 -24.64 30.33 21.03
N ARG F 115 -25.38 30.51 19.97
CA ARG F 115 -26.77 30.05 19.89
C ARG F 115 -26.93 28.96 18.82
N ALA F 116 -27.63 27.88 19.16
CA ALA F 116 -27.89 26.78 18.22
C ALA F 116 -28.90 27.21 17.17
N VAL F 117 -28.59 26.94 15.90
CA VAL F 117 -29.49 27.21 14.79
C VAL F 117 -29.87 25.90 14.11
N THR F 118 -28.87 25.13 13.66
CA THR F 118 -29.11 23.87 12.95
C THR F 118 -28.17 22.79 13.46
N LEU F 119 -28.74 21.70 13.97
CA LEU F 119 -27.94 20.67 14.64
C LEU F 119 -27.98 19.32 13.93
N PRO F 120 -26.84 18.61 13.92
CA PRO F 120 -26.80 17.25 13.41
C PRO F 120 -27.59 16.30 14.31
N SER F 121 -28.05 15.19 13.74
CA SER F 121 -28.84 14.22 14.49
C SER F 121 -28.03 13.51 15.57
N TYR F 122 -26.73 13.44 15.39
CA TYR F 122 -25.84 12.95 16.45
C TYR F 122 -24.55 13.75 16.55
N GLY F 123 -23.90 13.69 17.70
CA GLY F 123 -22.62 14.38 17.93
C GLY F 123 -22.74 15.89 17.95
N GLY F 124 -21.61 16.56 17.76
CA GLY F 124 -21.54 18.03 17.68
C GLY F 124 -21.52 18.68 19.04
N THR F 125 -20.97 17.99 20.01
CA THR F 125 -20.82 18.54 21.33
C THR F 125 -19.72 19.57 21.32
N THR F 126 -19.77 20.46 22.31
CA THR F 126 -18.71 21.41 22.58
C THR F 126 -18.24 21.20 24.00
N ALA F 127 -16.94 21.34 24.22
CA ALA F 127 -16.38 21.24 25.57
C ALA F 127 -15.70 22.54 25.96
N TRP F 128 -15.75 22.84 27.25
CA TRP F 128 -15.06 23.97 27.83
C TRP F 128 -14.16 23.50 28.97
N ALA F 129 -13.04 24.18 29.14
CA ALA F 129 -12.14 23.90 30.24
C ALA F 129 -11.91 25.17 31.05
N SER F 130 -11.76 25.02 32.38
CA SER F 130 -11.48 26.16 33.26
C SER F 130 -10.00 26.39 33.43
N THR F 131 -9.49 27.49 32.90
CA THR F 131 -8.11 27.85 33.07
C THR F 131 -7.85 28.51 34.42
N GLU F 132 -8.92 28.78 35.17
CA GLU F 132 -8.80 29.19 36.57
C GLU F 132 -8.52 28.00 37.47
N ALA F 133 -9.38 26.98 37.37
CA ALA F 133 -9.22 25.79 38.17
C ALA F 133 -7.85 25.14 37.91
N ALA F 134 -7.47 25.08 36.64
CA ALA F 134 -6.21 24.46 36.29
C ALA F 134 -5.04 25.15 37.00
N TYR F 135 -5.09 26.48 37.10
CA TYR F 135 -4.05 27.22 37.81
C TYR F 135 -4.06 26.88 39.30
N GLN F 136 -5.23 26.87 39.92
CA GLN F 136 -5.34 26.59 41.35
C GLN F 136 -4.78 25.21 41.67
N GLN F 137 -4.97 24.27 40.75
CA GLN F 137 -4.54 22.90 40.92
C GLN F 137 -3.03 22.70 40.72
N LEU F 138 -2.34 23.70 40.20
CA LEU F 138 -0.91 23.57 39.99
C LEU F 138 -0.15 23.49 41.31
N PRO F 139 0.76 22.52 41.43
CA PRO F 139 1.68 22.59 42.55
C PRO F 139 2.58 23.83 42.45
N ALA F 140 3.02 24.31 43.61
CA ALA F 140 3.72 25.59 43.73
C ALA F 140 4.84 25.85 42.70
N PRO F 141 5.73 24.87 42.47
CA PRO F 141 6.80 25.11 41.51
C PRO F 141 6.29 25.39 40.10
N LEU F 142 5.22 24.70 39.69
CA LEU F 142 4.62 24.90 38.38
C LEU F 142 3.80 26.18 38.29
N ARG F 143 3.17 26.58 39.39
CA ARG F 143 2.52 27.90 39.47
C ARG F 143 3.52 29.01 39.17
N THR F 144 4.63 29.00 39.88
CA THR F 144 5.64 30.04 39.78
C THR F 144 6.21 30.05 38.37
N LEU F 145 6.38 28.87 37.78
CA LEU F 145 6.83 28.77 36.40
C LEU F 145 5.85 29.47 35.49
N ALA F 146 4.58 29.10 35.62
CA ALA F 146 3.53 29.71 34.81
C ALA F 146 3.47 31.21 35.04
N ASP F 147 3.65 31.63 36.31
CA ASP F 147 3.68 33.07 36.66
C ASP F 147 4.76 33.85 35.89
N ASN F 148 5.85 33.17 35.55
CA ASN F 148 7.02 33.84 34.93
C ASN F 148 7.20 33.57 33.43
N LEU F 149 6.29 32.82 32.83
CA LEU F 149 6.40 32.47 31.42
C LEU F 149 5.57 33.41 30.58
N TRP F 150 6.08 33.69 29.41
CA TRP F 150 5.37 34.46 28.40
C TRP F 150 5.32 33.64 27.11
N ALA F 151 4.25 33.83 26.34
CA ALA F 151 4.04 33.05 25.15
C ALA F 151 3.80 33.96 23.97
N VAL F 152 4.36 33.56 22.83
CA VAL F 152 4.08 34.22 21.56
C VAL F 152 2.82 33.57 20.99
N HIS F 153 1.79 34.38 20.76
CA HIS F 153 0.58 33.94 20.09
C HIS F 153 0.53 34.58 18.72
N THR F 154 0.15 33.81 17.70
CA THR F 154 -0.04 34.34 16.35
C THR F 154 -1.25 33.70 15.69
N ASN F 155 -1.71 34.30 14.60
CA ASN F 155 -2.77 33.71 13.79
C ASN F 155 -2.25 32.85 12.61
N ARG F 156 -0.93 32.78 12.42
CA ARG F 156 -0.34 32.01 11.30
C ARG F 156 0.28 30.71 11.81
N ASP F 178 -3.49 39.60 6.72
CA ASP F 178 -3.47 40.22 8.05
C ASP F 178 -2.69 39.34 9.07
N TYR F 179 -1.43 39.67 9.34
CA TYR F 179 -0.61 38.94 10.31
C TYR F 179 -0.69 39.56 11.70
N TYR F 180 -0.92 38.72 12.70
CA TYR F 180 -0.95 39.15 14.09
C TYR F 180 0.04 38.38 14.93
N GLU F 181 0.76 39.09 15.79
CA GLU F 181 1.68 38.44 16.72
C GLU F 181 1.73 39.25 18.01
N VAL F 182 1.53 38.57 19.14
CA VAL F 182 1.50 39.22 20.44
C VAL F 182 2.10 38.31 21.49
N GLU F 183 2.84 38.91 22.42
CA GLU F 183 3.38 38.19 23.54
C GLU F 183 2.47 38.44 24.73
N HIS F 184 1.86 37.37 25.23
CA HIS F 184 0.98 37.39 26.40
C HIS F 184 1.63 36.67 27.54
N PRO F 185 1.32 37.08 28.77
CA PRO F 185 1.74 36.23 29.88
C PRO F 185 0.97 34.92 29.89
N VAL F 186 1.62 33.85 30.33
CA VAL F 186 0.98 32.56 30.48
C VAL F 186 -0.03 32.57 31.62
N VAL F 187 0.20 33.45 32.60
CA VAL F 187 -0.76 33.67 33.67
C VAL F 187 -1.19 35.13 33.65
N ARG F 188 -2.50 35.36 33.61
CA ARG F 188 -3.05 36.70 33.67
C ARG F 188 -3.93 36.80 34.89
N VAL F 189 -4.07 38.02 35.40
CA VAL F 189 -4.91 38.28 36.55
C VAL F 189 -6.24 38.75 35.98
N HIS F 190 -7.29 38.02 36.30
CA HIS F 190 -8.63 38.28 35.77
C HIS F 190 -9.12 39.64 36.30
N PRO F 191 -9.47 40.57 35.40
CA PRO F 191 -9.77 41.96 35.79
C PRO F 191 -11.05 42.15 36.60
N GLU F 192 -12.02 41.24 36.46
CA GLU F 192 -13.25 41.27 37.27
C GLU F 192 -13.20 40.40 38.54
N THR F 193 -12.57 39.23 38.48
CA THR F 193 -12.57 38.33 39.64
C THR F 193 -11.32 38.47 40.50
N GLY F 194 -10.26 39.01 39.92
CA GLY F 194 -8.93 38.99 40.57
C GLY F 194 -8.22 37.63 40.57
N GLU F 195 -8.87 36.59 40.05
CA GLU F 195 -8.30 35.24 40.08
C GLU F 195 -7.22 35.09 39.01
N ARG F 196 -6.18 34.32 39.32
CA ARG F 196 -5.17 34.03 38.33
C ARG F 196 -5.66 32.92 37.43
N VAL F 197 -5.43 33.09 36.14
CA VAL F 197 -5.88 32.13 35.15
C VAL F 197 -4.79 31.88 34.11
N LEU F 198 -4.76 30.68 33.56
CA LEU F 198 -3.84 30.37 32.50
C LEU F 198 -4.32 30.95 31.16
N LEU F 199 -3.37 31.34 30.33
CA LEU F 199 -3.65 31.84 29.00
C LEU F 199 -2.74 31.09 28.02
N LEU F 200 -3.28 30.06 27.38
CA LEU F 200 -2.55 29.23 26.43
C LEU F 200 -3.40 28.94 25.21
N GLY F 201 -3.60 27.67 24.86
CA GLY F 201 -4.42 27.33 23.70
C GLY F 201 -3.64 27.35 22.39
N HIS F 202 -4.32 27.04 21.28
CA HIS F 202 -3.61 26.67 20.07
C HIS F 202 -3.03 27.79 19.26
N PHE F 203 -3.21 29.03 19.68
CA PHE F 203 -2.54 30.13 18.98
C PHE F 203 -1.10 30.36 19.48
N VAL F 204 -0.70 29.61 20.50
CA VAL F 204 0.64 29.70 21.04
C VAL F 204 1.63 29.06 20.07
N LYS F 205 2.61 29.85 19.62
CA LYS F 205 3.70 29.33 18.75
C LYS F 205 4.92 28.88 19.58
N SER F 206 5.17 29.56 20.71
CA SER F 206 6.33 29.28 21.54
C SER F 206 6.28 30.01 22.87
N PHE F 207 7.18 29.64 23.75
CA PHE F 207 7.37 30.38 24.98
C PHE F 207 8.64 31.21 24.85
N VAL F 208 8.55 32.47 25.24
CA VAL F 208 9.64 33.43 25.10
C VAL F 208 10.91 32.93 25.82
N GLY F 209 12.01 32.88 25.09
CA GLY F 209 13.32 32.56 25.66
C GLY F 209 13.67 31.09 25.74
N LEU F 210 12.77 30.22 25.29
CA LEU F 210 12.94 28.78 25.43
C LEU F 210 13.16 28.10 24.08
N LYS F 211 13.87 26.98 24.09
CA LYS F 211 14.05 26.16 22.90
C LYS F 211 12.70 25.56 22.48
N ASP F 212 12.51 25.29 21.18
CA ASP F 212 11.19 24.84 20.70
C ASP F 212 10.74 23.52 21.30
N THR F 213 11.68 22.61 21.54
CA THR F 213 11.37 21.36 22.25
C THR F 213 10.85 21.60 23.67
N GLU F 214 11.40 22.61 24.34
CA GLU F 214 10.98 22.96 25.69
C GLU F 214 9.59 23.63 25.68
N SER F 215 9.34 24.47 24.69
CA SER F 215 8.04 25.07 24.49
C SER F 215 6.97 23.99 24.29
N ALA F 216 7.27 23.01 23.45
CA ALA F 216 6.34 21.90 23.19
C ALA F 216 6.04 21.08 24.46
N ALA F 217 7.06 20.79 25.25
CA ALA F 217 6.87 19.97 26.43
C ALA F 217 6.09 20.72 27.52
N LEU F 218 6.41 21.98 27.73
CA LEU F 218 5.72 22.77 28.73
C LEU F 218 4.28 23.07 28.32
N PHE F 219 4.08 23.38 27.04
CA PHE F 219 2.73 23.62 26.50
C PHE F 219 1.84 22.42 26.74
N ARG F 220 2.35 21.25 26.41
CA ARG F 220 1.62 20.01 26.63
C ARG F 220 1.35 19.75 28.13
N LEU F 221 2.33 20.01 28.97
CA LEU F 221 2.17 19.87 30.41
C LEU F 221 1.02 20.72 30.93
N PHE F 222 1.05 22.01 30.59
CA PHE F 222 -0.01 22.91 31.03
C PHE F 222 -1.35 22.55 30.38
N GLN F 223 -1.34 22.28 29.08
CA GLN F 223 -2.57 21.92 28.39
C GLN F 223 -3.17 20.64 28.97
N ASP F 224 -2.33 19.66 29.31
CA ASP F 224 -2.81 18.45 29.97
C ASP F 224 -3.60 18.75 31.23
N ARG F 225 -3.10 19.68 32.02
CA ARG F 225 -3.79 20.09 33.24
C ARG F 225 -5.05 20.89 33.00
N ILE F 226 -5.05 21.71 31.94
CA ILE F 226 -6.25 22.47 31.59
C ILE F 226 -7.39 21.55 31.10
N THR F 227 -7.06 20.57 30.27
CA THR F 227 -8.05 19.75 29.57
C THR F 227 -8.37 18.42 30.24
N ARG F 228 -7.73 18.16 31.38
CA ARG F 228 -8.13 17.08 32.27
C ARG F 228 -9.65 17.07 32.39
N LEU F 229 -10.27 15.91 32.25
CA LEU F 229 -11.74 15.85 32.13
C LEU F 229 -12.47 16.50 33.29
N GLU F 230 -11.89 16.36 34.48
CA GLU F 230 -12.38 17.01 35.70
C GLU F 230 -12.53 18.51 35.61
N ASN F 231 -11.70 19.18 34.80
CA ASN F 231 -11.83 20.64 34.58
C ASN F 231 -12.65 21.00 33.39
N THR F 232 -13.43 20.05 32.86
CA THR F 232 -14.22 20.32 31.67
C THR F 232 -15.68 20.00 31.83
N VAL F 233 -16.48 20.68 31.02
CA VAL F 233 -17.86 20.32 30.86
C VAL F 233 -18.07 20.15 29.37
N ARG F 234 -18.90 19.17 29.01
CA ARG F 234 -19.19 18.89 27.64
C ARG F 234 -20.68 18.95 27.43
N TRP F 235 -21.10 19.83 26.52
CA TRP F 235 -22.49 20.14 26.30
C TRP F 235 -23.05 19.48 25.03
N SER F 236 -24.22 18.83 25.17
CA SER F 236 -24.99 18.31 24.04
C SER F 236 -26.01 19.36 23.62
N TRP F 237 -25.85 19.90 22.43
CA TRP F 237 -26.69 20.98 21.98
C TRP F 237 -28.10 20.50 21.62
N LYS F 238 -29.09 21.30 21.98
CA LYS F 238 -30.47 21.09 21.57
C LYS F 238 -30.95 22.40 20.97
N PRO F 239 -31.95 22.32 20.08
CA PRO F 239 -32.54 23.60 19.63
C PRO F 239 -32.98 24.45 20.81
N GLY F 240 -32.80 25.75 20.71
CA GLY F 240 -33.15 26.67 21.79
C GLY F 240 -32.06 26.88 22.81
N ASP F 241 -30.92 26.22 22.63
CA ASP F 241 -29.80 26.40 23.57
C ASP F 241 -29.01 27.64 23.23
N LEU F 242 -28.53 28.30 24.27
CA LEU F 242 -27.57 29.40 24.14
C LEU F 242 -26.49 29.24 25.20
N ALA F 243 -25.23 29.24 24.78
CA ALA F 243 -24.11 29.19 25.72
C ALA F 243 -23.41 30.53 25.78
N ILE F 244 -22.99 30.92 26.97
CA ILE F 244 -22.13 32.08 27.16
C ILE F 244 -20.92 31.68 27.98
N TRP F 245 -19.73 32.02 27.51
CA TRP F 245 -18.52 31.70 28.26
C TRP F 245 -17.56 32.83 28.47
N ASP F 246 -16.85 32.77 29.59
CA ASP F 246 -15.84 33.75 29.95
C ASP F 246 -14.56 33.33 29.26
N ASN F 247 -14.24 34.03 28.19
CA ASN F 247 -13.07 33.71 27.36
C ASN F 247 -11.75 34.05 28.06
N ARG F 248 -11.83 34.75 29.19
CA ARG F 248 -10.65 35.05 30.00
C ARG F 248 -10.29 33.90 30.95
N ALA F 249 -11.22 32.98 31.17
CA ALA F 249 -10.99 31.89 32.13
C ALA F 249 -11.32 30.50 31.56
N THR F 250 -11.34 30.39 30.23
CA THR F 250 -11.62 29.14 29.59
C THR F 250 -10.88 28.91 28.31
N GLN F 251 -10.93 27.66 27.88
CA GLN F 251 -10.68 27.27 26.51
C GLN F 251 -11.89 26.46 26.11
N HIS F 252 -12.01 26.19 24.83
CA HIS F 252 -13.06 25.30 24.36
C HIS F 252 -12.65 24.56 23.11
N TYR F 253 -13.50 23.61 22.73
CA TYR F 253 -13.17 22.64 21.71
C TYR F 253 -14.46 22.23 21.07
N ALA F 254 -14.53 22.35 19.76
CA ALA F 254 -15.72 21.94 19.01
C ALA F 254 -15.45 20.52 18.52
N VAL F 255 -16.23 19.57 19.00
CA VAL F 255 -15.99 18.18 18.69
C VAL F 255 -16.57 17.84 17.32
N ALA F 256 -15.74 17.32 16.44
CA ALA F 256 -16.16 16.93 15.09
C ALA F 256 -16.53 15.44 15.06
N ASP F 257 -17.60 15.09 15.78
CA ASP F 257 -18.07 13.70 15.86
C ASP F 257 -19.46 13.54 15.20
N TYR F 258 -19.73 14.34 14.16
CA TYR F 258 -21.03 14.28 13.49
C TYR F 258 -20.89 13.96 12.01
N ASP F 259 -19.75 13.36 11.63
CA ASP F 259 -19.47 13.01 10.25
C ASP F 259 -19.68 14.26 9.39
N ASP F 260 -20.28 14.10 8.23
CA ASP F 260 -20.40 15.22 7.33
C ASP F 260 -21.70 16.03 7.49
N GLN F 261 -22.44 15.84 8.59
CA GLN F 261 -23.71 16.53 8.78
C GLN F 261 -23.55 18.05 8.88
N TYR F 262 -24.54 18.78 8.39
CA TYR F 262 -24.56 20.22 8.45
C TYR F 262 -24.84 20.68 9.90
N ARG F 263 -24.14 21.74 10.32
CA ARG F 263 -24.25 22.25 11.68
C ARG F 263 -23.99 23.75 11.68
N ARG F 264 -24.91 24.54 12.21
CA ARG F 264 -24.72 26.00 12.26
C ARG F 264 -25.09 26.50 13.66
N LEU F 265 -24.15 27.25 14.26
CA LEU F 265 -24.42 28.07 15.44
C LEU F 265 -23.99 29.51 15.17
N ASN F 266 -24.62 30.45 15.84
CA ASN F 266 -24.30 31.85 15.66
C ASN F 266 -23.63 32.43 16.86
N ARG F 267 -22.52 33.11 16.61
CA ARG F 267 -21.69 33.63 17.67
C ARG F 267 -21.72 35.16 17.72
N VAL F 268 -21.83 35.71 18.93
CA VAL F 268 -21.57 37.11 19.17
C VAL F 268 -20.47 37.18 20.20
N THR F 269 -19.49 38.05 19.95
CA THR F 269 -18.32 38.16 20.80
C THR F 269 -18.26 39.53 21.46
N LEU F 270 -17.83 39.57 22.71
CA LEU F 270 -17.82 40.80 23.51
C LEU F 270 -16.39 41.26 23.76
N ALA F 271 -16.17 42.56 23.60
CA ALA F 271 -14.84 43.15 23.72
C ALA F 271 -14.22 42.90 25.10
N GLY F 272 -12.93 42.60 25.13
CA GLY F 272 -12.23 42.37 26.38
C GLY F 272 -11.15 43.42 26.58
N ASP F 273 -10.27 43.18 27.54
CA ASP F 273 -9.18 44.10 27.84
C ASP F 273 -7.85 43.43 27.57
N ILE F 274 -6.75 44.13 27.88
CA ILE F 274 -5.42 43.65 27.64
C ILE F 274 -4.93 42.93 28.87
N PRO F 275 -4.50 41.68 28.72
CA PRO F 275 -4.04 40.91 29.85
C PRO F 275 -2.95 41.60 30.63
N VAL F 276 -2.99 41.46 31.93
CA VAL F 276 -1.90 41.88 32.77
C VAL F 276 -1.36 40.65 33.49
N ASP F 277 -0.03 40.58 33.61
CA ASP F 277 0.57 39.47 34.30
C ASP F 277 0.55 39.72 35.81
N VAL F 278 1.17 38.81 36.53
CA VAL F 278 1.08 38.78 37.98
C VAL F 278 1.87 39.93 38.63
N TYR F 279 2.76 40.57 37.87
CA TYR F 279 3.59 41.69 38.37
C TYR F 279 3.14 43.03 37.81
N GLY F 280 1.98 43.07 37.14
CA GLY F 280 1.47 44.31 36.54
C GLY F 280 1.89 44.57 35.10
N GLU F 281 2.71 43.71 34.50
CA GLU F 281 3.13 43.91 33.12
C GLU F 281 2.04 43.51 32.12
N ARG F 282 1.87 44.31 31.08
CA ARG F 282 0.84 44.11 30.07
C ARG F 282 1.41 43.38 28.87
N SER F 283 0.51 42.81 28.07
CA SER F 283 0.85 42.14 26.83
C SER F 283 1.58 43.08 25.89
N ARG F 284 2.49 42.54 25.10
CA ARG F 284 3.31 43.32 24.19
C ARG F 284 2.93 42.94 22.76
N VAL F 285 2.37 43.88 22.01
CA VAL F 285 2.03 43.62 20.63
C VAL F 285 3.29 43.64 19.79
N ILE F 286 3.52 42.58 19.02
CA ILE F 286 4.65 42.54 18.10
C ILE F 286 4.24 42.94 16.69
N ALA F 287 3.05 42.51 16.28
CA ALA F 287 2.53 42.85 14.95
C ALA F 287 1.00 42.81 14.96
N GLY F 288 0.42 43.67 14.12
CA GLY F 288 -1.01 43.73 13.93
C GLY F 288 -1.63 44.85 14.73
N ASP F 289 -2.83 45.25 14.34
CA ASP F 289 -3.53 46.35 14.99
C ASP F 289 -5.01 45.97 15.14
N ALA F 290 -5.44 45.86 16.39
CA ALA F 290 -6.79 45.37 16.69
C ALA F 290 -7.83 46.48 16.96
N SER F 291 -7.44 47.76 16.78
CA SER F 291 -8.35 48.91 16.99
C SER F 291 -9.64 48.76 16.20
N SER F 292 -9.51 48.21 15.00
CA SER F 292 -10.63 48.01 14.08
C SER F 292 -11.53 46.86 14.51
N TYR F 293 -10.92 45.80 15.04
CA TYR F 293 -11.64 44.63 15.58
C TYR F 293 -12.52 45.01 16.77
N SER F 294 -11.96 45.72 17.73
CA SER F 294 -12.71 46.12 18.91
C SER F 294 -11.98 47.19 19.73
N PRO F 295 -12.73 47.87 20.63
CA PRO F 295 -12.09 48.71 21.64
C PRO F 295 -11.53 47.88 22.80
N VAL F 296 -10.81 48.55 23.70
CA VAL F 296 -10.35 47.95 24.94
C VAL F 296 -11.44 48.18 25.99
N ASP F 297 -11.95 47.09 26.58
CA ASP F 297 -12.97 47.17 27.62
C ASP F 297 -12.36 47.14 29.01
N SER F 298 -12.45 48.21 29.78
CA SER F 298 -11.98 48.11 31.17
C SER F 298 -13.10 48.14 32.21
N PRO F 299 -13.30 47.02 32.94
CA PRO F 299 -14.36 46.95 33.96
C PRO F 299 -13.90 47.39 35.35
N GLN G 7 51.14 0.39 2.70
CA GLN G 7 50.61 -0.36 3.87
C GLN G 7 49.62 0.54 4.68
N VAL G 8 48.34 0.15 4.65
CA VAL G 8 47.27 0.93 5.25
C VAL G 8 46.79 0.21 6.49
N THR G 9 47.19 0.68 7.66
CA THR G 9 46.75 0.01 8.87
C THR G 9 45.56 0.72 9.48
N VAL G 10 44.59 -0.09 9.91
CA VAL G 10 43.34 0.38 10.43
C VAL G 10 43.26 -0.01 11.90
N THR G 11 43.07 0.98 12.77
CA THR G 11 42.97 0.76 14.21
C THR G 11 41.59 1.26 14.69
N LYS G 12 40.74 0.32 15.08
CA LYS G 12 39.43 0.59 15.67
C LYS G 12 39.49 1.53 16.86
N LEU G 13 38.56 2.48 16.92
CA LEU G 13 38.44 3.39 18.06
C LEU G 13 37.29 3.03 18.99
N GLY G 14 36.26 2.37 18.47
CA GLY G 14 35.14 1.92 19.29
C GLY G 14 34.36 0.80 18.61
N ALA G 15 33.50 0.14 19.36
CA ALA G 15 32.85 -1.07 18.88
C ALA G 15 32.05 -0.86 17.60
N HIS G 16 31.33 0.25 17.50
CA HIS G 16 30.35 0.43 16.45
C HIS G 16 30.73 1.48 15.43
N ILE G 17 31.76 2.28 15.71
CA ILE G 17 32.14 3.38 14.83
C ILE G 17 33.53 3.93 15.16
N GLY G 18 34.27 4.33 14.12
CA GLY G 18 35.53 5.04 14.29
C GLY G 18 36.78 4.19 14.09
N ALA G 19 37.70 4.66 13.26
CA ALA G 19 39.02 4.04 13.18
C ALA G 19 40.08 5.06 12.82
N ARG G 20 41.29 4.89 13.34
CA ARG G 20 42.43 5.65 12.87
C ARG G 20 43.04 4.93 11.69
N ILE G 21 43.49 5.70 10.70
CA ILE G 21 44.30 5.18 9.60
C ILE G 21 45.73 5.67 9.77
N ASP G 22 46.68 4.76 9.61
CA ASP G 22 48.10 5.08 9.67
C ASP G 22 48.82 4.54 8.43
N GLY G 23 49.99 5.12 8.14
CA GLY G 23 50.88 4.61 7.11
C GLY G 23 50.70 5.18 5.72
N VAL G 24 49.87 6.22 5.60
CA VAL G 24 49.56 6.81 4.30
C VAL G 24 49.89 8.29 4.31
N ARG G 25 50.74 8.71 3.38
CA ARG G 25 50.90 10.13 3.08
C ARG G 25 49.78 10.44 2.12
N VAL G 26 48.76 11.14 2.60
CA VAL G 26 47.54 11.35 1.83
C VAL G 26 47.77 12.34 0.68
N GLY G 27 47.26 11.99 -0.49
CA GLY G 27 47.40 12.83 -1.65
C GLY G 27 46.79 12.19 -2.88
N GLY G 28 47.04 12.81 -4.04
CA GLY G 28 46.43 12.35 -5.30
C GLY G 28 47.17 11.23 -6.00
N ASP G 29 48.29 10.80 -5.44
CA ASP G 29 49.18 9.84 -6.09
C ASP G 29 49.22 8.49 -5.37
N LEU G 30 48.07 8.00 -4.92
CA LEU G 30 48.00 6.71 -4.22
C LEU G 30 47.57 5.59 -5.15
N SER G 31 48.07 4.38 -4.87
CA SER G 31 47.74 3.21 -5.70
C SER G 31 46.28 2.76 -5.52
N PRO G 32 45.71 2.10 -6.54
CA PRO G 32 44.34 1.60 -6.40
C PRO G 32 44.15 0.70 -5.17
N ALA G 33 45.16 -0.11 -4.85
CA ALA G 33 45.14 -0.99 -3.68
C ALA G 33 44.97 -0.17 -2.39
N THR G 34 45.74 0.90 -2.30
CA THR G 34 45.68 1.81 -1.16
C THR G 34 44.31 2.54 -1.09
N VAL G 35 43.84 3.04 -2.23
CA VAL G 35 42.56 3.72 -2.31
C VAL G 35 41.42 2.81 -1.89
N SER G 36 41.44 1.56 -2.35
CA SER G 36 40.33 0.66 -2.06
C SER G 36 40.41 0.10 -0.63
N ALA G 37 41.61 0.05 -0.06
CA ALA G 37 41.74 -0.28 1.36
C ALA G 37 41.21 0.86 2.24
N ILE G 38 41.49 2.11 1.84
CA ILE G 38 40.91 3.28 2.49
C ILE G 38 39.38 3.26 2.37
N ASN G 39 38.89 2.98 1.18
CA ASN G 39 37.43 2.91 0.94
C ASN G 39 36.78 1.79 1.76
N ALA G 40 37.44 0.64 1.85
CA ALA G 40 36.93 -0.47 2.64
C ALA G 40 36.83 -0.09 4.13
N ALA G 41 37.85 0.61 4.63
CA ALA G 41 37.86 1.01 6.03
C ALA G 41 36.71 1.99 6.29
N LEU G 42 36.53 2.92 5.36
CA LEU G 42 35.50 3.91 5.50
C LEU G 42 34.14 3.24 5.65
N LEU G 43 33.89 2.21 4.84
CA LEU G 43 32.57 1.58 4.85
C LEU G 43 32.33 0.78 6.11
N GLU G 44 33.38 0.16 6.60
CA GLU G 44 33.31 -0.69 7.78
C GLU G 44 33.19 0.18 9.03
N HIS G 45 34.00 1.24 9.12
CA HIS G 45 34.15 2.00 10.36
C HIS G 45 33.40 3.33 10.38
N LYS G 46 32.91 3.77 9.23
CA LYS G 46 31.98 4.90 9.10
C LYS G 46 32.60 6.27 9.15
N VAL G 47 33.54 6.48 10.06
CA VAL G 47 34.40 7.66 10.02
C VAL G 47 35.82 7.19 10.33
N ILE G 48 36.76 7.69 9.54
CA ILE G 48 38.15 7.33 9.69
C ILE G 48 38.99 8.59 9.78
N PHE G 49 40.11 8.48 10.48
CA PHE G 49 40.93 9.65 10.82
C PHE G 49 42.38 9.43 10.40
N PHE G 50 42.92 10.35 9.61
CA PHE G 50 44.34 10.36 9.33
C PHE G 50 44.98 11.47 10.15
N SER G 51 46.20 11.22 10.60
CA SER G 51 46.95 12.19 11.37
C SER G 51 48.31 12.44 10.76
N GLY G 52 48.93 13.53 11.18
CA GLY G 52 50.26 13.88 10.74
C GLY G 52 50.34 14.24 9.27
N GLN G 53 49.23 14.70 8.68
CA GLN G 53 49.21 15.07 7.27
C GLN G 53 49.62 16.54 7.07
N ASP G 54 50.76 16.91 7.64
CA ASP G 54 51.26 18.28 7.67
C ASP G 54 51.46 18.86 6.25
N HIS G 55 51.80 17.99 5.30
CA HIS G 55 52.03 18.35 3.91
C HIS G 55 50.75 18.72 3.13
N LEU G 56 49.59 18.41 3.69
CA LEU G 56 48.37 18.43 2.92
C LEU G 56 47.78 19.83 2.85
N ASP G 57 47.45 20.27 1.63
CA ASP G 57 46.80 21.56 1.43
C ASP G 57 45.48 21.37 0.67
N ASP G 58 44.83 22.45 0.31
CA ASP G 58 43.51 22.38 -0.32
C ASP G 58 43.55 21.62 -1.63
N ALA G 59 44.55 21.91 -2.47
CA ALA G 59 44.71 21.18 -3.73
C ALA G 59 44.94 19.67 -3.52
N GLY G 60 45.80 19.34 -2.55
CA GLY G 60 46.10 17.94 -2.20
C GLY G 60 44.89 17.20 -1.66
N GLN G 61 44.15 17.86 -0.78
CA GLN G 61 42.91 17.31 -0.24
C GLN G 61 41.94 17.01 -1.39
N LEU G 62 41.87 17.93 -2.34
CA LEU G 62 40.96 17.77 -3.48
C LEU G 62 41.42 16.67 -4.44
N GLU G 63 42.72 16.63 -4.71
CA GLU G 63 43.29 15.56 -5.51
C GLU G 63 43.01 14.20 -4.88
N PHE G 64 43.14 14.12 -3.56
CA PHE G 64 42.88 12.91 -2.82
C PHE G 64 41.40 12.56 -2.90
N ALA G 65 40.55 13.55 -2.70
CA ALA G 65 39.10 13.35 -2.80
C ALA G 65 38.72 12.76 -4.15
N GLU G 66 39.34 13.27 -5.21
CA GLU G 66 39.09 12.77 -6.58
C GLU G 66 39.25 11.27 -6.74
N LEU G 67 40.16 10.67 -5.98
CA LEU G 67 40.35 9.23 -6.02
C LEU G 67 39.24 8.44 -5.35
N LEU G 68 38.47 9.05 -4.47
CA LEU G 68 37.44 8.35 -3.72
C LEU G 68 36.03 8.56 -4.24
N GLY G 69 35.88 9.51 -5.16
CA GLY G 69 34.58 9.80 -5.73
C GLY G 69 34.61 11.06 -6.56
N THR G 70 33.43 11.62 -6.82
CA THR G 70 33.31 12.82 -7.64
C THR G 70 33.02 13.99 -6.73
N PRO G 71 34.01 14.88 -6.55
CA PRO G 71 33.76 16.05 -5.73
C PRO G 71 32.55 16.84 -6.19
N THR G 72 31.79 17.32 -5.23
CA THR G 72 30.61 18.13 -5.52
C THR G 72 31.01 19.59 -5.58
N VAL G 73 30.10 20.42 -6.01
CA VAL G 73 30.20 21.83 -5.69
C VAL G 73 30.21 21.85 -4.17
N ALA G 74 30.85 22.84 -3.56
CA ALA G 74 30.94 22.89 -2.10
C ALA G 74 29.60 22.60 -1.39
N HIS G 75 28.53 23.26 -1.84
CA HIS G 75 27.22 23.18 -1.18
C HIS G 75 26.10 23.67 -2.16
N PRO G 76 24.86 23.11 -2.06
CA PRO G 76 23.75 23.50 -2.94
C PRO G 76 23.49 25.00 -3.04
N THR G 77 23.52 25.67 -1.89
CA THR G 77 23.25 27.11 -1.70
C THR G 77 24.42 27.96 -1.16
N LEU G 78 25.32 27.36 -0.38
CA LEU G 78 26.41 28.10 0.31
C LEU G 78 27.61 28.37 -0.58
N ALA G 79 27.72 27.68 -1.71
CA ALA G 79 28.86 27.88 -2.62
C ALA G 79 28.79 29.26 -3.32
N GLU G 80 29.96 29.93 -3.43
CA GLU G 80 30.13 31.21 -4.14
C GLU G 80 30.50 31.00 -5.61
N GLY G 81 29.69 30.22 -6.33
CA GLY G 81 30.05 29.67 -7.65
C GLY G 81 30.16 28.15 -7.74
N ALA G 82 31.24 27.64 -8.36
CA ALA G 82 31.39 26.20 -8.68
C ALA G 82 32.55 25.52 -7.91
N GLU G 83 33.14 26.24 -6.96
CA GLU G 83 34.24 25.72 -6.16
C GLU G 83 33.84 24.46 -5.37
N GLN G 84 34.80 23.56 -5.19
CA GLN G 84 34.57 22.26 -4.55
C GLN G 84 34.87 22.21 -3.02
N LEU G 85 35.59 23.22 -2.51
CA LEU G 85 35.89 23.33 -1.07
C LEU G 85 34.86 24.20 -0.34
N LEU G 86 34.39 23.69 0.81
CA LEU G 86 33.49 24.42 1.69
C LEU G 86 34.22 24.83 2.98
N PRO G 87 34.22 26.13 3.30
CA PRO G 87 34.81 26.52 4.58
C PRO G 87 33.89 26.16 5.76
N ILE G 88 34.43 25.46 6.75
CA ILE G 88 33.71 25.23 8.01
C ILE G 88 34.23 26.16 9.09
N ASP G 89 33.30 27.08 9.43
CA ASP G 89 33.55 28.30 10.17
C ASP G 89 32.42 28.50 11.23
N ALA G 95 27.44 23.19 12.73
CA ALA G 95 26.21 23.22 13.50
C ALA G 95 26.28 22.36 14.72
N ASN G 96 25.97 23.00 15.85
CA ASN G 96 25.88 22.37 17.18
C ASN G 96 24.63 21.49 17.28
N SER G 97 24.44 20.58 16.30
CA SER G 97 23.19 19.86 16.11
C SER G 97 23.40 18.60 15.26
N TRP G 98 22.75 17.49 15.65
CA TRP G 98 22.96 16.21 14.98
C TRP G 98 22.35 16.19 13.59
N HIS G 99 23.17 15.91 12.58
CA HIS G 99 22.69 15.88 11.23
C HIS G 99 23.52 15.03 10.29
N THR G 100 22.88 14.68 9.19
CA THR G 100 23.53 14.12 8.03
C THR G 100 23.60 15.26 7.00
N ASP G 101 24.67 15.34 6.23
CA ASP G 101 24.85 16.47 5.34
C ASP G 101 23.88 16.48 4.18
N VAL G 102 23.28 17.65 3.95
CA VAL G 102 22.52 17.93 2.74
C VAL G 102 21.51 16.83 2.42
N THR G 103 20.65 16.51 3.37
CA THR G 103 19.63 15.48 3.15
C THR G 103 18.39 16.08 2.54
N PHE G 104 18.38 17.40 2.33
CA PHE G 104 17.24 18.07 1.69
C PHE G 104 17.29 18.01 0.15
N VAL G 105 18.24 17.28 -0.40
CA VAL G 105 18.24 16.98 -1.84
C VAL G 105 18.05 15.48 -2.03
N ASP G 106 17.74 15.09 -3.26
CA ASP G 106 17.62 13.67 -3.58
C ASP G 106 18.98 12.97 -3.49
N ARG G 107 19.99 13.57 -4.10
CA ARG G 107 21.31 12.96 -4.21
C ARG G 107 22.16 13.31 -2.99
N ILE G 108 21.86 12.65 -1.88
CA ILE G 108 22.56 12.90 -0.64
C ILE G 108 24.03 12.53 -0.84
N PRO G 109 24.95 13.46 -0.54
CA PRO G 109 26.36 13.19 -0.78
C PRO G 109 26.83 11.98 -0.01
N LYS G 110 27.69 11.16 -0.61
CA LYS G 110 28.05 9.87 0.00
C LYS G 110 29.07 9.99 1.11
N ALA G 111 29.85 11.07 1.08
CA ALA G 111 30.96 11.21 2.00
C ALA G 111 31.50 12.61 2.02
N SER G 112 32.22 12.93 3.09
CA SER G 112 32.93 14.19 3.18
C SER G 112 34.33 13.98 3.75
N LEU G 113 35.24 14.86 3.33
CA LEU G 113 36.59 14.91 3.84
C LEU G 113 36.77 16.24 4.51
N LEU G 114 37.25 16.22 5.75
CA LEU G 114 37.38 17.43 6.53
C LEU G 114 38.79 17.51 7.10
N ARG G 115 39.48 18.61 6.79
CA ARG G 115 40.86 18.80 7.17
C ARG G 115 40.99 19.98 8.12
N ALA G 116 41.77 19.79 9.19
CA ALA G 116 42.03 20.86 10.15
C ALA G 116 42.97 21.91 9.55
N VAL G 117 42.60 23.19 9.69
CA VAL G 117 43.43 24.30 9.25
C VAL G 117 43.83 25.18 10.45
N THR G 118 42.85 25.65 11.21
CA THR G 118 43.11 26.50 12.38
C THR G 118 42.25 26.06 13.56
N LEU G 119 42.90 25.71 14.67
CA LEU G 119 42.20 25.11 15.80
C LEU G 119 42.26 25.98 17.06
N PRO G 120 41.16 26.00 17.82
CA PRO G 120 41.18 26.65 19.13
C PRO G 120 42.07 25.92 20.11
N SER G 121 42.54 26.62 21.14
CA SER G 121 43.43 26.02 22.14
C SER G 121 42.73 24.97 22.99
N TYR G 122 41.42 25.06 23.12
CA TYR G 122 40.63 24.01 23.76
C TYR G 122 39.32 23.75 23.02
N GLY G 123 38.75 22.58 23.24
CA GLY G 123 37.42 22.24 22.68
C GLY G 123 37.47 22.10 21.16
N GLY G 124 36.30 22.17 20.54
CA GLY G 124 36.16 22.07 19.10
C GLY G 124 36.17 20.63 18.61
N THR G 125 35.68 19.71 19.43
CA THR G 125 35.54 18.33 19.04
C THR G 125 34.37 18.17 18.09
N THR G 126 34.44 17.11 17.30
CA THR G 126 33.35 16.70 16.45
C THR G 126 32.97 15.29 16.84
N ALA G 127 31.68 15.00 16.80
CA ALA G 127 31.20 13.65 17.06
C ALA G 127 30.50 13.09 15.85
N TRP G 128 30.61 11.78 15.69
CA TRP G 128 29.87 11.04 14.68
C TRP G 128 29.04 9.92 15.31
N ALA G 129 27.90 9.62 14.72
CA ALA G 129 27.06 8.52 15.13
C ALA G 129 26.80 7.57 13.97
N SER G 130 26.73 6.26 14.25
CA SER G 130 26.47 5.26 13.23
C SER G 130 24.99 4.98 13.10
N THR G 131 24.42 5.37 11.96
CA THR G 131 23.03 5.09 11.67
C THR G 131 22.81 3.67 11.19
N GLU G 132 23.90 2.95 10.95
CA GLU G 132 23.83 1.52 10.71
C GLU G 132 23.64 0.75 12.00
N ALA G 133 24.54 0.99 12.96
CA ALA G 133 24.49 0.30 14.24
C ALA G 133 23.15 0.58 14.93
N ALA G 134 22.71 1.83 14.88
CA ALA G 134 21.42 2.21 15.48
C ALA G 134 20.26 1.39 14.93
N TYR G 135 20.26 1.14 13.62
CA TYR G 135 19.23 0.30 13.01
C TYR G 135 19.33 -1.14 13.53
N GLN G 136 20.53 -1.71 13.52
CA GLN G 136 20.69 -3.10 13.96
C GLN G 136 20.21 -3.27 15.38
N GLN G 137 20.43 -2.27 16.21
CA GLN G 137 20.07 -2.33 17.62
C GLN G 137 18.57 -2.15 17.86
N LEU G 138 17.81 -1.77 16.84
CA LEU G 138 16.37 -1.62 17.03
C LEU G 138 15.69 -2.96 17.28
N PRO G 139 14.81 -3.00 18.29
CA PRO G 139 13.94 -4.18 18.39
C PRO G 139 12.98 -4.26 17.21
N ALA G 140 12.59 -5.49 16.86
CA ALA G 140 11.86 -5.78 15.62
C ALA G 140 10.68 -4.83 15.30
N PRO G 141 9.83 -4.52 16.31
CA PRO G 141 8.70 -3.67 16.00
C PRO G 141 9.12 -2.28 15.54
N LEU G 142 10.20 -1.75 16.14
CA LEU G 142 10.72 -0.44 15.78
C LEU G 142 11.48 -0.45 14.45
N ARG G 143 12.14 -1.56 14.14
CA ARG G 143 12.75 -1.74 12.81
C ARG G 143 11.70 -1.61 11.73
N THR G 144 10.63 -2.38 11.87
CA THR G 144 9.57 -2.43 10.87
C THR G 144 8.92 -1.05 10.74
N LEU G 145 8.77 -0.35 11.86
CA LEU G 145 8.25 1.01 11.83
C LEU G 145 9.15 1.89 10.99
N ALA G 146 10.44 1.86 11.31
CA ALA G 146 11.41 2.63 10.57
C ALA G 146 11.40 2.25 9.10
N ASP G 147 11.29 0.95 8.81
CA ASP G 147 11.23 0.43 7.43
C ASP G 147 10.09 1.06 6.63
N ASN G 148 8.99 1.40 7.31
CA ASN G 148 7.78 1.89 6.66
C ASN G 148 7.52 3.39 6.77
N LEU G 149 8.44 4.12 7.40
CA LEU G 149 8.29 5.56 7.58
C LEU G 149 9.04 6.33 6.53
N TRP G 150 8.46 7.46 6.13
CA TRP G 150 9.10 8.41 5.24
C TRP G 150 9.12 9.77 5.92
N ALA G 151 10.14 10.56 5.60
CA ALA G 151 10.32 11.86 6.24
C ALA G 151 10.47 12.96 5.22
N VAL G 152 9.88 14.11 5.52
CA VAL G 152 10.07 15.30 4.71
C VAL G 152 11.31 15.99 5.23
N HIS G 153 12.29 16.18 4.36
CA HIS G 153 13.49 16.94 4.67
C HIS G 153 13.43 18.26 3.88
N THR G 154 13.80 19.37 4.54
CA THR G 154 13.93 20.64 3.86
C THR G 154 15.13 21.42 4.38
N ASN G 155 15.49 22.47 3.66
CA ASN G 155 16.55 23.38 4.10
C ASN G 155 16.04 24.59 4.87
N ARG G 156 14.71 24.74 4.99
CA ARG G 156 14.10 25.92 5.67
C ARG G 156 13.56 25.57 7.06
N ASP G 178 16.67 29.82 -2.51
CA ASP G 178 16.68 28.41 -2.99
C ASP G 178 16.02 27.46 -1.96
N TYR G 179 14.75 27.10 -2.18
CA TYR G 179 14.01 26.18 -1.31
C TYR G 179 14.11 24.75 -1.80
N TYR G 180 14.43 23.84 -0.88
CA TYR G 180 14.52 22.43 -1.19
C TYR G 180 13.60 21.64 -0.28
N GLU G 181 12.88 20.68 -0.87
CA GLU G 181 12.03 19.78 -0.09
C GLU G 181 12.03 18.43 -0.77
N VAL G 182 12.33 17.38 0.01
CA VAL G 182 12.38 16.01 -0.50
C VAL G 182 11.84 15.03 0.54
N GLU G 183 11.13 14.01 0.07
CA GLU G 183 10.67 12.93 0.92
C GLU G 183 11.63 11.76 0.77
N HIS G 184 12.30 11.42 1.88
CA HIS G 184 13.25 10.30 1.92
C HIS G 184 12.70 9.19 2.82
N PRO G 185 13.04 7.94 2.53
CA PRO G 185 12.69 6.91 3.49
C PRO G 185 13.51 7.08 4.75
N VAL G 186 12.93 6.73 5.88
CA VAL G 186 13.63 6.74 7.16
C VAL G 186 14.69 5.64 7.22
N VAL G 187 14.49 4.58 6.46
CA VAL G 187 15.50 3.54 6.31
C VAL G 187 15.86 3.41 4.84
N ARG G 188 17.14 3.52 4.54
CA ARG G 188 17.64 3.33 3.19
C ARG G 188 18.59 2.12 3.17
N VAL G 189 18.69 1.48 2.01
CA VAL G 189 19.58 0.34 1.84
C VAL G 189 20.86 0.88 1.23
N HIS G 190 21.95 0.70 1.96
CA HIS G 190 23.22 1.27 1.58
C HIS G 190 23.65 0.61 0.26
N PRO G 191 23.89 1.43 -0.77
CA PRO G 191 24.21 0.90 -2.11
C PRO G 191 25.54 0.11 -2.25
N GLU G 192 26.54 0.41 -1.42
CA GLU G 192 27.81 -0.34 -1.42
C GLU G 192 27.85 -1.50 -0.42
N THR G 193 27.27 -1.35 0.75
CA THR G 193 27.37 -2.40 1.78
C THR G 193 26.15 -3.31 1.81
N GLY G 194 25.03 -2.84 1.28
CA GLY G 194 23.76 -3.54 1.41
C GLY G 194 23.11 -3.43 2.79
N GLU G 195 23.77 -2.77 3.73
CA GLU G 195 23.26 -2.68 5.10
C GLU G 195 22.14 -1.64 5.17
N ARG G 196 21.15 -1.91 6.01
CA ARG G 196 20.09 -0.93 6.24
C ARG G 196 20.57 0.10 7.24
N VAL G 197 20.29 1.36 6.95
CA VAL G 197 20.74 2.47 7.77
C VAL G 197 19.64 3.50 7.93
N LEU G 198 19.62 4.18 9.07
CA LEU G 198 18.63 5.21 9.31
C LEU G 198 19.03 6.50 8.59
N LEU G 199 18.01 7.23 8.15
CA LEU G 199 18.21 8.51 7.50
C LEU G 199 17.29 9.53 8.15
N LEU G 200 17.84 10.29 9.09
CA LEU G 200 17.10 11.29 9.85
C LEU G 200 17.94 12.56 9.98
N GLY G 201 18.16 13.06 11.20
CA GLY G 201 18.93 14.28 11.40
C GLY G 201 18.08 15.54 11.32
N HIS G 202 18.71 16.70 11.47
CA HIS G 202 17.96 17.92 11.73
C HIS G 202 17.27 18.57 10.54
N PHE G 203 17.43 18.04 9.34
CA PHE G 203 16.70 18.59 8.21
C PHE G 203 15.30 18.02 8.10
N VAL G 204 14.97 17.05 8.95
CA VAL G 204 13.64 16.45 8.98
C VAL G 204 12.64 17.44 9.55
N LYS G 205 11.60 17.75 8.77
CA LYS G 205 10.49 18.61 9.24
C LYS G 205 9.34 17.79 9.81
N SER G 206 9.12 16.59 9.29
CA SER G 206 8.01 15.77 9.69
C SER G 206 8.07 14.37 9.10
N PHE G 207 7.23 13.48 9.61
CA PHE G 207 7.07 12.16 9.03
C PHE G 207 5.76 12.12 8.25
N VAL G 208 5.82 11.61 7.01
CA VAL G 208 4.69 11.62 6.10
C VAL G 208 3.50 10.88 6.70
N GLY G 209 2.36 11.55 6.71
CA GLY G 209 1.11 10.94 7.16
C GLY G 209 0.82 11.01 8.64
N LEU G 210 1.74 11.60 9.42
CA LEU G 210 1.63 11.63 10.88
C LEU G 210 1.36 13.04 11.42
N LYS G 211 0.69 13.11 12.55
CA LYS G 211 0.51 14.38 13.27
C LYS G 211 1.88 14.92 13.74
N ASP G 212 2.01 16.26 13.84
CA ASP G 212 3.31 16.84 14.22
C ASP G 212 3.81 16.38 15.58
N THR G 213 2.91 16.19 16.55
CA THR G 213 3.30 15.64 17.84
C THR G 213 3.90 14.23 17.73
N GLU G 214 3.36 13.43 16.82
CA GLU G 214 3.82 12.07 16.59
C GLU G 214 5.16 12.07 15.86
N SER G 215 5.32 12.98 14.91
CA SER G 215 6.61 13.18 14.25
C SER G 215 7.70 13.55 15.25
N ALA G 216 7.39 14.46 16.17
CA ALA G 216 8.35 14.87 17.19
C ALA G 216 8.77 13.71 18.10
N ALA G 217 7.79 12.93 18.52
CA ALA G 217 8.06 11.85 19.47
C ALA G 217 8.86 10.74 18.82
N LEU G 218 8.51 10.38 17.60
CA LEU G 218 9.22 9.32 16.89
C LEU G 218 10.62 9.77 16.47
N PHE G 219 10.74 11.02 16.04
CA PHE G 219 12.05 11.59 15.68
C PHE G 219 13.00 11.51 16.87
N ARG G 220 12.53 11.93 18.01
CA ARG G 220 13.30 11.89 19.24
C ARG G 220 13.66 10.45 19.64
N LEU G 221 12.71 9.54 19.50
CA LEU G 221 12.96 8.12 19.79
C LEU G 221 14.09 7.55 18.94
N PHE G 222 14.01 7.75 17.63
CA PHE G 222 15.05 7.27 16.74
C PHE G 222 16.37 8.02 16.94
N GLN G 223 16.30 9.34 17.05
CA GLN G 223 17.51 10.11 17.30
C GLN G 223 18.19 9.68 18.61
N ASP G 224 17.41 9.41 19.65
CA ASP G 224 17.95 8.95 20.92
C ASP G 224 18.82 7.71 20.72
N ARG G 225 18.31 6.79 19.90
CA ARG G 225 19.05 5.57 19.61
C ARG G 225 20.26 5.79 18.74
N ILE G 226 20.19 6.74 17.83
CA ILE G 226 21.34 7.05 16.99
C ILE G 226 22.49 7.68 17.80
N THR G 227 22.15 8.59 18.70
CA THR G 227 23.14 9.44 19.36
C THR G 227 23.53 8.94 20.76
N ARG G 228 22.97 7.81 21.17
CA ARG G 228 23.44 7.04 22.34
C ARG G 228 24.97 7.04 22.26
N LEU G 229 25.63 7.35 23.36
CA LEU G 229 27.08 7.54 23.33
C LEU G 229 27.81 6.32 22.76
N GLU G 230 27.30 5.13 23.05
CA GLU G 230 27.84 3.87 22.53
C GLU G 230 27.95 3.81 21.03
N ASN G 231 27.06 4.49 20.31
CA ASN G 231 27.10 4.55 18.84
C ASN G 231 27.86 5.75 18.33
N THR G 232 28.63 6.41 19.19
CA THR G 232 29.35 7.60 18.74
C THR G 232 30.84 7.55 19.01
N VAL G 233 31.57 8.29 18.20
CA VAL G 233 32.96 8.55 18.45
C VAL G 233 33.13 10.06 18.44
N ARG G 234 33.98 10.56 19.33
CA ARG G 234 34.20 11.98 19.46
C ARG G 234 35.68 12.26 19.30
N TRP G 235 36.01 13.10 18.32
CA TRP G 235 37.39 13.31 17.91
C TRP G 235 37.92 14.66 18.40
N SER G 236 39.12 14.64 18.99
CA SER G 236 39.85 15.85 19.34
C SER G 236 40.78 16.19 18.19
N TRP G 237 40.55 17.32 17.54
CA TRP G 237 41.32 17.72 16.38
C TRP G 237 42.70 18.21 16.76
N LYS G 238 43.68 17.82 15.93
CA LYS G 238 45.05 18.31 16.04
C LYS G 238 45.46 18.76 14.65
N PRO G 239 46.40 19.71 14.58
CA PRO G 239 46.92 20.05 13.25
C PRO G 239 47.37 18.79 12.52
N GLY G 240 47.12 18.74 11.22
CA GLY G 240 47.49 17.58 10.42
C GLY G 240 46.44 16.49 10.37
N ASP G 241 45.32 16.69 11.06
CA ASP G 241 44.24 15.70 11.04
C ASP G 241 43.36 15.86 9.81
N LEU G 242 42.89 14.73 9.31
CA LEU G 242 41.89 14.69 8.25
C LEU G 242 40.89 13.60 8.58
N ALA G 243 39.61 13.95 8.60
CA ALA G 243 38.56 12.97 8.80
C ALA G 243 37.78 12.75 7.53
N ILE G 244 37.40 11.49 7.30
CA ILE G 244 36.51 11.14 6.19
C ILE G 244 35.38 10.32 6.76
N TRP G 245 34.15 10.69 6.43
CA TRP G 245 33.01 9.92 6.88
C TRP G 245 32.03 9.52 5.79
N ASP G 246 31.39 8.39 6.01
CA ASP G 246 30.33 7.87 5.12
C ASP G 246 29.02 8.54 5.51
N ASN G 247 28.62 9.52 4.71
CA ASN G 247 27.45 10.33 5.02
C ASN G 247 26.16 9.53 4.83
N ARG G 248 26.26 8.34 4.25
CA ARG G 248 25.11 7.47 4.11
C ARG G 248 24.84 6.63 5.36
N ALA G 249 25.82 6.54 6.25
CA ALA G 249 25.69 5.71 7.43
C ALA G 249 26.06 6.44 8.73
N THR G 250 26.01 7.77 8.70
CA THR G 250 26.31 8.56 9.88
C THR G 250 25.51 9.83 10.00
N GLN G 251 25.57 10.39 11.20
CA GLN G 251 25.30 11.79 11.44
C GLN G 251 26.51 12.33 12.14
N HIS G 252 26.58 13.65 12.24
CA HIS G 252 27.65 14.25 13.04
C HIS G 252 27.20 15.56 13.67
N TYR G 253 28.06 16.06 14.54
CA TYR G 253 27.72 17.17 15.41
C TYR G 253 29.01 17.91 15.68
N ALA G 254 29.00 19.21 15.40
CA ALA G 254 30.15 20.05 15.68
C ALA G 254 29.94 20.67 17.05
N VAL G 255 30.81 20.34 17.99
CA VAL G 255 30.63 20.79 19.37
C VAL G 255 31.16 22.21 19.51
N ALA G 256 30.31 23.10 20.00
CA ALA G 256 30.67 24.49 20.25
C ALA G 256 31.13 24.68 21.71
N ASP G 257 32.25 24.06 22.05
CA ASP G 257 32.81 24.14 23.39
C ASP G 257 34.18 24.84 23.39
N TYR G 258 34.34 25.80 22.49
CA TYR G 258 35.58 26.56 22.43
C TYR G 258 35.38 28.07 22.61
N ASP G 259 34.26 28.44 23.22
CA ASP G 259 33.90 29.83 23.44
C ASP G 259 33.98 30.56 22.09
N ASP G 260 34.50 31.76 22.08
CA ASP G 260 34.53 32.52 20.84
C ASP G 260 35.81 32.36 20.01
N GLN G 261 36.62 31.34 20.29
CA GLN G 261 37.87 31.16 19.56
C GLN G 261 37.65 30.85 18.06
N TYR G 262 38.60 31.30 17.24
CA TYR G 262 38.53 31.10 15.81
C TYR G 262 38.84 29.64 15.49
N ARG G 263 38.11 29.07 14.55
CA ARG G 263 38.28 27.68 14.15
C ARG G 263 37.91 27.48 12.68
N ARG G 264 38.81 26.86 11.93
CA ARG G 264 38.59 26.66 10.51
C ARG G 264 38.99 25.26 10.11
N LEU G 265 38.07 24.58 9.44
CA LEU G 265 38.36 23.34 8.75
C LEU G 265 37.86 23.44 7.32
N ASN G 266 38.47 22.67 6.42
CA ASN G 266 38.07 22.68 5.03
C ASN G 266 37.45 21.38 4.63
N ARG G 267 36.30 21.49 3.97
CA ARG G 267 35.51 20.33 3.61
C ARG G 267 35.45 20.11 2.11
N VAL G 268 35.58 18.86 1.70
CA VAL G 268 35.30 18.45 0.34
C VAL G 268 34.25 17.39 0.45
N THR G 269 33.24 17.49 -0.38
CA THR G 269 32.13 16.58 -0.35
C THR G 269 32.08 15.76 -1.65
N LEU G 270 31.73 14.48 -1.53
CA LEU G 270 31.68 13.56 -2.67
C LEU G 270 30.26 13.20 -3.03
N ALA G 271 29.96 13.20 -4.33
CA ALA G 271 28.61 12.96 -4.84
C ALA G 271 28.09 11.59 -4.43
N GLY G 272 26.82 11.55 -4.06
CA GLY G 272 26.19 10.30 -3.66
C GLY G 272 25.08 9.95 -4.62
N ASP G 273 24.27 8.97 -4.25
CA ASP G 273 23.16 8.54 -5.07
C ASP G 273 21.84 8.85 -4.37
N ILE G 274 20.74 8.44 -5.00
CA ILE G 274 19.42 8.67 -4.46
C ILE G 274 19.03 7.48 -3.59
N PRO G 275 18.63 7.76 -2.34
CA PRO G 275 18.27 6.70 -1.42
C PRO G 275 17.18 5.80 -1.98
N VAL G 276 17.29 4.52 -1.71
CA VAL G 276 16.24 3.59 -1.99
C VAL G 276 15.77 2.99 -0.68
N ASP G 277 14.46 2.82 -0.53
CA ASP G 277 13.93 2.23 0.67
C ASP G 277 14.02 0.70 0.59
N VAL G 278 13.49 0.05 1.61
CA VAL G 278 13.63 -1.38 1.80
C VAL G 278 12.81 -2.20 0.77
N TYR G 279 11.85 -1.54 0.10
CA TYR G 279 11.02 -2.16 -0.94
C TYR G 279 11.39 -1.74 -2.37
N GLY G 280 12.52 -1.05 -2.54
CA GLY G 280 12.94 -0.56 -3.85
C GLY G 280 12.44 0.82 -4.26
N GLU G 281 11.63 1.47 -3.43
CA GLU G 281 11.14 2.80 -3.76
C GLU G 281 12.21 3.88 -3.53
N ARG G 282 12.31 4.83 -4.44
CA ARG G 282 13.28 5.91 -4.37
C ARG G 282 12.69 7.16 -3.73
N SER G 283 13.58 8.06 -3.29
CA SER G 283 13.19 9.35 -2.75
C SER G 283 12.39 10.16 -3.76
N ARG G 284 11.46 10.97 -3.26
CA ARG G 284 10.57 11.77 -4.10
C ARG G 284 10.89 13.25 -3.87
N VAL G 285 11.37 13.92 -4.91
CA VAL G 285 11.68 15.35 -4.82
C VAL G 285 10.39 16.14 -4.87
N ILE G 286 10.18 17.01 -3.90
CA ILE G 286 8.99 17.87 -3.88
C ILE G 286 9.31 19.24 -4.44
N ALA G 287 10.48 19.76 -4.11
CA ALA G 287 10.93 21.06 -4.59
C ALA G 287 12.45 21.14 -4.64
N GLY G 288 12.95 21.91 -5.60
CA GLY G 288 14.39 22.15 -5.75
C GLY G 288 14.96 21.27 -6.85
N ASP G 289 16.14 21.65 -7.33
CA ASP G 289 16.86 20.90 -8.35
C ASP G 289 18.34 20.84 -8.01
N ALA G 290 18.83 19.63 -7.78
CA ALA G 290 20.22 19.43 -7.36
C ALA G 290 21.20 19.08 -8.48
N SER G 291 20.75 19.12 -9.74
CA SER G 291 21.60 18.81 -10.93
C SER G 291 22.88 19.66 -10.94
N SER G 292 22.74 20.92 -10.51
CA SER G 292 23.84 21.88 -10.48
C SER G 292 24.81 21.62 -9.32
N TYR G 293 24.26 21.18 -8.18
CA TYR G 293 25.06 20.78 -7.02
C TYR G 293 25.98 19.59 -7.32
N SER G 294 25.41 18.53 -7.89
CA SER G 294 26.18 17.33 -8.19
C SER G 294 25.44 16.39 -9.14
N PRO G 295 26.19 15.46 -9.76
CA PRO G 295 25.55 14.35 -10.46
C PRO G 295 25.08 13.25 -9.48
N VAL G 296 24.39 12.25 -10.01
CA VAL G 296 24.00 11.06 -9.24
C VAL G 296 25.10 10.00 -9.34
N VAL H 6 -41.81 -6.43 21.49
CA VAL H 6 -40.73 -5.59 22.12
C VAL H 6 -39.74 -5.10 21.07
N GLN H 7 -39.86 -3.81 20.73
CA GLN H 7 -38.99 -3.16 19.76
C GLN H 7 -37.81 -2.55 20.51
N VAL H 8 -36.60 -2.84 20.02
CA VAL H 8 -35.38 -2.32 20.59
C VAL H 8 -34.87 -1.22 19.66
N THR H 9 -35.10 0.04 20.01
CA THR H 9 -34.65 1.12 19.13
C THR H 9 -33.32 1.71 19.62
N VAL H 10 -32.44 1.89 18.65
CA VAL H 10 -31.07 2.30 18.89
C VAL H 10 -30.90 3.69 18.28
N THR H 11 -30.46 4.64 19.11
CA THR H 11 -30.22 6.00 18.68
C THR H 11 -28.76 6.37 18.94
N LYS H 12 -28.01 6.53 17.85
CA LYS H 12 -26.61 6.95 17.88
C LYS H 12 -26.41 8.25 18.64
N LEU H 13 -25.35 8.32 19.45
CA LEU H 13 -24.99 9.52 20.18
C LEU H 13 -23.84 10.26 19.52
N GLY H 14 -22.98 9.54 18.80
CA GLY H 14 -21.83 10.15 18.14
C GLY H 14 -21.31 9.27 17.04
N ALA H 15 -20.45 9.83 16.19
CA ALA H 15 -20.00 9.13 15.00
C ALA H 15 -19.31 7.77 15.27
N HIS H 16 -18.47 7.71 16.29
CA HIS H 16 -17.61 6.57 16.51
C HIS H 16 -17.96 5.73 17.72
N ILE H 17 -18.83 6.24 18.58
CA ILE H 17 -19.15 5.55 19.83
C ILE H 17 -20.44 6.11 20.47
N GLY H 18 -21.21 5.23 21.12
CA GLY H 18 -22.33 5.65 21.97
C GLY H 18 -23.69 5.51 21.31
N ALA H 19 -24.62 4.86 22.00
CA ALA H 19 -26.02 4.84 21.56
C ALA H 19 -26.97 4.75 22.73
N ARG H 20 -28.12 5.42 22.65
CA ARG H 20 -29.19 5.20 23.62
C ARG H 20 -30.04 4.02 23.13
N ILE H 21 -30.48 3.20 24.08
CA ILE H 21 -31.45 2.15 23.82
C ILE H 21 -32.77 2.56 24.45
N ASP H 22 -33.85 2.37 23.70
CA ASP H 22 -35.21 2.65 24.19
C ASP H 22 -36.12 1.46 23.90
N GLY H 23 -37.22 1.39 24.64
CA GLY H 23 -38.27 0.40 24.37
C GLY H 23 -38.13 -0.93 25.08
N VAL H 24 -37.19 -1.04 26.02
CA VAL H 24 -36.95 -2.27 26.75
C VAL H 24 -37.05 -2.05 28.26
N ARG H 25 -37.94 -2.80 28.90
CA ARG H 25 -37.97 -2.87 30.35
C ARG H 25 -36.93 -3.93 30.69
N VAL H 26 -35.79 -3.49 31.18
CA VAL H 26 -34.64 -4.37 31.34
C VAL H 26 -34.85 -5.36 32.50
N GLY H 27 -34.51 -6.61 32.26
CA GLY H 27 -34.66 -7.64 33.28
C GLY H 27 -34.24 -8.99 32.78
N GLY H 28 -34.52 -10.03 33.58
CA GLY H 28 -34.13 -11.41 33.24
C GLY H 28 -35.10 -12.18 32.33
N ASP H 29 -36.23 -11.55 31.95
CA ASP H 29 -37.27 -12.23 31.17
C ASP H 29 -37.41 -11.68 29.75
N LEU H 30 -36.30 -11.43 29.07
CA LEU H 30 -36.33 -10.88 27.72
C LEU H 30 -36.16 -11.99 26.69
N SER H 31 -36.77 -11.80 25.52
CA SER H 31 -36.70 -12.81 24.44
C SER H 31 -35.30 -12.87 23.83
N PRO H 32 -34.94 -14.02 23.25
CA PRO H 32 -33.64 -14.11 22.56
C PRO H 32 -33.46 -13.03 21.47
N ALA H 33 -34.54 -12.70 20.75
CA ALA H 33 -34.49 -11.66 19.72
C ALA H 33 -34.09 -10.31 20.32
N THR H 34 -34.69 -9.98 21.46
CA THR H 34 -34.39 -8.75 22.18
C THR H 34 -32.95 -8.75 22.72
N VAL H 35 -32.53 -9.87 23.29
CA VAL H 35 -31.18 -10.01 23.84
C VAL H 35 -30.13 -9.85 22.74
N SER H 36 -30.37 -10.48 21.59
CA SER H 36 -29.38 -10.43 20.54
C SER H 36 -29.39 -9.06 19.83
N ALA H 37 -30.52 -8.36 19.83
CA ALA H 37 -30.55 -6.99 19.31
C ALA H 37 -29.79 -6.04 20.24
N ILE H 38 -29.93 -6.24 21.55
CA ILE H 38 -29.13 -5.52 22.54
C ILE H 38 -27.66 -5.81 22.34
N ASN H 39 -27.34 -7.08 22.15
CA ASN H 39 -25.96 -7.49 21.96
C ASN H 39 -25.38 -6.90 20.68
N ALA H 40 -26.17 -6.88 19.62
CA ALA H 40 -25.73 -6.30 18.34
C ALA H 40 -25.42 -4.81 18.49
N ALA H 41 -26.27 -4.11 19.24
CA ALA H 41 -26.08 -2.67 19.46
C ALA H 41 -24.81 -2.42 20.26
N LEU H 42 -24.60 -3.23 21.29
CA LEU H 42 -23.42 -3.13 22.10
C LEU H 42 -22.17 -3.25 21.23
N LEU H 43 -22.14 -4.20 20.32
CA LEU H 43 -20.94 -4.45 19.53
C LEU H 43 -20.68 -3.33 18.53
N GLU H 44 -21.75 -2.80 17.98
CA GLU H 44 -21.65 -1.74 16.98
C GLU H 44 -21.29 -0.41 17.65
N HIS H 45 -21.93 -0.10 18.76
CA HIS H 45 -21.82 1.22 19.36
C HIS H 45 -20.87 1.31 20.56
N LYS H 46 -20.44 0.15 21.09
CA LYS H 46 -19.40 0.06 22.11
C LYS H 46 -19.84 0.35 23.54
N VAL H 47 -20.62 1.40 23.73
CA VAL H 47 -21.31 1.60 24.98
C VAL H 47 -22.73 2.03 24.65
N ILE H 48 -23.69 1.44 25.37
CA ILE H 48 -25.09 1.73 25.17
C ILE H 48 -25.72 2.08 26.49
N PHE H 49 -26.76 2.91 26.44
CA PHE H 49 -27.37 3.47 27.62
C PHE H 49 -28.87 3.22 27.64
N PHE H 50 -29.37 2.64 28.73
CA PHE H 50 -30.81 2.52 28.93
C PHE H 50 -31.21 3.55 29.98
N SER H 51 -32.40 4.09 29.83
CA SER H 51 -32.93 5.07 30.76
C SER H 51 -34.31 4.65 31.26
N GLY H 52 -34.74 5.28 32.35
CA GLY H 52 -36.05 5.07 32.92
C GLY H 52 -36.24 3.69 33.50
N GLN H 53 -35.15 3.03 33.88
CA GLN H 53 -35.23 1.67 34.42
C GLN H 53 -35.48 1.72 35.93
N ASP H 54 -36.53 2.44 36.33
CA ASP H 54 -36.87 2.68 37.74
C ASP H 54 -37.12 1.41 38.53
N HIS H 55 -37.67 0.41 37.86
CA HIS H 55 -37.96 -0.91 38.44
C HIS H 55 -36.73 -1.77 38.75
N LEU H 56 -35.56 -1.39 38.22
CA LEU H 56 -34.41 -2.28 38.22
C LEU H 56 -33.67 -2.25 39.55
N ASP H 57 -33.41 -3.43 40.11
CA ASP H 57 -32.60 -3.55 41.33
C ASP H 57 -31.38 -4.44 41.08
N ASP H 58 -30.62 -4.73 42.12
CA ASP H 58 -29.44 -5.55 41.99
C ASP H 58 -29.73 -6.93 41.42
N ALA H 59 -30.76 -7.60 41.94
CA ALA H 59 -31.13 -8.93 41.46
C ALA H 59 -31.54 -8.88 39.98
N GLY H 60 -32.31 -7.85 39.63
CA GLY H 60 -32.75 -7.67 38.24
C GLY H 60 -31.59 -7.40 37.29
N GLN H 61 -30.69 -6.53 37.73
CA GLN H 61 -29.50 -6.22 36.95
C GLN H 61 -28.71 -7.50 36.70
N LEU H 62 -28.59 -8.32 37.73
CA LEU H 62 -27.84 -9.57 37.64
C LEU H 62 -28.55 -10.60 36.74
N GLU H 63 -29.87 -10.71 36.89
CA GLU H 63 -30.66 -11.57 36.02
C GLU H 63 -30.50 -11.16 34.57
N PHE H 64 -30.50 -9.86 34.32
CA PHE H 64 -30.33 -9.33 32.98
C PHE H 64 -28.92 -9.64 32.48
N ALA H 65 -27.92 -9.42 33.33
CA ALA H 65 -26.54 -9.70 32.97
C ALA H 65 -26.38 -11.15 32.54
N GLU H 66 -27.03 -12.05 33.27
CA GLU H 66 -27.01 -13.48 32.95
C GLU H 66 -27.38 -13.82 31.50
N LEU H 67 -28.28 -13.04 30.91
CA LEU H 67 -28.66 -13.25 29.53
C LEU H 67 -27.59 -12.83 28.51
N LEU H 68 -26.67 -11.97 28.92
CA LEU H 68 -25.67 -11.45 27.99
C LEU H 68 -24.32 -12.11 28.13
N GLY H 69 -24.13 -12.90 29.17
CA GLY H 69 -22.87 -13.61 29.37
C GLY H 69 -22.84 -14.24 30.75
N THR H 70 -21.64 -14.57 31.20
CA THR H 70 -21.44 -15.22 32.48
C THR H 70 -20.89 -14.23 33.48
N PRO H 71 -21.71 -13.85 34.47
CA PRO H 71 -21.23 -12.90 35.45
C PRO H 71 -20.01 -13.39 36.19
N THR H 72 -19.14 -12.47 36.46
CA THR H 72 -17.97 -12.70 37.23
C THR H 72 -18.40 -12.67 38.69
N ALA H 95 -11.43 6.14 39.98
CA ALA H 95 -10.79 5.73 38.76
C ALA H 95 -10.80 6.91 37.76
N ASN H 96 -10.26 8.06 38.21
CA ASN H 96 -10.09 9.30 37.40
C ASN H 96 -8.98 9.17 36.34
N SER H 97 -9.02 8.08 35.56
CA SER H 97 -7.89 7.67 34.73
C SER H 97 -8.37 6.70 33.62
N TRP H 98 -7.86 6.87 32.41
CA TRP H 98 -8.30 6.07 31.28
C TRP H 98 -7.86 4.63 31.39
N HIS H 99 -8.83 3.71 31.36
CA HIS H 99 -8.48 2.30 31.45
C HIS H 99 -9.52 1.37 30.86
N THR H 100 -9.06 0.16 30.59
CA THR H 100 -9.90 -0.96 30.26
C THR H 100 -9.91 -1.83 31.52
N ASP H 101 -11.04 -2.43 31.84
CA ASP H 101 -11.16 -3.13 33.12
C ASP H 101 -10.34 -4.39 33.17
N VAL H 102 -9.62 -4.56 34.28
CA VAL H 102 -8.94 -5.81 34.63
C VAL H 102 -8.17 -6.39 33.44
N THR H 103 -7.25 -5.60 32.87
CA THR H 103 -6.40 -6.07 31.79
C THR H 103 -5.15 -6.75 32.30
N PHE H 104 -4.98 -6.81 33.62
CA PHE H 104 -3.83 -7.50 34.22
C PHE H 104 -4.05 -9.03 34.37
N VAL H 105 -5.16 -9.55 33.85
CA VAL H 105 -5.37 -10.98 33.78
C VAL H 105 -5.43 -11.37 32.31
N ASP H 106 -5.33 -12.67 32.05
CA ASP H 106 -5.47 -13.18 30.69
C ASP H 106 -6.89 -13.01 30.18
N ARG H 107 -7.86 -13.38 31.00
CA ARG H 107 -9.25 -13.42 30.60
C ARG H 107 -9.90 -12.06 30.87
N ILE H 108 -9.57 -11.09 30.01
CA ILE H 108 -10.09 -9.74 30.18
C ILE H 108 -11.60 -9.82 30.05
N PRO H 109 -12.34 -9.33 31.03
CA PRO H 109 -13.79 -9.37 30.97
C PRO H 109 -14.32 -8.70 29.71
N LYS H 110 -15.36 -9.26 29.12
CA LYS H 110 -15.83 -8.78 27.83
C LYS H 110 -16.67 -7.52 27.93
N ALA H 111 -17.30 -7.31 29.08
CA ALA H 111 -18.30 -6.26 29.21
C ALA H 111 -18.64 -6.00 30.66
N SER H 112 -19.17 -4.81 30.92
CA SER H 112 -19.69 -4.47 32.22
C SER H 112 -21.05 -3.77 32.09
N LEU H 113 -21.89 -3.96 33.11
CA LEU H 113 -23.16 -3.29 33.25
C LEU H 113 -23.07 -2.43 34.49
N LEU H 114 -23.42 -1.15 34.36
CA LEU H 114 -23.32 -0.23 35.45
C LEU H 114 -24.63 0.53 35.62
N ARG H 115 -25.20 0.44 36.81
CA ARG H 115 -26.50 1.00 37.10
C ARG H 115 -26.38 2.09 38.14
N ALA H 116 -27.04 3.20 37.90
CA ALA H 116 -27.05 4.30 38.87
C ALA H 116 -27.90 3.95 40.09
N VAL H 117 -27.36 4.21 41.28
CA VAL H 117 -28.08 4.02 42.53
C VAL H 117 -28.23 5.37 43.25
N THR H 118 -27.12 6.05 43.53
CA THR H 118 -27.14 7.33 44.24
C THR H 118 -26.20 8.33 43.56
N LEU H 119 -26.76 9.46 43.14
CA LEU H 119 -26.02 10.39 42.31
C LEU H 119 -25.84 11.74 42.97
N PRO H 120 -24.67 12.37 42.71
CA PRO H 120 -24.45 13.72 43.20
C PRO H 120 -25.29 14.71 42.42
N SER H 121 -25.55 15.87 43.02
CA SER H 121 -26.39 16.88 42.39
C SER H 121 -25.71 17.48 41.16
N TYR H 122 -24.38 17.46 41.12
CA TYR H 122 -23.66 17.87 39.94
C TYR H 122 -22.49 16.93 39.65
N GLY H 123 -22.02 16.96 38.41
CA GLY H 123 -20.85 16.21 38.01
C GLY H 123 -21.09 14.70 38.04
N GLY H 124 -20.00 13.94 38.07
CA GLY H 124 -20.06 12.48 38.15
C GLY H 124 -20.29 11.81 36.81
N THR H 125 -19.84 12.46 35.73
CA THR H 125 -19.96 11.90 34.41
C THR H 125 -18.96 10.78 34.26
N THR H 126 -19.27 9.88 33.32
CA THR H 126 -18.34 8.86 32.88
C THR H 126 -18.11 9.04 31.39
N ALA H 127 -16.88 8.83 30.94
CA ALA H 127 -16.55 8.86 29.53
C ALA H 127 -16.06 7.50 29.02
N TRP H 128 -16.35 7.21 27.76
CA TRP H 128 -15.87 6.02 27.11
C TRP H 128 -15.15 6.38 25.82
N ALA H 129 -14.13 5.61 25.45
CA ALA H 129 -13.42 5.81 24.20
C ALA H 129 -13.43 4.53 23.39
N SER H 130 -13.53 4.65 22.07
CA SER H 130 -13.50 3.48 21.20
C SER H 130 -12.10 3.10 20.76
N THR H 131 -11.61 1.96 21.23
CA THR H 131 -10.30 1.46 20.83
C THR H 131 -10.35 0.79 19.45
N GLU H 132 -11.54 0.62 18.91
CA GLU H 132 -11.71 0.18 17.55
C GLU H 132 -11.51 1.33 16.58
N ALA H 133 -12.25 2.41 16.79
CA ALA H 133 -12.15 3.58 15.94
C ALA H 133 -10.72 4.12 15.93
N ALA H 134 -10.09 4.17 17.11
CA ALA H 134 -8.72 4.65 17.23
C ALA H 134 -7.76 3.85 16.35
N TYR H 135 -7.95 2.53 16.29
CA TYR H 135 -7.13 1.68 15.42
C TYR H 135 -7.37 2.00 13.95
N GLN H 136 -8.63 2.07 13.54
CA GLN H 136 -8.96 2.32 12.13
C GLN H 136 -8.36 3.67 11.70
N GLN H 137 -8.31 4.65 12.61
CA GLN H 137 -7.80 5.98 12.32
C GLN H 137 -6.27 6.05 12.23
N LEU H 138 -5.59 4.98 12.63
CA LEU H 138 -4.13 5.00 12.58
C LEU H 138 -3.63 4.99 11.14
N PRO H 139 -2.68 5.88 10.82
CA PRO H 139 -1.97 5.71 9.56
C PRO H 139 -1.16 4.40 9.52
N ALA H 140 -1.00 3.86 8.31
CA ALA H 140 -0.48 2.50 8.11
C ALA H 140 0.79 2.12 8.91
N PRO H 141 1.81 3.01 8.93
CA PRO H 141 3.00 2.69 9.71
C PRO H 141 2.72 2.48 11.21
N LEU H 142 1.81 3.28 11.78
CA LEU H 142 1.45 3.16 13.19
C LEU H 142 0.55 1.96 13.46
N ARG H 143 -0.30 1.60 12.51
CA ARG H 143 -1.07 0.36 12.60
C ARG H 143 -0.15 -0.82 12.75
N THR H 144 0.81 -0.91 11.83
CA THR H 144 1.73 -2.05 11.79
C THR H 144 2.56 -2.10 13.07
N LEU H 145 2.95 -0.95 13.57
CA LEU H 145 3.65 -0.87 14.86
C LEU H 145 2.78 -1.48 15.95
N ALA H 146 1.55 -1.00 16.04
CA ALA H 146 0.61 -1.50 17.04
C ALA H 146 0.40 -2.97 16.89
N ASP H 147 0.31 -3.43 15.63
CA ASP H 147 0.13 -4.86 15.31
C ASP H 147 1.26 -5.72 15.88
N ASN H 148 2.47 -5.15 15.98
CA ASN H 148 3.65 -5.90 16.39
C ASN H 148 4.11 -5.65 17.83
N LEU H 149 3.38 -4.83 18.56
CA LEU H 149 3.77 -4.48 19.94
C LEU H 149 3.02 -5.31 20.96
N TRP H 150 3.71 -5.65 22.03
CA TRP H 150 3.14 -6.31 23.17
C TRP H 150 3.39 -5.47 24.41
N ALA H 151 2.48 -5.55 25.37
CA ALA H 151 2.56 -4.73 26.57
C ALA H 151 2.45 -5.59 27.81
N VAL H 152 3.24 -5.23 28.82
CA VAL H 152 3.14 -5.84 30.13
C VAL H 152 2.08 -5.07 30.90
N HIS H 153 1.04 -5.78 31.34
CA HIS H 153 0.01 -5.22 32.20
C HIS H 153 0.18 -5.82 33.58
N THR H 154 0.05 -5.00 34.62
CA THR H 154 0.05 -5.48 36.00
C THR H 154 -0.95 -4.73 36.84
N ASN H 155 -1.25 -5.26 38.03
CA ASN H 155 -2.11 -4.57 38.99
C ASN H 155 -1.31 -3.72 40.00
N ARG H 156 0.02 -3.77 39.97
CA ARG H 156 0.86 -3.05 40.95
C ARG H 156 1.51 -1.81 40.34
N ASP H 178 -1.75 -10.43 46.21
CA ASP H 178 -2.23 -10.93 44.92
C ASP H 178 -1.63 -10.11 43.78
N TYR H 179 -0.47 -10.54 43.29
CA TYR H 179 0.22 -9.87 42.17
C TYR H 179 -0.16 -10.52 40.85
N TYR H 180 -0.50 -9.67 39.88
CA TYR H 180 -0.84 -10.15 38.55
C TYR H 180 0.04 -9.48 37.51
N GLU H 181 0.53 -10.26 36.56
CA GLU H 181 1.33 -9.73 35.45
C GLU H 181 1.06 -10.54 34.22
N VAL H 182 0.71 -9.87 33.13
CA VAL H 182 0.39 -10.55 31.89
C VAL H 182 0.90 -9.73 30.71
N GLU H 183 1.38 -10.42 29.68
CA GLU H 183 1.77 -9.76 28.44
C GLU H 183 0.65 -9.93 27.43
N HIS H 184 0.08 -8.80 27.02
CA HIS H 184 -1.03 -8.77 26.04
C HIS H 184 -0.55 -8.12 24.76
N PRO H 185 -1.09 -8.54 23.61
CA PRO H 185 -0.80 -7.76 22.43
C PRO H 185 -1.46 -6.37 22.52
N VAL H 186 -0.81 -5.38 21.93
CA VAL H 186 -1.34 -4.02 21.85
C VAL H 186 -2.55 -3.97 20.91
N VAL H 187 -2.58 -4.88 19.94
CA VAL H 187 -3.73 -5.02 19.07
C VAL H 187 -4.27 -6.43 19.18
N ARG H 188 -5.55 -6.54 19.51
CA ARG H 188 -6.22 -7.83 19.58
C ARG H 188 -7.32 -7.87 18.54
N VAL H 189 -7.64 -9.08 18.08
CA VAL H 189 -8.70 -9.27 17.11
C VAL H 189 -9.94 -9.62 17.90
N HIS H 190 -10.97 -8.79 17.76
CA HIS H 190 -12.19 -8.93 18.53
C HIS H 190 -12.88 -10.24 18.12
N PRO H 191 -13.13 -11.13 19.10
CA PRO H 191 -13.63 -12.48 18.82
C PRO H 191 -15.05 -12.54 18.23
N GLU H 192 -15.90 -11.56 18.54
CA GLU H 192 -17.24 -11.48 17.96
C GLU H 192 -17.33 -10.66 16.68
N THR H 193 -16.62 -9.53 16.59
CA THR H 193 -16.75 -8.64 15.42
C THR H 193 -15.69 -8.87 14.38
N GLY H 194 -14.58 -9.50 14.78
CA GLY H 194 -13.41 -9.62 13.91
C GLY H 194 -12.61 -8.35 13.75
N GLU H 195 -13.06 -7.23 14.34
CA GLU H 195 -12.40 -5.95 14.17
C GLU H 195 -11.14 -5.89 15.02
N ARG H 196 -10.10 -5.24 14.51
CA ARG H 196 -8.90 -5.02 15.30
C ARG H 196 -9.13 -3.84 16.24
N VAL H 197 -8.70 -4.02 17.47
CA VAL H 197 -8.89 -3.01 18.51
C VAL H 197 -7.63 -2.87 19.36
N LEU H 198 -7.40 -1.65 19.85
CA LEU H 198 -6.24 -1.41 20.70
C LEU H 198 -6.51 -1.93 22.10
N LEU H 199 -5.47 -2.42 22.76
CA LEU H 199 -5.57 -2.88 24.13
C LEU H 199 -4.44 -2.22 24.94
N LEU H 200 -4.76 -1.13 25.63
CA LEU H 200 -3.79 -0.36 26.40
C LEU H 200 -4.40 0.04 27.75
N GLY H 201 -4.43 1.33 28.09
CA GLY H 201 -4.99 1.78 29.37
C GLY H 201 -3.97 1.73 30.49
N HIS H 202 -4.40 2.13 31.68
CA HIS H 202 -3.46 2.44 32.74
C HIS H 202 -2.83 1.26 33.47
N PHE H 203 -3.19 0.03 33.14
CA PHE H 203 -2.50 -1.11 33.74
C PHE H 203 -1.21 -1.48 33.00
N VAL H 204 -0.94 -0.80 31.90
CA VAL H 204 0.28 -1.01 31.12
C VAL H 204 1.47 -0.47 31.88
N LYS H 205 2.45 -1.32 32.16
CA LYS H 205 3.70 -0.90 32.78
C LYS H 205 4.75 -0.56 31.72
N SER H 206 4.73 -1.28 30.60
CA SER H 206 5.77 -1.14 29.59
C SER H 206 5.45 -1.91 28.31
N PHE H 207 6.22 -1.64 27.27
CA PHE H 207 6.10 -2.40 26.02
C PHE H 207 7.30 -3.33 25.92
N VAL H 208 7.01 -4.60 25.62
CA VAL H 208 8.02 -5.66 25.60
C VAL H 208 9.15 -5.33 24.63
N GLY H 209 10.38 -5.39 25.13
CA GLY H 209 11.57 -5.20 24.30
C GLY H 209 12.02 -3.76 24.11
N LEU H 210 11.31 -2.81 24.70
CA LEU H 210 11.58 -1.38 24.51
C LEU H 210 12.13 -0.72 25.77
N LYS H 211 12.93 0.34 25.59
CA LYS H 211 13.38 1.13 26.73
C LYS H 211 12.19 1.86 27.36
N ASP H 212 12.27 2.17 28.65
CA ASP H 212 11.13 2.78 29.35
C ASP H 212 10.70 4.13 28.74
N THR H 213 11.66 4.92 28.26
CA THR H 213 11.34 6.21 27.62
C THR H 213 10.54 6.01 26.35
N GLU H 214 10.85 4.94 25.63
CA GLU H 214 10.15 4.59 24.40
C GLU H 214 8.75 4.05 24.70
N SER H 215 8.63 3.26 25.75
CA SER H 215 7.31 2.82 26.21
C SER H 215 6.41 4.00 26.57
N ALA H 216 6.95 4.96 27.30
CA ALA H 216 6.19 6.16 27.69
C ALA H 216 5.72 6.96 26.47
N ALA H 217 6.59 7.12 25.49
CA ALA H 217 6.28 7.97 24.35
C ALA H 217 5.25 7.29 23.44
N LEU H 218 5.42 5.99 23.22
CA LEU H 218 4.46 5.25 22.40
C LEU H 218 3.11 5.06 23.09
N PHE H 219 3.12 4.83 24.39
CA PHE H 219 1.89 4.74 25.18
C PHE H 219 1.09 6.03 25.04
N ARG H 220 1.75 7.16 25.23
CA ARG H 220 1.11 8.46 25.13
C ARG H 220 0.58 8.70 23.71
N LEU H 221 1.36 8.33 22.71
CA LEU H 221 0.96 8.46 21.33
C LEU H 221 -0.34 7.71 21.01
N PHE H 222 -0.37 6.45 21.38
CA PHE H 222 -1.58 5.66 21.18
C PHE H 222 -2.73 6.12 22.06
N GLN H 223 -2.46 6.39 23.33
CA GLN H 223 -3.52 6.89 24.21
C GLN H 223 -4.11 8.22 23.72
N ASP H 224 -3.27 9.11 23.20
CA ASP H 224 -3.72 10.38 22.62
C ASP H 224 -4.75 10.16 21.53
N ARG H 225 -4.48 9.18 20.68
CA ARG H 225 -5.43 8.80 19.64
C ARG H 225 -6.69 8.13 20.16
N ILE H 226 -6.58 7.34 21.21
CA ILE H 226 -7.75 6.71 21.77
C ILE H 226 -8.71 7.73 22.44
N THR H 227 -8.15 8.66 23.19
CA THR H 227 -8.92 9.56 24.03
C THR H 227 -9.24 10.91 23.39
N ARG H 228 -8.80 11.10 22.16
CA ARG H 228 -9.25 12.19 21.32
C ARG H 228 -10.75 12.34 21.51
N LEU H 229 -11.22 13.56 21.75
CA LEU H 229 -12.65 13.77 22.12
C LEU H 229 -13.63 13.17 21.09
N GLU H 230 -13.27 13.25 19.82
CA GLU H 230 -14.02 12.65 18.72
C GLU H 230 -14.29 11.16 18.89
N ASN H 231 -13.39 10.42 19.56
CA ASN H 231 -13.59 8.99 19.80
C ASN H 231 -14.25 8.71 21.14
N THR H 232 -14.81 9.73 21.78
CA THR H 232 -15.41 9.53 23.09
C THR H 232 -16.84 9.97 23.19
N VAL H 233 -17.54 9.38 24.16
CA VAL H 233 -18.86 9.84 24.56
C VAL H 233 -18.81 10.03 26.05
N ARG H 234 -19.48 11.07 26.53
CA ARG H 234 -19.49 11.39 27.93
C ARG H 234 -20.91 11.46 28.41
N TRP H 235 -21.22 10.65 29.40
CA TRP H 235 -22.59 10.45 29.85
C TRP H 235 -22.86 11.17 31.17
N SER H 236 -23.97 11.89 31.21
CA SER H 236 -24.51 12.45 32.44
C SER H 236 -25.52 11.49 33.04
N TRP H 237 -25.21 10.96 34.22
CA TRP H 237 -26.05 9.96 34.85
C TRP H 237 -27.34 10.58 35.44
N LYS H 238 -28.44 9.86 35.28
CA LYS H 238 -29.73 10.18 35.89
C LYS H 238 -30.23 8.93 36.58
N PRO H 239 -31.03 9.10 37.63
CA PRO H 239 -31.63 7.89 38.23
C PRO H 239 -32.36 7.08 37.17
N GLY H 240 -32.27 5.76 37.27
CA GLY H 240 -32.86 4.87 36.27
C GLY H 240 -31.96 4.55 35.08
N ASP H 241 -30.75 5.09 35.05
CA ASP H 241 -29.84 4.84 33.95
C ASP H 241 -29.07 3.54 34.15
N LEU H 242 -28.81 2.85 33.06
CA LEU H 242 -27.95 1.68 33.06
C LEU H 242 -27.06 1.72 31.82
N ALA H 243 -25.75 1.60 32.00
CA ALA H 243 -24.82 1.56 30.88
C ALA H 243 -24.24 0.19 30.75
N ILE H 244 -24.08 -0.24 29.50
CA ILE H 244 -23.37 -1.47 29.19
C ILE H 244 -22.29 -1.17 28.17
N TRP H 245 -21.06 -1.61 28.45
CA TRP H 245 -19.97 -1.39 27.49
C TRP H 245 -19.19 -2.62 27.13
N ASP H 246 -18.68 -2.64 25.91
CA ASP H 246 -17.82 -3.67 25.43
C ASP H 246 -16.41 -3.36 25.89
N ASN H 247 -15.96 -4.08 26.90
CA ASN H 247 -14.64 -3.87 27.48
C ASN H 247 -13.50 -4.34 26.56
N ARG H 248 -13.83 -5.04 25.49
CA ARG H 248 -12.84 -5.43 24.49
C ARG H 248 -12.56 -4.33 23.48
N ALA H 249 -13.44 -3.34 23.38
CA ALA H 249 -13.30 -2.29 22.36
C ALA H 249 -13.40 -0.87 22.93
N THR H 250 -13.16 -0.74 24.23
CA THR H 250 -13.23 0.55 24.88
C THR H 250 -12.22 0.72 25.99
N GLN H 251 -12.08 1.97 26.38
CA GLN H 251 -11.58 2.35 27.70
C GLN H 251 -12.63 3.27 28.30
N HIS H 252 -12.52 3.54 29.59
CA HIS H 252 -13.40 4.51 30.20
C HIS H 252 -12.72 5.24 31.34
N TYR H 253 -13.40 6.27 31.83
CA TYR H 253 -12.83 7.20 32.74
C TYR H 253 -13.97 7.70 33.61
N ALA H 254 -13.81 7.60 34.92
CA ALA H 254 -14.79 8.12 35.87
C ALA H 254 -14.36 9.49 36.28
N VAL H 255 -15.15 10.50 35.92
CA VAL H 255 -14.76 11.89 36.18
C VAL H 255 -15.09 12.26 37.62
N ALA H 256 -14.08 12.73 38.34
CA ALA H 256 -14.23 13.14 39.75
C ALA H 256 -14.49 14.63 39.87
N ASP H 257 -15.62 15.08 39.33
CA ASP H 257 -15.99 16.50 39.28
C ASP H 257 -17.23 16.76 40.14
N TYR H 258 -17.39 15.98 41.21
CA TYR H 258 -18.54 16.17 42.09
C TYR H 258 -18.13 16.48 43.53
N ASP H 259 -16.90 16.98 43.69
CA ASP H 259 -16.37 17.30 45.00
C ASP H 259 -16.55 16.06 45.91
N ASP H 260 -16.91 16.25 47.17
CA ASP H 260 -16.98 15.12 48.08
C ASP H 260 -18.38 14.49 48.19
N GLN H 261 -19.26 14.77 47.21
CA GLN H 261 -20.60 14.20 47.25
C GLN H 261 -20.57 12.68 47.15
N TYR H 262 -21.53 12.07 47.82
CA TYR H 262 -21.67 10.63 47.80
C TYR H 262 -22.22 10.17 46.44
N ARG H 263 -21.66 9.09 45.93
CA ARG H 263 -22.03 8.57 44.61
C ARG H 263 -21.87 7.06 44.60
N ARG H 264 -22.93 6.36 44.19
CA ARG H 264 -22.86 4.95 44.14
C ARG H 264 -23.50 4.43 42.85
N LEU H 265 -22.74 3.60 42.14
CA LEU H 265 -23.28 2.79 41.06
C LEU H 265 -22.91 1.33 41.29
N ASN H 266 -23.71 0.43 40.72
CA ASN H 266 -23.47 -0.99 40.88
C ASN H 266 -23.08 -1.64 39.59
N ARG H 267 -21.99 -2.40 39.66
CA ARG H 267 -21.39 -2.98 38.49
C ARG H 267 -21.54 -4.48 38.48
N VAL H 268 -21.88 -5.02 37.32
CA VAL H 268 -21.79 -6.44 37.09
C VAL H 268 -20.87 -6.59 35.91
N THR H 269 -19.93 -7.51 36.01
CA THR H 269 -18.95 -7.74 34.96
C THR H 269 -19.12 -9.15 34.35
N LEU H 270 -18.94 -9.24 33.03
CA LEU H 270 -19.19 -10.47 32.29
C LEU H 270 -17.87 -11.04 31.82
N ALA H 271 -17.73 -12.37 31.97
CA ALA H 271 -16.49 -13.06 31.63
C ALA H 271 -16.13 -12.88 30.17
N GLY H 272 -14.84 -12.70 29.91
CA GLY H 272 -14.37 -12.56 28.54
C GLY H 272 -13.45 -13.71 28.18
N ASP H 273 -12.75 -13.57 27.07
CA ASP H 273 -11.82 -14.58 26.62
C ASP H 273 -10.41 -14.03 26.64
N ILE H 274 -9.46 -14.85 26.18
CA ILE H 274 -8.07 -14.46 26.15
C ILE H 274 -7.78 -13.80 24.82
N PRO H 275 -7.22 -12.58 24.86
CA PRO H 275 -6.89 -11.87 23.63
C PRO H 275 -6.02 -12.69 22.69
N VAL H 276 -6.30 -12.57 21.40
CA VAL H 276 -5.40 -13.10 20.40
C VAL H 276 -4.89 -11.94 19.57
N ASP H 277 -3.61 -11.99 19.21
CA ASP H 277 -3.03 -10.92 18.40
C ASP H 277 -3.38 -11.16 16.92
N VAL H 278 -2.84 -10.32 16.07
CA VAL H 278 -3.14 -10.31 14.66
C VAL H 278 -2.57 -11.55 13.90
N TYR H 279 -1.62 -12.26 14.52
CA TYR H 279 -1.00 -13.45 13.94
C TYR H 279 -1.45 -14.75 14.62
N GLY H 280 -2.46 -14.67 15.46
CA GLY H 280 -2.97 -15.85 16.18
C GLY H 280 -2.34 -16.14 17.53
N GLU H 281 -1.36 -15.34 17.96
CA GLU H 281 -0.70 -15.59 19.23
C GLU H 281 -1.57 -15.08 20.38
N ARG H 282 -1.63 -15.85 21.46
CA ARG H 282 -2.42 -15.51 22.64
C ARG H 282 -1.57 -14.81 23.70
N SER H 283 -2.26 -14.15 24.63
CA SER H 283 -1.64 -13.51 25.78
C SER H 283 -0.85 -14.52 26.61
N ARG H 284 0.23 -14.05 27.22
CA ARG H 284 1.13 -14.88 28.00
C ARG H 284 1.06 -14.44 29.46
N VAL H 285 0.56 -15.31 30.33
CA VAL H 285 0.47 -14.97 31.74
C VAL H 285 1.85 -15.11 32.35
N ILE H 286 2.31 -14.07 33.04
CA ILE H 286 3.61 -14.11 33.72
C ILE H 286 3.42 -14.44 35.20
N ALA H 287 2.39 -13.89 35.81
CA ALA H 287 2.08 -14.13 37.22
C ALA H 287 0.60 -13.96 37.50
N GLY H 288 0.11 -14.75 38.46
CA GLY H 288 -1.27 -14.69 38.90
C GLY H 288 -2.10 -15.77 38.26
N ASP H 289 -3.26 -16.04 38.86
CA ASP H 289 -4.15 -17.08 38.37
C ASP H 289 -5.59 -16.59 38.47
N ALA H 290 -6.24 -16.46 37.31
CA ALA H 290 -7.57 -15.87 37.24
C ALA H 290 -8.71 -16.88 37.19
N SER H 291 -8.42 -18.18 37.36
CA SER H 291 -9.45 -19.25 37.35
C SER H 291 -10.56 -18.98 38.35
N SER H 292 -10.18 -18.42 39.49
CA SER H 292 -11.10 -18.12 40.59
C SER H 292 -11.96 -16.88 40.27
N TYR H 293 -11.36 -15.89 39.61
CA TYR H 293 -12.06 -14.67 39.17
C TYR H 293 -13.18 -14.98 38.17
N SER H 294 -12.85 -15.76 37.14
CA SER H 294 -13.82 -16.12 36.11
C SER H 294 -13.35 -17.26 35.21
N PRO H 295 -14.29 -17.88 34.48
CA PRO H 295 -13.90 -18.79 33.41
C PRO H 295 -13.48 -18.04 32.15
N VAL H 296 -12.98 -18.79 31.16
CA VAL H 296 -12.71 -18.25 29.83
C VAL H 296 -14.00 -18.40 28.98
N ASP H 297 -14.50 -17.28 28.44
CA ASP H 297 -15.67 -17.27 27.56
C ASP H 297 -15.22 -17.35 26.10
FE FE I . 18.06 -2.74 -26.90
C1 EDO J . 3.07 -18.41 -31.16
O1 EDO J . 1.71 -18.07 -31.37
C2 EDO J . 3.32 -19.89 -31.39
O2 EDO J . 3.60 -20.08 -32.79
FE FE K . -31.83 -20.30 -31.96
FE FE L . 8.73 -33.40 -20.17
FE FE M . -23.94 8.20 -17.46
FE FE N . 29.43 6.32 38.69
FE FE O . -13.71 29.13 19.15
MG MG P . -23.46 47.31 25.91
FE FE Q . 28.07 19.04 8.38
FE FE R . -13.30 0.64 35.42
#